data_5HCF
#
_entry.id   5HCF
#
_cell.length_a   79.300
_cell.length_b   79.380
_cell.length_c   85.080
_cell.angle_alpha   95.57
_cell.angle_beta   98.69
_cell.angle_gamma   119.86
#
_symmetry.space_group_name_H-M   'P 1'
#
loop_
_entity.id
_entity.type
_entity.pdbx_description
1 polymer 'Calreticulin, putative,Calreticulin, putative'
2 non-polymer 'ACETIC ACID'
3 non-polymer 'CHLORIDE ION'
4 non-polymer beta-D-glucopyranose
5 water water
#
_entity_poly.entity_id   1
_entity_poly.type   'polypeptide(L)'
_entity_poly.pdbx_seq_one_letter_code
;TVYFHEEFKSMEHWTTSKHRDDFGKVEISAGKFYADAEKSKGLRLTEDARFYALSTAFPTPINNEKKSLVVSFSVKHEQD
LKCGGGYIKLLPSMDPEKFHGETKYWLMFGPDRCGSQNRVHIILHYNGENREWSKRIRFPEDKLTHVYTLHIAADNSYEF
FLDGESKAKGQLEEDWSLLLPREIVDGSGIPNPDFVEDSELHKVPEPLTHVGIDVWQVESGSIFKDIVIGDDLKEVLDLV
EKTYGGLKKAEADALKVMEDMEKGDHHHHHH
;
_entity_poly.pdbx_strand_id   A,B,C,D,E,F
#
# COMPACT_ATOMS: atom_id res chain seq x y z
N THR A 1 -16.59 -18.11 22.96
CA THR A 1 -16.38 -16.75 23.43
C THR A 1 -15.08 -16.71 24.26
N VAL A 2 -14.82 -17.79 24.99
CA VAL A 2 -13.54 -17.94 25.70
C VAL A 2 -12.76 -19.03 24.99
N TYR A 3 -11.75 -18.63 24.22
CA TYR A 3 -11.01 -19.57 23.40
C TYR A 3 -10.09 -20.49 24.19
N PHE A 4 -9.68 -20.03 25.37
CA PHE A 4 -8.55 -20.65 26.03
C PHE A 4 -8.44 -20.20 27.47
N HIS A 5 -8.12 -21.14 28.35
CA HIS A 5 -7.92 -20.83 29.76
C HIS A 5 -6.94 -21.81 30.39
N GLU A 6 -5.67 -21.40 30.48
CA GLU A 6 -4.66 -22.22 31.14
C GLU A 6 -4.71 -22.01 32.66
N GLU A 7 -5.08 -23.07 33.37
CA GLU A 7 -5.17 -23.01 34.83
C GLU A 7 -3.87 -23.47 35.48
N PHE A 8 -3.01 -24.07 34.66
CA PHE A 8 -1.77 -24.65 35.14
C PHE A 8 -2.01 -25.58 36.31
N LYS A 9 -3.02 -26.44 36.18
CA LYS A 9 -3.23 -27.53 37.10
C LYS A 9 -2.22 -28.62 36.78
N SER A 10 -1.79 -28.63 35.51
CA SER A 10 -0.76 -29.54 35.02
C SER A 10 0.15 -28.80 34.06
N MET A 11 1.23 -29.44 33.65
CA MET A 11 2.17 -28.83 32.70
C MET A 11 2.65 -29.78 31.59
N GLU A 12 2.11 -31.00 31.57
CA GLU A 12 2.52 -32.00 30.59
C GLU A 12 2.27 -31.55 29.16
N HIS A 13 1.21 -30.78 28.94
CA HIS A 13 0.86 -30.33 27.59
C HIS A 13 1.68 -29.12 27.15
N TRP A 14 2.53 -28.62 28.04
CA TRP A 14 3.44 -27.53 27.69
C TRP A 14 4.80 -28.10 27.30
N THR A 15 5.30 -27.65 26.15
CA THR A 15 6.58 -28.15 25.65
C THR A 15 7.72 -27.16 25.89
N THR A 16 8.79 -27.65 26.49
CA THR A 16 9.96 -26.83 26.79
C THR A 16 10.95 -26.90 25.64
N SER A 17 11.45 -25.74 25.22
CA SER A 17 12.28 -25.64 24.03
C SER A 17 13.60 -26.43 24.13
N LYS A 18 14.16 -26.77 22.98
CA LYS A 18 15.46 -27.43 22.93
C LYS A 18 16.51 -26.49 22.35
N HIS A 19 16.20 -25.20 22.34
CA HIS A 19 17.12 -24.22 21.77
C HIS A 19 18.37 -24.07 22.62
N ARG A 20 18.28 -24.47 23.89
CA ARG A 20 19.45 -24.48 24.78
C ARG A 20 19.29 -25.69 25.71
N ASP A 21 20.41 -26.31 26.09
CA ASP A 21 20.32 -27.50 26.95
C ASP A 21 20.21 -27.12 28.43
N ASP A 22 20.07 -25.82 28.70
CA ASP A 22 20.10 -25.35 30.07
C ASP A 22 18.95 -24.42 30.45
N PHE A 23 17.83 -24.53 29.75
CA PHE A 23 16.64 -23.78 30.16
C PHE A 23 16.27 -24.17 31.59
N GLY A 24 15.67 -23.24 32.31
CA GLY A 24 15.35 -23.45 33.71
C GLY A 24 14.23 -24.44 33.93
N LYS A 25 14.19 -25.04 35.11
CA LYS A 25 13.15 -26.00 35.42
C LYS A 25 11.91 -25.31 35.97
N VAL A 26 10.74 -25.82 35.60
CA VAL A 26 9.48 -25.28 36.08
C VAL A 26 8.67 -26.39 36.74
N GLU A 27 7.74 -26.00 37.61
CA GLU A 27 6.90 -26.96 38.30
C GLU A 27 5.54 -26.35 38.63
N ILE A 28 4.55 -27.21 38.87
CA ILE A 28 3.27 -26.77 39.37
C ILE A 28 3.39 -26.60 40.88
N SER A 29 3.05 -25.42 41.39
CA SER A 29 3.25 -25.11 42.80
C SER A 29 2.48 -23.87 43.26
N ALA A 30 2.16 -23.83 44.55
CA ALA A 30 1.43 -22.71 45.14
C ALA A 30 2.36 -21.67 45.77
N GLY A 31 3.66 -21.96 45.84
CA GLY A 31 4.62 -21.03 46.39
C GLY A 31 4.82 -21.17 47.89
N LYS A 32 5.71 -20.35 48.47
CA LYS A 32 5.94 -20.38 49.91
C LYS A 32 4.73 -19.98 50.74
N PHE A 33 3.96 -19.01 50.25
CA PHE A 33 2.69 -18.65 50.89
C PHE A 33 1.60 -18.54 49.82
N TYR A 34 0.36 -18.79 50.22
CA TYR A 34 -0.72 -18.88 49.24
C TYR A 34 -2.09 -18.65 49.89
N ALA A 35 -3.01 -18.11 49.11
CA ALA A 35 -4.40 -17.95 49.55
C ALA A 35 -5.08 -19.31 49.72
N ASP A 36 -4.75 -20.24 48.83
CA ASP A 36 -5.36 -21.57 48.87
C ASP A 36 -4.37 -22.59 48.31
N ALA A 37 -4.17 -23.69 49.04
CA ALA A 37 -3.12 -24.65 48.73
C ALA A 37 -3.31 -25.33 47.37
N GLU A 38 -4.55 -25.32 46.87
CA GLU A 38 -4.85 -25.91 45.58
C GLU A 38 -5.16 -24.88 44.49
N LYS A 39 -6.00 -23.91 44.80
CA LYS A 39 -6.39 -22.92 43.78
C LYS A 39 -5.28 -21.92 43.48
N SER A 40 -4.31 -21.80 44.39
CA SER A 40 -3.18 -20.89 44.16
C SER A 40 -2.09 -21.56 43.35
N LYS A 41 -2.28 -22.84 43.02
CA LYS A 41 -1.30 -23.56 42.23
C LYS A 41 -1.16 -22.95 40.83
N GLY A 42 0.06 -23.00 40.30
CA GLY A 42 0.35 -22.43 38.99
C GLY A 42 1.73 -22.81 38.50
N LEU A 43 2.13 -22.21 37.38
CA LEU A 43 3.43 -22.50 36.78
C LEU A 43 4.51 -21.70 37.51
N ARG A 44 5.43 -22.41 38.15
CA ARG A 44 6.44 -21.78 38.96
C ARG A 44 7.84 -21.98 38.38
N LEU A 45 8.55 -20.87 38.19
CA LEU A 45 9.93 -20.93 37.74
C LEU A 45 10.83 -21.16 38.95
N THR A 46 11.70 -22.16 38.85
CA THR A 46 12.38 -22.71 40.02
C THR A 46 13.84 -22.27 40.21
N GLU A 47 14.54 -21.98 39.11
CA GLU A 47 15.98 -21.83 39.18
C GLU A 47 16.46 -20.40 38.93
N ASP A 48 17.30 -19.91 39.85
CA ASP A 48 17.89 -18.58 39.74
C ASP A 48 18.80 -18.49 38.53
N ALA A 49 18.88 -17.30 37.94
CA ALA A 49 19.83 -17.04 36.86
C ALA A 49 19.68 -18.00 35.67
N ARG A 50 18.46 -18.17 35.18
N ARG A 50 18.47 -18.13 35.17
CA ARG A 50 18.20 -19.04 34.02
CA ARG A 50 18.20 -19.00 34.03
C ARG A 50 17.25 -18.39 33.03
C ARG A 50 17.31 -18.31 33.00
N PHE A 51 17.38 -18.79 31.77
CA PHE A 51 16.39 -18.45 30.75
C PHE A 51 15.27 -19.48 30.82
N TYR A 52 14.06 -19.07 30.50
CA TYR A 52 12.95 -20.01 30.42
C TYR A 52 12.29 -19.91 29.04
N ALA A 53 11.84 -21.04 28.52
CA ALA A 53 11.20 -21.08 27.21
C ALA A 53 10.34 -22.33 27.07
N LEU A 54 9.05 -22.18 27.34
CA LEU A 54 8.09 -23.26 27.16
C LEU A 54 6.77 -22.73 26.63
N SER A 55 6.04 -23.59 25.91
CA SER A 55 4.87 -23.15 25.17
C SER A 55 3.82 -24.25 25.07
N THR A 56 2.61 -23.85 24.72
CA THR A 56 1.54 -24.80 24.46
C THR A 56 0.71 -24.29 23.30
N ALA A 57 0.08 -25.22 22.58
CA ALA A 57 -0.71 -24.86 21.41
C ALA A 57 -2.17 -24.67 21.77
N PHE A 58 -2.79 -23.64 21.20
CA PHE A 58 -4.23 -23.47 21.33
C PHE A 58 -4.92 -24.65 20.67
N PRO A 59 -5.98 -25.17 21.31
CA PRO A 59 -6.71 -26.31 20.72
C PRO A 59 -7.25 -25.94 19.35
N THR A 60 -7.70 -24.70 19.23
CA THR A 60 -8.10 -24.14 17.94
C THR A 60 -7.39 -22.80 17.74
N PRO A 61 -6.88 -22.56 16.53
CA PRO A 61 -6.19 -21.30 16.23
C PRO A 61 -7.12 -20.11 16.48
N ILE A 62 -6.55 -18.98 16.86
CA ILE A 62 -7.34 -17.84 17.31
C ILE A 62 -7.24 -16.64 16.36
N ASN A 63 -8.39 -16.16 15.92
N ASN A 63 -8.40 -16.16 15.93
CA ASN A 63 -8.44 -14.96 15.09
CA ASN A 63 -8.47 -14.98 15.07
C ASN A 63 -9.29 -13.88 15.74
C ASN A 63 -9.30 -13.88 15.74
N ASN A 64 -9.22 -12.67 15.20
CA ASN A 64 -10.00 -11.55 15.72
C ASN A 64 -10.48 -10.62 14.61
N GLU A 65 -10.96 -11.18 13.51
CA GLU A 65 -11.47 -10.36 12.41
C GLU A 65 -12.78 -9.67 12.83
N LYS A 66 -12.77 -8.34 12.83
CA LYS A 66 -13.95 -7.54 13.19
C LYS A 66 -14.53 -7.95 14.53
N LYS A 67 -13.65 -8.37 15.44
CA LYS A 67 -14.05 -8.90 16.74
C LYS A 67 -13.00 -8.51 17.78
N SER A 68 -13.40 -8.48 19.04
CA SER A 68 -12.49 -8.16 20.13
C SER A 68 -11.54 -9.33 20.41
N LEU A 69 -10.41 -8.99 21.02
CA LEU A 69 -9.49 -10.01 21.52
C LEU A 69 -9.02 -9.57 22.89
N VAL A 70 -9.25 -10.42 23.89
CA VAL A 70 -8.86 -10.11 25.26
C VAL A 70 -7.88 -11.15 25.78
N VAL A 71 -6.75 -10.66 26.32
CA VAL A 71 -5.72 -11.51 26.90
C VAL A 71 -5.55 -11.19 28.38
N SER A 72 -5.52 -12.22 29.21
CA SER A 72 -5.34 -12.02 30.64
C SER A 72 -4.49 -13.14 31.24
N PHE A 73 -3.67 -12.78 32.22
CA PHE A 73 -2.89 -13.75 32.99
C PHE A 73 -2.37 -13.07 34.24
N SER A 74 -1.94 -13.87 35.20
CA SER A 74 -1.38 -13.33 36.44
C SER A 74 0.05 -13.84 36.66
N VAL A 75 0.87 -12.99 37.28
CA VAL A 75 2.19 -13.41 37.74
C VAL A 75 2.36 -13.02 39.20
N LYS A 76 2.96 -13.91 39.98
CA LYS A 76 3.26 -13.61 41.37
C LYS A 76 4.76 -13.65 41.60
N HIS A 77 5.35 -12.51 41.90
CA HIS A 77 6.78 -12.43 42.21
C HIS A 77 7.00 -12.40 43.71
N GLU A 78 6.83 -13.54 44.37
CA GLU A 78 6.92 -13.63 45.82
C GLU A 78 8.37 -13.67 46.32
N GLN A 79 9.31 -13.81 45.39
CA GLN A 79 10.71 -14.06 45.73
C GLN A 79 11.55 -12.82 46.05
N ASP A 80 10.98 -11.62 45.93
CA ASP A 80 11.76 -10.38 45.97
C ASP A 80 12.53 -10.24 44.67
N LEU A 81 11.80 -9.97 43.60
CA LEU A 81 12.40 -9.88 42.29
C LEU A 81 13.17 -8.57 42.17
N LYS A 82 14.40 -8.65 41.68
CA LYS A 82 15.17 -7.46 41.36
C LYS A 82 15.37 -7.36 39.85
N CYS A 83 15.69 -8.49 39.22
CA CYS A 83 15.76 -8.54 37.76
C CYS A 83 15.10 -9.81 37.25
N GLY A 84 14.02 -9.65 36.50
CA GLY A 84 13.37 -10.79 35.85
C GLY A 84 12.08 -10.45 35.15
N GLY A 85 11.72 -11.24 34.15
CA GLY A 85 10.52 -11.01 33.39
C GLY A 85 9.34 -11.82 33.89
N GLY A 86 8.14 -11.35 33.58
CA GLY A 86 6.92 -12.06 33.93
C GLY A 86 5.87 -11.86 32.87
N TYR A 87 6.31 -11.78 31.62
CA TYR A 87 5.43 -11.52 30.50
C TYR A 87 5.25 -12.77 29.63
N ILE A 88 4.12 -12.84 28.94
CA ILE A 88 3.84 -13.96 28.03
C ILE A 88 3.84 -13.48 26.58
N LYS A 89 3.85 -14.44 25.66
CA LYS A 89 3.82 -14.13 24.23
C LYS A 89 2.73 -14.92 23.51
N LEU A 90 2.12 -14.30 22.52
CA LEU A 90 1.16 -14.99 21.66
C LEU A 90 1.77 -15.08 20.25
N LEU A 91 1.86 -16.30 19.73
CA LEU A 91 2.63 -16.53 18.51
C LEU A 91 1.83 -17.24 17.43
N PRO A 92 2.08 -16.87 16.16
CA PRO A 92 1.61 -17.61 15.00
C PRO A 92 2.41 -18.91 14.84
N SER A 93 2.08 -19.72 13.84
CA SER A 93 2.69 -21.04 13.67
C SER A 93 4.19 -21.07 13.94
N MET A 94 4.60 -21.90 14.90
CA MET A 94 6.00 -22.06 15.25
C MET A 94 6.32 -23.47 15.74
N ASP A 95 7.60 -23.80 15.81
CA ASP A 95 8.04 -25.06 16.39
C ASP A 95 8.45 -24.83 17.84
N PRO A 96 7.65 -25.37 18.78
CA PRO A 96 7.89 -25.20 20.22
C PRO A 96 9.29 -25.60 20.70
N GLU A 97 9.93 -26.55 20.03
CA GLU A 97 11.25 -27.03 20.45
C GLU A 97 12.39 -26.08 20.05
N LYS A 98 12.13 -25.22 19.08
CA LYS A 98 13.11 -24.20 18.70
C LYS A 98 12.63 -22.83 19.14
N PHE A 99 11.70 -22.82 20.07
CA PHE A 99 11.14 -21.59 20.59
C PHE A 99 12.17 -20.83 21.42
N HIS A 100 12.41 -19.58 21.05
CA HIS A 100 13.35 -18.75 21.79
C HIS A 100 13.04 -17.27 21.57
N GLY A 101 13.88 -16.42 22.16
CA GLY A 101 13.68 -14.98 22.10
C GLY A 101 13.46 -14.40 20.72
N GLU A 102 13.95 -15.08 19.69
CA GLU A 102 13.89 -14.56 18.32
C GLU A 102 12.67 -15.06 17.55
N THR A 103 12.02 -16.08 18.09
CA THR A 103 10.79 -16.59 17.49
C THR A 103 9.77 -15.46 17.26
N LYS A 104 9.21 -15.42 16.06
CA LYS A 104 8.25 -14.37 15.73
C LYS A 104 6.98 -14.48 16.55
N TYR A 105 6.66 -13.42 17.29
CA TYR A 105 5.42 -13.34 18.04
C TYR A 105 4.54 -12.24 17.47
N TRP A 106 3.26 -12.25 17.81
CA TRP A 106 2.38 -11.13 17.48
C TRP A 106 2.30 -10.19 18.67
N LEU A 107 2.22 -10.77 19.87
CA LEU A 107 2.11 -9.97 21.09
C LEU A 107 3.07 -10.43 22.18
N MET A 108 3.75 -9.47 22.79
CA MET A 108 4.51 -9.71 24.01
CA MET A 108 4.51 -9.71 24.01
C MET A 108 3.92 -8.84 25.11
N PHE A 109 3.40 -9.48 26.15
CA PHE A 109 2.56 -8.77 27.12
C PHE A 109 2.83 -9.23 28.56
N GLY A 110 3.16 -8.27 29.43
CA GLY A 110 3.32 -8.57 30.84
C GLY A 110 4.40 -7.73 31.52
N PRO A 111 4.55 -7.90 32.84
CA PRO A 111 5.51 -7.13 33.65
C PRO A 111 6.95 -7.52 33.38
N ASP A 112 7.86 -6.55 33.48
CA ASP A 112 9.28 -6.80 33.30
C ASP A 112 10.06 -5.82 34.16
N ARG A 113 11.04 -6.32 34.90
N ARG A 113 11.07 -6.32 34.87
CA ARG A 113 11.82 -5.48 35.79
CA ARG A 113 11.82 -5.49 35.78
C ARG A 113 13.27 -5.92 35.91
C ARG A 113 13.27 -5.93 35.90
N CYS A 114 14.16 -4.95 36.00
CA CYS A 114 15.59 -5.20 36.20
C CYS A 114 16.22 -3.95 36.78
N GLY A 115 16.58 -4.00 38.07
CA GLY A 115 17.09 -2.83 38.75
C GLY A 115 16.01 -1.78 38.94
N SER A 116 16.35 -0.52 38.68
CA SER A 116 15.40 0.58 38.82
C SER A 116 14.50 0.68 37.58
N GLN A 117 14.69 -0.25 36.66
CA GLN A 117 13.89 -0.33 35.45
C GLN A 117 12.64 -1.19 35.65
N ASN A 118 11.49 -0.65 35.28
CA ASN A 118 10.20 -1.31 35.52
C ASN A 118 9.13 -0.84 34.55
N ARG A 119 8.52 -1.78 33.83
CA ARG A 119 7.42 -1.43 32.93
C ARG A 119 6.55 -2.64 32.60
N VAL A 120 5.35 -2.37 32.11
CA VAL A 120 4.51 -3.43 31.55
C VAL A 120 4.66 -3.43 30.05
N HIS A 121 5.11 -4.56 29.49
CA HIS A 121 5.29 -4.66 28.06
C HIS A 121 3.97 -4.85 27.35
N ILE A 122 3.74 -4.02 26.33
CA ILE A 122 2.70 -4.31 25.37
C ILE A 122 3.29 -4.12 23.98
N ILE A 123 3.89 -5.18 23.46
CA ILE A 123 4.63 -5.10 22.21
C ILE A 123 3.89 -5.81 21.08
N LEU A 124 3.59 -5.07 20.03
CA LEU A 124 2.84 -5.62 18.91
C LEU A 124 3.73 -5.76 17.69
N HIS A 125 3.73 -6.93 17.08
CA HIS A 125 4.42 -7.11 15.83
C HIS A 125 3.53 -6.61 14.72
N TYR A 126 3.96 -5.55 14.05
CA TYR A 126 3.18 -4.95 12.97
C TYR A 126 4.10 -4.50 11.85
N ASN A 127 3.83 -4.98 10.63
CA ASN A 127 4.53 -4.51 9.46
C ASN A 127 6.03 -4.84 9.53
N GLY A 128 6.33 -6.06 9.97
CA GLY A 128 7.70 -6.55 10.02
C GLY A 128 8.58 -6.07 11.16
N GLU A 129 8.02 -5.35 12.13
CA GLU A 129 8.80 -4.90 13.28
C GLU A 129 8.01 -5.03 14.57
N ASN A 130 8.72 -5.29 15.66
CA ASN A 130 8.11 -5.30 16.98
C ASN A 130 7.97 -3.86 17.47
N ARG A 131 6.74 -3.45 17.77
CA ARG A 131 6.47 -2.06 18.14
C ARG A 131 6.24 -1.96 19.63
N GLU A 132 7.14 -1.27 20.32
CA GLU A 132 6.99 -1.08 21.77
C GLU A 132 5.95 -0.03 22.11
N TRP A 133 5.10 -0.36 23.08
CA TRP A 133 4.08 0.55 23.61
C TRP A 133 4.71 1.87 24.07
N SER A 134 4.17 2.98 23.58
CA SER A 134 4.73 4.30 23.92
C SER A 134 4.54 4.67 25.39
N LYS A 135 3.52 4.13 26.04
CA LYS A 135 3.26 4.46 27.44
C LYS A 135 4.02 3.54 28.38
N ARG A 136 4.51 4.10 29.49
CA ARG A 136 5.32 3.31 30.41
C ARG A 136 4.63 3.24 31.77
N ILE A 137 3.90 2.15 32.00
CA ILE A 137 3.27 1.90 33.30
C ILE A 137 4.08 0.91 34.13
N ARG A 138 4.50 1.34 35.32
CA ARG A 138 5.21 0.45 36.24
C ARG A 138 4.22 -0.49 36.94
N PHE A 139 4.64 -1.74 37.12
CA PHE A 139 3.81 -2.71 37.83
C PHE A 139 4.21 -2.75 39.29
N PRO A 140 3.28 -3.16 40.17
CA PRO A 140 3.51 -3.11 41.62
C PRO A 140 4.66 -4.02 42.03
N GLU A 141 5.56 -3.48 42.85
CA GLU A 141 6.75 -4.21 43.25
C GLU A 141 6.56 -4.79 44.64
N ASP A 142 5.82 -5.89 44.69
CA ASP A 142 5.56 -6.58 45.94
C ASP A 142 5.46 -8.08 45.67
N LYS A 143 5.18 -8.86 46.71
CA LYS A 143 5.14 -10.31 46.59
C LYS A 143 3.75 -10.85 46.27
N LEU A 144 2.79 -9.95 46.05
CA LEU A 144 1.42 -10.36 45.81
C LEU A 144 1.15 -10.73 44.35
N THR A 145 0.05 -11.45 44.12
CA THR A 145 -0.38 -11.81 42.77
C THR A 145 -0.99 -10.60 42.07
N HIS A 146 -0.55 -10.35 40.84
CA HIS A 146 -1.14 -9.29 40.03
C HIS A 146 -1.59 -9.82 38.68
N VAL A 147 -2.67 -9.25 38.17
CA VAL A 147 -3.28 -9.71 36.92
C VAL A 147 -3.12 -8.67 35.81
N TYR A 148 -2.75 -9.13 34.63
CA TYR A 148 -2.57 -8.23 33.50
C TYR A 148 -3.52 -8.61 32.37
N THR A 149 -4.41 -7.68 32.02
CA THR A 149 -5.45 -7.95 31.04
C THR A 149 -5.41 -6.92 29.93
N LEU A 150 -5.51 -7.39 28.69
CA LEU A 150 -5.46 -6.52 27.52
C LEU A 150 -6.68 -6.72 26.63
N HIS A 151 -7.35 -5.63 26.32
CA HIS A 151 -8.45 -5.65 25.36
C HIS A 151 -8.03 -4.94 24.08
N ILE A 152 -7.95 -5.70 23.00
CA ILE A 152 -7.77 -5.13 21.66
C ILE A 152 -9.09 -5.17 20.93
N ALA A 153 -9.69 -3.99 20.73
CA ALA A 153 -11.02 -3.88 20.12
C ALA A 153 -10.94 -3.72 18.61
N ALA A 154 -12.05 -4.02 17.93
CA ALA A 154 -12.09 -4.02 16.47
C ALA A 154 -12.16 -2.61 15.89
N ASP A 155 -12.32 -1.61 16.75
CA ASP A 155 -12.29 -0.22 16.31
C ASP A 155 -10.88 0.36 16.50
N ASN A 156 -9.91 -0.52 16.64
CA ASN A 156 -8.52 -0.13 16.85
C ASN A 156 -8.25 0.64 18.15
N SER A 157 -9.19 0.57 19.09
CA SER A 157 -8.93 1.04 20.45
C SER A 157 -8.39 -0.11 21.30
N TYR A 158 -7.92 0.21 22.50
CA TYR A 158 -7.43 -0.80 23.42
C TYR A 158 -7.63 -0.36 24.88
N GLU A 159 -7.55 -1.32 25.79
CA GLU A 159 -7.60 -1.00 27.20
C GLU A 159 -6.79 -2.01 28.01
N PHE A 160 -5.96 -1.50 28.92
CA PHE A 160 -5.12 -2.34 29.75
C PHE A 160 -5.58 -2.32 31.20
N PHE A 161 -5.77 -3.50 31.78
CA PHE A 161 -6.23 -3.62 33.16
C PHE A 161 -5.15 -4.25 34.03
N LEU A 162 -4.92 -3.66 35.18
CA LEU A 162 -4.04 -4.25 36.17
C LEU A 162 -4.86 -4.55 37.42
N ASP A 163 -4.85 -5.82 37.84
CA ASP A 163 -5.65 -6.27 38.97
C ASP A 163 -7.13 -5.93 38.80
N GLY A 164 -7.62 -6.03 37.57
CA GLY A 164 -9.04 -5.84 37.29
C GLY A 164 -9.43 -4.40 37.06
N GLU A 165 -8.53 -3.47 37.40
CA GLU A 165 -8.82 -2.06 37.26
C GLU A 165 -8.15 -1.46 36.05
N SER A 166 -8.88 -0.60 35.34
CA SER A 166 -8.36 0.07 34.16
C SER A 166 -7.15 0.97 34.49
N LYS A 167 -6.04 0.73 33.80
CA LYS A 167 -4.83 1.52 33.99
C LYS A 167 -4.46 2.37 32.77
N ALA A 168 -4.76 1.86 31.57
CA ALA A 168 -4.46 2.60 30.36
C ALA A 168 -5.52 2.35 29.28
N LYS A 169 -5.78 3.38 28.49
CA LYS A 169 -6.90 3.36 27.55
C LYS A 169 -6.58 4.33 26.43
N GLY A 170 -6.77 3.92 25.18
CA GLY A 170 -6.51 4.79 24.05
C GLY A 170 -6.61 4.15 22.68
N GLN A 171 -5.89 4.72 21.72
CA GLN A 171 -5.95 4.28 20.34
C GLN A 171 -4.63 3.65 19.92
N LEU A 172 -4.69 2.51 19.23
CA LEU A 172 -3.47 1.82 18.77
C LEU A 172 -2.60 2.71 17.91
N GLU A 173 -3.24 3.46 17.02
CA GLU A 173 -2.54 4.34 16.09
C GLU A 173 -1.79 5.46 16.80
N GLU A 174 -2.33 5.90 17.94
CA GLU A 174 -1.76 7.01 18.67
C GLU A 174 -0.72 6.60 19.74
N ASP A 175 -0.93 5.45 20.37
CA ASP A 175 -0.06 5.04 21.48
C ASP A 175 1.04 4.05 21.06
N TRP A 176 1.08 3.70 19.78
CA TRP A 176 2.22 2.98 19.19
C TRP A 176 2.67 3.74 17.94
N SER A 177 3.87 3.44 17.47
CA SER A 177 4.33 3.96 16.18
C SER A 177 4.09 2.91 15.10
N LEU A 178 2.86 2.86 14.59
CA LEU A 178 2.47 1.86 13.61
C LEU A 178 2.43 2.43 12.21
N LEU A 179 1.84 3.61 12.08
CA LEU A 179 1.60 4.19 10.76
C LEU A 179 2.47 5.41 10.50
N LEU A 180 2.48 5.84 9.24
CA LEU A 180 3.19 7.06 8.84
C LEU A 180 2.53 8.29 9.45
N PRO A 181 3.22 9.44 9.40
CA PRO A 181 2.64 10.68 9.90
C PRO A 181 1.52 11.18 8.99
N ARG A 182 0.44 11.69 9.59
CA ARG A 182 -0.69 12.17 8.81
C ARG A 182 -0.36 13.53 8.17
N GLU A 183 0.47 14.31 8.85
CA GLU A 183 0.94 15.58 8.32
C GLU A 183 2.36 15.43 7.80
N ILE A 184 2.72 16.19 6.76
CA ILE A 184 4.06 16.13 6.20
C ILE A 184 5.03 16.82 7.16
N VAL A 185 4.55 17.89 7.79
CA VAL A 185 5.25 18.54 8.90
C VAL A 185 4.20 18.83 9.96
N ASP A 186 4.51 18.49 11.21
CA ASP A 186 3.51 18.60 12.28
C ASP A 186 3.11 20.06 12.54
N GLY A 187 1.81 20.29 12.66
CA GLY A 187 1.30 21.62 12.93
C GLY A 187 1.17 22.48 11.69
N SER A 188 1.57 21.94 10.54
CA SER A 188 1.49 22.67 9.28
C SER A 188 0.08 22.63 8.68
N GLY A 189 -0.65 21.56 8.96
CA GLY A 189 -1.98 21.39 8.40
C GLY A 189 -1.93 20.80 7.00
N ILE A 190 -0.72 20.64 6.46
CA ILE A 190 -0.54 20.00 5.17
C ILE A 190 -0.53 18.47 5.32
N PRO A 191 -1.47 17.80 4.64
CA PRO A 191 -1.58 16.34 4.71
C PRO A 191 -0.42 15.63 4.04
N ASN A 192 -0.06 14.47 4.58
CA ASN A 192 0.95 13.61 3.98
C ASN A 192 0.31 12.59 3.05
N PRO A 193 0.40 12.83 1.73
CA PRO A 193 -0.29 11.97 0.77
C PRO A 193 0.23 10.54 0.80
N ASP A 194 1.43 10.34 1.32
CA ASP A 194 1.98 8.98 1.44
C ASP A 194 1.36 8.22 2.61
N PHE A 195 0.65 8.93 3.48
CA PHE A 195 0.01 8.27 4.61
C PHE A 195 -0.94 7.19 4.14
N VAL A 196 -0.85 6.03 4.78
CA VAL A 196 -1.72 4.92 4.47
C VAL A 196 -2.56 4.54 5.67
N GLU A 197 -3.86 4.42 5.44
CA GLU A 197 -4.81 4.10 6.49
C GLU A 197 -4.83 2.60 6.74
N ASP A 198 -4.89 2.19 7.99
CA ASP A 198 -5.08 0.78 8.29
C ASP A 198 -6.19 0.58 9.31
N SER A 199 -7.31 0.01 8.86
CA SER A 199 -8.42 -0.24 9.76
C SER A 199 -8.26 -1.57 10.48
N GLU A 200 -7.19 -2.29 10.15
CA GLU A 200 -6.95 -3.62 10.73
C GLU A 200 -5.67 -3.69 11.57
N LEU A 201 -5.32 -2.58 12.21
CA LEU A 201 -4.20 -2.58 13.15
C LEU A 201 -4.40 -3.64 14.22
N HIS A 202 -5.62 -3.70 14.74
N HIS A 202 -5.63 -3.72 14.73
CA HIS A 202 -5.98 -4.64 15.81
CA HIS A 202 -5.98 -4.64 15.80
C HIS A 202 -5.85 -6.10 15.39
C HIS A 202 -5.85 -6.10 15.39
N LYS A 203 -6.01 -6.36 14.10
CA LYS A 203 -6.09 -7.72 13.60
C LYS A 203 -4.75 -8.44 13.53
N VAL A 204 -4.76 -9.69 13.97
CA VAL A 204 -3.59 -10.54 13.85
C VAL A 204 -3.30 -10.80 12.38
N PRO A 205 -2.04 -10.61 11.96
CA PRO A 205 -1.68 -10.82 10.55
C PRO A 205 -1.89 -12.26 10.14
N GLU A 206 -1.37 -13.19 10.94
CA GLU A 206 -1.66 -14.61 10.77
C GLU A 206 -2.42 -15.10 12.00
N PRO A 207 -3.14 -16.22 11.86
CA PRO A 207 -3.83 -16.77 13.03
C PRO A 207 -2.87 -17.12 14.16
N LEU A 208 -3.33 -16.97 15.40
CA LEU A 208 -2.48 -17.23 16.56
C LEU A 208 -2.57 -18.69 16.94
N THR A 209 -1.43 -19.29 17.23
CA THR A 209 -1.37 -20.75 17.34
C THR A 209 -0.76 -21.25 18.65
N HIS A 210 0.09 -20.44 19.28
CA HIS A 210 0.71 -20.83 20.55
C HIS A 210 0.73 -19.69 21.57
N VAL A 211 0.74 -20.06 22.84
CA VAL A 211 1.14 -19.13 23.89
C VAL A 211 2.48 -19.64 24.43
N GLY A 212 3.41 -18.71 24.69
CA GLY A 212 4.70 -19.10 25.20
C GLY A 212 5.20 -18.21 26.31
N ILE A 213 5.98 -18.79 27.21
CA ILE A 213 6.65 -18.02 28.24
C ILE A 213 8.15 -18.03 27.97
N ASP A 214 8.65 -16.86 27.60
CA ASP A 214 10.05 -16.69 27.25
C ASP A 214 10.61 -15.55 28.08
N VAL A 215 11.20 -15.89 29.23
CA VAL A 215 11.69 -14.86 30.14
C VAL A 215 13.06 -15.20 30.71
N TRP A 216 13.77 -14.17 31.15
CA TRP A 216 15.00 -14.31 31.91
C TRP A 216 14.74 -13.91 33.36
N GLN A 217 15.25 -14.71 34.31
CA GLN A 217 15.12 -14.39 35.72
C GLN A 217 16.41 -14.57 36.49
N VAL A 218 16.83 -13.51 37.18
CA VAL A 218 17.94 -13.59 38.12
C VAL A 218 17.45 -14.24 39.41
N GLU A 219 16.52 -13.57 40.09
CA GLU A 219 15.87 -14.13 41.26
C GLU A 219 14.59 -14.84 40.82
N SER A 220 14.61 -16.17 40.82
CA SER A 220 13.49 -16.95 40.32
C SER A 220 12.44 -17.18 41.41
N GLY A 221 11.36 -17.88 41.05
CA GLY A 221 10.30 -18.18 41.99
C GLY A 221 8.93 -17.66 41.57
N SER A 222 8.88 -17.05 40.38
CA SER A 222 7.62 -16.47 39.89
C SER A 222 6.58 -17.55 39.58
N ILE A 223 5.30 -17.21 39.76
CA ILE A 223 4.23 -18.16 39.48
C ILE A 223 3.20 -17.57 38.52
N PHE A 224 3.01 -18.24 37.39
CA PHE A 224 2.05 -17.81 36.38
C PHE A 224 0.71 -18.51 36.57
N LYS A 225 -0.39 -17.80 36.39
CA LYS A 225 -1.72 -18.40 36.46
C LYS A 225 -2.72 -17.83 35.47
N ASP A 226 -3.74 -18.61 35.18
CA ASP A 226 -4.94 -18.18 34.46
C ASP A 226 -4.66 -17.38 33.20
N ILE A 227 -4.00 -18.01 32.23
CA ILE A 227 -3.87 -17.42 30.91
C ILE A 227 -5.19 -17.55 30.15
N VAL A 228 -5.93 -16.46 30.07
CA VAL A 228 -7.25 -16.46 29.43
C VAL A 228 -7.24 -15.66 28.13
N ILE A 229 -7.89 -16.21 27.12
CA ILE A 229 -8.04 -15.52 25.84
C ILE A 229 -9.45 -15.71 25.30
N GLY A 230 -10.06 -14.61 24.86
CA GLY A 230 -11.43 -14.61 24.37
C GLY A 230 -11.77 -13.40 23.52
N ASP A 231 -13.05 -13.22 23.22
CA ASP A 231 -13.49 -12.10 22.38
C ASP A 231 -14.48 -11.19 23.10
N ASP A 232 -14.67 -11.43 24.40
CA ASP A 232 -15.58 -10.62 25.21
C ASP A 232 -14.89 -10.16 26.49
N LEU A 233 -14.92 -8.86 26.75
CA LEU A 233 -14.18 -8.29 27.86
C LEU A 233 -14.80 -8.59 29.23
N LYS A 234 -16.10 -8.38 29.37
CA LYS A 234 -16.78 -8.65 30.64
C LYS A 234 -16.61 -10.11 31.06
N GLU A 235 -16.73 -11.01 30.08
CA GLU A 235 -16.57 -12.43 30.32
C GLU A 235 -15.22 -12.75 30.97
N VAL A 236 -14.17 -12.15 30.44
CA VAL A 236 -12.83 -12.35 30.96
C VAL A 236 -12.65 -11.72 32.34
N LEU A 237 -13.19 -10.52 32.51
CA LEU A 237 -13.12 -9.82 33.78
C LEU A 237 -13.93 -10.55 34.85
N ASP A 238 -15.03 -11.17 34.44
CA ASP A 238 -15.80 -12.01 35.34
C ASP A 238 -14.97 -13.20 35.80
N LEU A 239 -14.19 -13.74 34.87
CA LEU A 239 -13.34 -14.89 35.16
C LEU A 239 -12.18 -14.50 36.07
N VAL A 240 -11.77 -13.23 35.99
CA VAL A 240 -10.70 -12.71 36.83
C VAL A 240 -11.19 -12.57 38.27
N GLU A 241 -12.45 -12.17 38.44
CA GLU A 241 -13.05 -12.11 39.76
C GLU A 241 -13.09 -13.49 40.40
N LYS A 242 -13.44 -14.48 39.60
CA LYS A 242 -13.54 -15.86 40.08
C LYS A 242 -12.18 -16.41 40.52
N THR A 243 -11.18 -16.24 39.65
CA THR A 243 -9.84 -16.74 39.90
C THR A 243 -8.97 -15.90 40.83
N TYR A 244 -8.92 -14.59 40.60
CA TYR A 244 -7.98 -13.73 41.32
C TYR A 244 -8.69 -12.94 42.40
N GLY A 245 -9.81 -12.31 42.04
CA GLY A 245 -10.58 -11.53 42.99
C GLY A 245 -11.01 -12.37 44.17
N LEU A 247 -9.43 -14.56 45.67
CA LEU A 247 -8.29 -15.03 46.45
C LEU A 247 -7.54 -13.88 47.11
N LYS A 248 -7.92 -12.65 46.76
CA LYS A 248 -7.23 -11.45 47.23
C LYS A 248 -7.15 -11.39 48.75
N LYS A 249 -8.30 -11.48 49.41
CA LYS A 249 -8.35 -11.33 50.85
C LYS A 249 -7.54 -12.40 51.57
N ALA A 250 -7.63 -13.64 51.07
CA ALA A 250 -6.87 -14.75 51.62
C ALA A 250 -5.36 -14.61 51.44
N GLU A 251 -4.92 -14.29 50.22
CA GLU A 251 -3.50 -14.15 49.91
C GLU A 251 -2.82 -13.07 50.74
N ALA A 252 -3.45 -11.90 50.82
CA ALA A 252 -2.91 -10.79 51.60
C ALA A 252 -2.75 -11.16 53.08
N ASP A 253 -3.69 -11.95 53.61
CA ASP A 253 -3.61 -12.40 54.99
C ASP A 253 -2.52 -13.47 55.14
N ALA A 254 -2.34 -14.27 54.10
CA ALA A 254 -1.27 -15.26 54.09
C ALA A 254 0.08 -14.56 54.06
N LEU A 255 0.17 -13.47 53.29
CA LEU A 255 1.39 -12.67 53.22
C LEU A 255 1.74 -12.03 54.56
N LYS A 256 0.73 -11.52 55.26
CA LYS A 256 0.99 -10.90 56.55
C LYS A 256 1.45 -11.92 57.58
N VAL A 257 0.91 -13.13 57.47
CA VAL A 257 1.30 -14.20 58.38
C VAL A 257 2.77 -14.54 58.20
N MET A 258 3.20 -14.71 56.95
CA MET A 258 4.61 -14.95 56.64
C MET A 258 5.50 -13.71 56.87
N GLU A 259 4.92 -12.61 57.34
CA GLU A 259 5.72 -11.39 57.55
C GLU A 259 5.74 -11.00 59.03
N ASP A 260 4.85 -11.60 59.80
CA ASP A 260 4.81 -11.40 61.24
C ASP A 260 5.85 -12.29 61.89
N MET A 261 6.16 -13.40 61.21
CA MET A 261 7.23 -14.30 61.62
C MET A 261 8.58 -13.61 61.52
N GLU A 262 8.63 -12.54 60.73
CA GLU A 262 9.86 -11.81 60.44
C GLU A 262 9.90 -10.42 61.06
N THR B 1 -31.32 21.81 32.32
CA THR B 1 -32.23 22.39 31.34
C THR B 1 -31.96 21.84 29.94
N VAL B 2 -33.03 21.45 29.24
CA VAL B 2 -32.94 20.94 27.89
C VAL B 2 -33.51 21.93 26.88
N TYR B 3 -32.64 22.55 26.09
CA TYR B 3 -33.08 23.58 25.15
C TYR B 3 -33.82 23.01 23.95
N PHE B 4 -33.57 21.75 23.63
CA PHE B 4 -33.97 21.21 22.35
C PHE B 4 -33.87 19.69 22.30
N HIS B 5 -34.87 19.06 21.71
CA HIS B 5 -34.87 17.61 21.55
C HIS B 5 -35.67 17.21 20.32
N GLU B 6 -34.96 16.98 19.22
CA GLU B 6 -35.59 16.51 17.99
C GLU B 6 -35.77 15.00 18.05
N GLU B 7 -37.02 14.57 18.07
CA GLU B 7 -37.35 13.15 18.13
C GLU B 7 -37.51 12.59 16.72
N PHE B 8 -37.62 13.50 15.75
CA PHE B 8 -37.90 13.14 14.37
C PHE B 8 -39.12 12.25 14.25
N LYS B 9 -40.18 12.62 14.95
CA LYS B 9 -41.48 12.00 14.76
C LYS B 9 -42.10 12.57 13.49
N SER B 10 -41.67 13.79 13.15
CA SER B 10 -42.06 14.46 11.92
C SER B 10 -40.84 15.16 11.35
N MET B 11 -40.98 15.71 10.13
CA MET B 11 -39.88 16.44 9.51
C MET B 11 -40.35 17.72 8.83
N GLU B 12 -41.64 18.01 8.98
CA GLU B 12 -42.26 19.15 8.31
C GLU B 12 -41.57 20.47 8.68
N HIS B 13 -41.07 20.55 9.91
CA HIS B 13 -40.42 21.76 10.40
C HIS B 13 -38.96 21.87 9.99
N TRP B 14 -38.47 20.85 9.30
CA TRP B 14 -37.10 20.87 8.78
C TRP B 14 -37.09 21.36 7.34
N THR B 15 -36.23 22.32 7.04
CA THR B 15 -36.17 22.88 5.69
C THR B 15 -34.98 22.33 4.91
N THR B 16 -35.27 21.82 3.71
CA THR B 16 -34.23 21.25 2.86
C THR B 16 -33.66 22.34 1.96
N SER B 17 -32.33 22.42 1.88
CA SER B 17 -31.66 23.51 1.17
C SER B 17 -31.98 23.50 -0.32
N LYS B 18 -31.84 24.66 -0.96
CA LYS B 18 -32.05 24.79 -2.39
C LYS B 18 -30.72 25.09 -3.10
N HIS B 19 -29.61 24.80 -2.42
CA HIS B 19 -28.28 25.07 -2.96
C HIS B 19 -28.01 24.16 -4.16
N ARG B 20 -28.77 23.06 -4.22
CA ARG B 20 -28.77 22.15 -5.36
C ARG B 20 -30.17 21.59 -5.61
N ASP B 21 -30.47 21.35 -6.89
CA ASP B 21 -31.79 20.88 -7.26
C ASP B 21 -31.91 19.36 -7.08
N ASP B 22 -30.86 18.72 -6.59
CA ASP B 22 -30.82 17.27 -6.50
C ASP B 22 -30.36 16.71 -5.15
N PHE B 23 -30.55 17.45 -4.07
CA PHE B 23 -30.28 16.90 -2.74
C PHE B 23 -31.12 15.64 -2.55
N GLY B 24 -30.62 14.69 -1.77
CA GLY B 24 -31.34 13.44 -1.61
C GLY B 24 -32.59 13.64 -0.77
N LYS B 25 -33.58 12.78 -0.97
CA LYS B 25 -34.82 12.87 -0.21
C LYS B 25 -34.70 12.09 1.09
N VAL B 26 -35.34 12.61 2.12
CA VAL B 26 -35.33 11.96 3.43
C VAL B 26 -36.76 11.65 3.85
N GLU B 27 -36.91 10.72 4.79
CA GLU B 27 -38.22 10.33 5.27
C GLU B 27 -38.15 9.92 6.73
N ILE B 28 -39.31 9.94 7.40
CA ILE B 28 -39.42 9.38 8.73
C ILE B 28 -39.63 7.87 8.63
N SER B 29 -38.77 7.11 9.30
CA SER B 29 -38.82 5.66 9.17
C SER B 29 -38.04 4.96 10.27
N ALA B 30 -38.44 3.72 10.57
CA ALA B 30 -37.76 2.91 11.57
C ALA B 30 -36.74 1.95 10.96
N GLY B 31 -36.55 2.02 9.65
CA GLY B 31 -35.60 1.16 8.96
C GLY B 31 -36.08 -0.26 8.69
N LYS B 32 -35.21 -1.05 8.07
CA LYS B 32 -35.48 -2.45 7.76
C LYS B 32 -35.69 -3.33 8.98
N PHE B 33 -34.93 -3.08 10.04
CA PHE B 33 -35.17 -3.76 11.32
C PHE B 33 -35.12 -2.73 12.45
N TYR B 34 -35.84 -3.00 13.55
CA TYR B 34 -35.98 -2.01 14.60
C TYR B 34 -36.35 -2.61 15.96
N ALA B 35 -35.93 -1.95 17.02
CA ALA B 35 -36.29 -2.35 18.39
C ALA B 35 -37.79 -2.12 18.65
N ASP B 36 -38.33 -1.06 18.08
CA ASP B 36 -39.73 -0.71 18.26
C ASP B 36 -40.24 0.05 17.04
N ALA B 37 -41.37 -0.39 16.50
CA ALA B 37 -41.86 0.13 15.23
C ALA B 37 -42.20 1.62 15.26
N GLU B 38 -42.43 2.15 16.46
CA GLU B 38 -42.77 3.56 16.60
C GLU B 38 -41.64 4.37 17.24
N LYS B 39 -41.06 3.83 18.30
CA LYS B 39 -40.02 4.51 19.05
C LYS B 39 -38.67 4.54 18.32
N SER B 40 -38.50 3.62 17.37
CA SER B 40 -37.28 3.55 16.59
C SER B 40 -37.31 4.45 15.37
N LYS B 41 -38.44 5.11 15.15
CA LYS B 41 -38.60 6.02 14.02
C LYS B 41 -37.63 7.20 14.10
N GLY B 42 -37.16 7.65 12.95
CA GLY B 42 -36.23 8.76 12.89
C GLY B 42 -36.03 9.27 11.48
N LEU B 43 -35.10 10.19 11.32
CA LEU B 43 -34.81 10.78 10.02
C LEU B 43 -33.92 9.84 9.20
N ARG B 44 -34.46 9.35 8.08
CA ARG B 44 -33.78 8.35 7.25
C ARG B 44 -33.37 8.88 5.88
N LEU B 45 -32.09 8.74 5.56
CA LEU B 45 -31.60 9.13 4.24
C LEU B 45 -31.86 7.98 3.26
N THR B 46 -32.47 8.31 2.12
CA THR B 46 -33.08 7.30 1.24
C THR B 46 -32.27 6.97 -0.01
N GLU B 47 -31.52 7.93 -0.54
CA GLU B 47 -30.96 7.78 -1.87
C GLU B 47 -29.44 7.65 -1.88
N ASP B 48 -28.96 6.61 -2.54
CA ASP B 48 -27.54 6.34 -2.70
C ASP B 48 -26.86 7.42 -3.53
N ALA B 49 -25.60 7.69 -3.22
CA ALA B 49 -24.78 8.62 -4.00
C ALA B 49 -25.42 10.01 -4.10
N ARG B 50 -25.82 10.57 -2.96
CA ARG B 50 -26.42 11.90 -2.92
C ARG B 50 -25.84 12.73 -1.79
N PHE B 51 -25.85 14.04 -1.98
CA PHE B 51 -25.59 14.97 -0.88
C PHE B 51 -26.89 15.23 -0.16
N TYR B 52 -26.79 15.50 1.14
CA TYR B 52 -27.97 15.88 1.92
C TYR B 52 -27.72 17.23 2.59
N ALA B 53 -28.77 18.02 2.70
CA ALA B 53 -28.68 19.33 3.32
C ALA B 53 -30.05 19.80 3.76
N LEU B 54 -30.34 19.59 5.04
CA LEU B 54 -31.58 20.06 5.63
C LEU B 54 -31.33 20.55 7.07
N SER B 55 -32.17 21.48 7.53
CA SER B 55 -31.92 22.14 8.81
C SER B 55 -33.21 22.54 9.51
N THR B 56 -33.11 22.82 10.80
CA THR B 56 -34.25 23.34 11.56
C THR B 56 -33.74 24.38 12.54
N ALA B 57 -34.61 25.32 12.90
CA ALA B 57 -34.25 26.40 13.81
C ALA B 57 -34.64 26.07 15.24
N PHE B 58 -33.74 26.39 16.18
CA PHE B 58 -34.05 26.28 17.60
C PHE B 58 -35.18 27.25 17.90
N PRO B 59 -36.15 26.83 18.73
CA PRO B 59 -37.24 27.74 19.09
C PRO B 59 -36.68 29.01 19.72
N THR B 60 -35.65 28.83 20.54
CA THR B 60 -34.89 29.95 21.08
C THR B 60 -33.40 29.70 20.85
N PRO B 61 -32.67 30.75 20.42
CA PRO B 61 -31.24 30.63 20.16
C PRO B 61 -30.47 30.19 21.41
N ILE B 62 -29.37 29.47 21.22
CA ILE B 62 -28.68 28.82 22.34
C ILE B 62 -27.30 29.44 22.61
N ASN B 63 -27.09 29.83 23.87
CA ASN B 63 -25.79 30.34 24.31
C ASN B 63 -25.24 29.47 25.41
N ASN B 64 -23.97 29.68 25.75
CA ASN B 64 -23.34 28.92 26.82
C ASN B 64 -22.34 29.75 27.59
N GLU B 65 -22.71 30.99 27.89
CA GLU B 65 -21.85 31.87 28.66
C GLU B 65 -21.72 31.40 30.11
N LYS B 66 -20.50 31.12 30.53
CA LYS B 66 -20.25 30.70 31.91
C LYS B 66 -21.09 29.47 32.22
N LYS B 67 -21.31 28.63 31.20
CA LYS B 67 -22.28 27.55 31.29
C LYS B 67 -21.84 26.34 30.47
N SER B 68 -22.32 25.16 30.86
CA SER B 68 -22.05 23.97 30.08
C SER B 68 -22.91 23.94 28.82
N LEU B 69 -22.45 23.20 27.81
CA LEU B 69 -23.25 22.93 26.63
C LEU B 69 -23.07 21.46 26.25
N VAL B 70 -24.18 20.73 26.17
CA VAL B 70 -24.14 19.31 25.84
C VAL B 70 -24.92 19.02 24.57
N VAL B 71 -24.27 18.31 23.65
CA VAL B 71 -24.90 17.92 22.39
C VAL B 71 -24.92 16.40 22.29
N SER B 72 -26.08 15.86 21.93
CA SER B 72 -26.20 14.42 21.75
C SER B 72 -27.13 14.07 20.60
N PHE B 73 -26.79 13.02 19.88
CA PHE B 73 -27.67 12.48 18.83
C PHE B 73 -27.20 11.07 18.46
N SER B 74 -28.07 10.34 17.78
CA SER B 74 -27.72 8.99 17.36
C SER B 74 -27.85 8.83 15.85
N VAL B 75 -26.99 8.00 15.28
CA VAL B 75 -27.13 7.60 13.88
C VAL B 75 -27.08 6.09 13.82
N LYS B 76 -27.93 5.52 12.97
CA LYS B 76 -27.93 4.09 12.75
C LYS B 76 -27.59 3.81 11.29
N HIS B 77 -26.44 3.20 11.06
CA HIS B 77 -26.03 2.81 9.71
C HIS B 77 -26.34 1.36 9.48
N GLU B 78 -27.61 1.05 9.28
CA GLU B 78 -28.03 -0.34 9.12
C GLU B 78 -27.74 -0.86 7.72
N GLN B 79 -27.30 0.01 6.82
CA GLN B 79 -27.23 -0.33 5.40
C GLN B 79 -25.99 -1.07 4.86
N ASP B 80 -24.96 -1.25 5.69
CA ASP B 80 -23.63 -1.63 5.25
C ASP B 80 -22.96 -0.44 4.57
N LEU B 81 -22.62 0.55 5.39
CA LEU B 81 -21.97 1.77 4.93
C LEU B 81 -20.48 1.53 4.66
N LYS B 82 -19.98 1.99 3.51
CA LYS B 82 -18.55 1.92 3.22
C LYS B 82 -18.01 3.34 3.15
N CYS B 83 -18.78 4.23 2.54
CA CYS B 83 -18.46 5.64 2.52
C CYS B 83 -19.70 6.50 2.75
N GLY B 84 -19.71 7.24 3.86
CA GLY B 84 -20.77 8.19 4.13
C GLY B 84 -20.69 8.85 5.50
N GLY B 85 -21.27 10.04 5.61
CA GLY B 85 -21.23 10.78 6.85
C GLY B 85 -22.46 10.60 7.72
N GLY B 86 -22.30 10.85 9.01
CA GLY B 86 -23.39 10.76 9.96
C GLY B 86 -23.22 11.79 11.05
N TYR B 87 -22.70 12.95 10.69
CA TYR B 87 -22.46 14.01 11.65
C TYR B 87 -23.43 15.17 11.48
N ILE B 88 -23.65 15.90 12.56
CA ILE B 88 -24.53 17.06 12.54
C ILE B 88 -23.74 18.35 12.73
N LYS B 89 -24.38 19.48 12.45
CA LYS B 89 -23.75 20.79 12.63
C LYS B 89 -24.63 21.72 13.47
N LEU B 90 -23.98 22.55 14.27
CA LEU B 90 -24.67 23.61 15.00
C LEU B 90 -24.20 24.95 14.47
N LEU B 91 -25.15 25.78 14.02
CA LEU B 91 -24.80 26.97 13.27
C LEU B 91 -25.39 28.26 13.83
N PRO B 92 -24.64 29.35 13.74
CA PRO B 92 -25.19 30.69 14.00
C PRO B 92 -26.10 31.11 12.85
N SER B 93 -26.71 32.29 12.94
CA SER B 93 -27.70 32.75 11.97
C SER B 93 -27.32 32.43 10.52
N MET B 94 -28.21 31.72 9.84
CA MET B 94 -28.01 31.37 8.44
C MET B 94 -29.33 31.31 7.69
N ASP B 95 -29.26 31.25 6.36
CA ASP B 95 -30.44 30.99 5.55
C ASP B 95 -30.48 29.51 5.22
N PRO B 96 -31.43 28.77 5.81
CA PRO B 96 -31.55 27.32 5.62
C PRO B 96 -31.64 26.95 4.14
N GLU B 97 -32.15 27.87 3.34
CA GLU B 97 -32.35 27.62 1.92
C GLU B 97 -31.06 27.68 1.10
N LYS B 98 -30.03 28.33 1.63
CA LYS B 98 -28.72 28.30 0.95
C LYS B 98 -27.71 27.52 1.80
N PHE B 99 -28.23 26.69 2.69
CA PHE B 99 -27.39 25.89 3.57
C PHE B 99 -26.64 24.82 2.80
N HIS B 100 -25.33 24.82 2.94
CA HIS B 100 -24.49 23.84 2.27
C HIS B 100 -23.16 23.68 3.00
N GLY B 101 -22.28 22.86 2.44
CA GLY B 101 -20.99 22.56 3.06
C GLY B 101 -20.17 23.75 3.49
N GLU B 102 -20.38 24.90 2.86
CA GLU B 102 -19.57 26.08 3.11
C GLU B 102 -20.20 27.01 4.15
N THR B 103 -21.49 26.81 4.43
CA THR B 103 -22.19 27.55 5.48
C THR B 103 -21.42 27.49 6.79
N LYS B 104 -21.23 28.64 7.42
CA LYS B 104 -20.47 28.74 8.65
C LYS B 104 -21.19 28.04 9.81
N TYR B 105 -20.51 27.07 10.42
CA TYR B 105 -21.02 26.39 11.61
C TYR B 105 -20.11 26.69 12.79
N TRP B 106 -20.59 26.41 14.00
CA TRP B 106 -19.73 26.49 15.17
C TRP B 106 -19.18 25.11 15.48
N LEU B 107 -20.02 24.11 15.35
CA LEU B 107 -19.63 22.73 15.63
C LEU B 107 -20.04 21.76 14.53
N MET B 108 -19.11 20.91 14.15
CA MET B 108 -19.40 19.76 13.31
CA MET B 108 -19.40 19.76 13.31
C MET B 108 -19.09 18.51 14.12
N PHE B 109 -20.10 17.69 14.35
CA PHE B 109 -19.99 16.61 15.31
C PHE B 109 -20.69 15.32 14.86
N GLY B 110 -19.93 14.23 14.81
CA GLY B 110 -20.48 12.92 14.51
C GLY B 110 -19.55 12.01 13.72
N PRO B 111 -19.97 10.76 13.51
CA PRO B 111 -19.15 9.76 12.83
C PRO B 111 -19.02 10.06 11.33
N ASP B 112 -17.88 9.72 10.74
CA ASP B 112 -17.69 9.89 9.30
C ASP B 112 -16.72 8.82 8.81
N ARG B 113 -17.09 8.13 7.73
CA ARG B 113 -16.23 7.07 7.21
C ARG B 113 -16.29 6.96 5.71
N CYS B 114 -15.15 6.59 5.13
CA CYS B 114 -15.04 6.35 3.70
C CYS B 114 -13.85 5.43 3.46
N GLY B 115 -14.13 4.19 3.06
CA GLY B 115 -13.10 3.20 2.90
C GLY B 115 -12.52 2.81 4.24
N SER B 116 -11.19 2.74 4.31
CA SER B 116 -10.50 2.37 5.54
C SER B 116 -10.36 3.58 6.47
N GLN B 117 -10.92 4.70 6.04
CA GLN B 117 -10.92 5.93 6.81
C GLN B 117 -12.13 6.01 7.73
N ASN B 118 -11.90 6.27 9.01
CA ASN B 118 -12.96 6.23 10.02
C ASN B 118 -12.60 7.08 11.23
N ARG B 119 -13.45 8.03 11.56
CA ARG B 119 -13.26 8.84 12.75
C ARG B 119 -14.55 9.50 13.17
N VAL B 120 -14.57 9.97 14.41
CA VAL B 120 -15.63 10.85 14.88
C VAL B 120 -15.13 12.27 14.75
N HIS B 121 -15.82 13.09 13.98
CA HIS B 121 -15.43 14.48 13.82
C HIS B 121 -15.88 15.31 15.01
N ILE B 122 -14.96 16.09 15.55
CA ILE B 122 -15.33 17.16 16.47
C ILE B 122 -14.63 18.41 16.03
N ILE B 123 -15.29 19.18 15.18
CA ILE B 123 -14.66 20.34 14.58
C ILE B 123 -15.26 21.62 15.15
N LEU B 124 -14.40 22.43 15.75
CA LEU B 124 -14.83 23.67 16.35
C LEU B 124 -14.35 24.84 15.52
N HIS B 125 -15.25 25.74 15.21
CA HIS B 125 -14.87 26.96 14.53
C HIS B 125 -14.37 27.95 15.57
N TYR B 126 -13.09 28.29 15.49
CA TYR B 126 -12.50 29.20 16.46
C TYR B 126 -11.54 30.17 15.78
N ASN B 127 -11.78 31.46 15.99
CA ASN B 127 -10.87 32.49 15.49
C ASN B 127 -10.79 32.47 13.97
N GLY B 128 -11.95 32.34 13.33
CA GLY B 128 -12.04 32.39 11.88
C GLY B 128 -11.63 31.14 11.11
N GLU B 129 -11.34 30.04 11.79
CA GLU B 129 -10.97 28.82 11.10
C GLU B 129 -11.61 27.59 11.75
N ASN B 130 -11.94 26.58 10.96
CA ASN B 130 -12.45 25.33 11.51
C ASN B 130 -11.30 24.49 12.03
N ARG B 131 -11.37 24.13 13.32
CA ARG B 131 -10.29 23.43 13.97
C ARG B 131 -10.63 21.95 14.16
N GLU B 132 -9.90 21.07 13.48
CA GLU B 132 -10.14 19.65 13.63
C GLU B 132 -9.56 19.12 14.94
N TRP B 133 -10.37 18.31 15.60
CA TRP B 133 -9.97 17.59 16.80
C TRP B 133 -8.72 16.75 16.57
N SER B 134 -7.71 16.94 17.41
CA SER B 134 -6.43 16.24 17.24
C SER B 134 -6.52 14.74 17.50
N LYS B 135 -7.51 14.32 18.30
CA LYS B 135 -7.65 12.91 18.64
C LYS B 135 -8.51 12.16 17.62
N ARG B 136 -8.14 10.92 17.34
CA ARG B 136 -8.86 10.12 16.35
C ARG B 136 -9.50 8.87 16.92
N ILE B 137 -10.78 8.97 17.24
CA ILE B 137 -11.57 7.83 17.69
C ILE B 137 -12.41 7.26 16.55
N ARG B 138 -12.21 5.98 16.25
CA ARG B 138 -13.04 5.30 15.26
C ARG B 138 -14.39 4.96 15.89
N PHE B 139 -15.46 5.09 15.12
CA PHE B 139 -16.78 4.71 15.59
C PHE B 139 -17.08 3.27 15.14
N PRO B 140 -17.96 2.57 15.88
CA PRO B 140 -18.23 1.14 15.63
C PRO B 140 -18.83 0.91 14.25
N GLU B 141 -18.30 -0.07 13.52
CA GLU B 141 -18.74 -0.33 12.15
C GLU B 141 -19.68 -1.54 12.11
N ASP B 142 -20.93 -1.28 12.47
CA ASP B 142 -21.98 -2.29 12.45
C ASP B 142 -23.32 -1.64 12.10
N LYS B 143 -24.38 -2.42 12.11
CA LYS B 143 -25.70 -1.93 11.71
C LYS B 143 -26.51 -1.36 12.88
N LEU B 144 -25.92 -1.35 14.06
CA LEU B 144 -26.66 -0.94 15.25
C LEU B 144 -26.67 0.58 15.41
N THR B 145 -27.59 1.05 16.24
CA THR B 145 -27.70 2.47 16.57
C THR B 145 -26.60 2.86 17.53
N HIS B 146 -25.91 3.95 17.22
CA HIS B 146 -24.89 4.47 18.13
C HIS B 146 -25.14 5.93 18.49
N VAL B 147 -24.81 6.30 19.72
CA VAL B 147 -25.10 7.64 20.23
C VAL B 147 -23.81 8.42 20.45
N TYR B 148 -23.80 9.68 20.01
CA TYR B 148 -22.64 10.54 20.14
C TYR B 148 -22.97 11.77 21.00
N THR B 149 -22.29 11.91 22.12
CA THR B 149 -22.57 12.98 23.07
C THR B 149 -21.34 13.82 23.40
N LEU B 150 -21.50 15.13 23.38
CA LEU B 150 -20.39 16.03 23.64
C LEU B 150 -20.70 17.00 24.77
N HIS B 151 -19.81 17.05 25.76
CA HIS B 151 -19.92 18.03 26.83
C HIS B 151 -18.83 19.08 26.67
N ILE B 152 -19.24 20.31 26.40
CA ILE B 152 -18.31 21.44 26.43
C ILE B 152 -18.54 22.22 27.73
N ALA B 153 -17.57 22.14 28.64
CA ALA B 153 -17.72 22.77 29.96
C ALA B 153 -17.15 24.19 30.02
N ALA B 154 -17.62 24.98 30.99
CA ALA B 154 -17.25 26.38 31.06
C ALA B 154 -15.82 26.57 31.58
N ASP B 155 -15.20 25.48 32.01
CA ASP B 155 -13.80 25.50 32.41
C ASP B 155 -12.88 25.11 31.25
N ASN B 156 -13.41 25.19 30.03
CA ASN B 156 -12.68 24.80 28.82
C ASN B 156 -12.26 23.34 28.76
N SER B 157 -12.85 22.51 29.61
CA SER B 157 -12.71 21.07 29.47
C SER B 157 -13.85 20.53 28.60
N TYR B 158 -13.71 19.28 28.19
CA TYR B 158 -14.73 18.64 27.37
C TYR B 158 -14.74 17.14 27.64
N GLU B 159 -15.82 16.48 27.26
CA GLU B 159 -15.89 15.03 27.36
C GLU B 159 -16.75 14.47 26.24
N PHE B 160 -16.25 13.43 25.59
CA PHE B 160 -16.99 12.81 24.49
C PHE B 160 -17.46 11.41 24.87
N PHE B 161 -18.75 11.17 24.66
CA PHE B 161 -19.35 9.89 24.97
C PHE B 161 -19.83 9.19 23.70
N LEU B 162 -19.53 7.89 23.64
CA LEU B 162 -20.08 6.98 22.64
C LEU B 162 -20.96 5.95 23.33
N ASP B 163 -22.21 5.90 22.91
CA ASP B 163 -23.17 4.98 23.51
C ASP B 163 -23.24 5.13 25.04
N GLY B 164 -23.17 6.36 25.52
CA GLY B 164 -23.36 6.67 26.91
C GLY B 164 -22.15 6.53 27.81
N GLU B 165 -21.10 5.91 27.30
CA GLU B 165 -19.87 5.71 28.07
C GLU B 165 -18.74 6.60 27.54
N SER B 166 -17.94 7.13 28.46
CA SER B 166 -16.88 8.07 28.15
C SER B 166 -15.80 7.48 27.26
N LYS B 167 -15.51 8.16 26.15
CA LYS B 167 -14.48 7.70 25.21
C LYS B 167 -13.29 8.64 25.17
N ALA B 168 -13.53 9.93 25.38
CA ALA B 168 -12.45 10.90 25.37
C ALA B 168 -12.71 12.03 26.37
N LYS B 169 -11.64 12.56 26.94
CA LYS B 169 -11.72 13.54 28.02
C LYS B 169 -10.45 14.39 28.04
N GLY B 170 -10.59 15.70 28.18
CA GLY B 170 -9.44 16.58 28.24
C GLY B 170 -9.72 18.07 28.20
N GLN B 171 -8.72 18.83 27.72
CA GLN B 171 -8.82 20.27 27.66
C GLN B 171 -8.89 20.73 26.21
N LEU B 172 -9.78 21.66 25.91
CA LEU B 172 -9.93 22.17 24.54
C LEU B 172 -8.60 22.71 24.03
N GLU B 173 -7.89 23.42 24.91
CA GLU B 173 -6.62 24.06 24.57
C GLU B 173 -5.55 23.06 24.18
N GLU B 174 -5.61 21.87 24.77
CA GLU B 174 -4.59 20.84 24.55
C GLU B 174 -4.92 19.89 23.38
N ASP B 175 -6.20 19.58 23.18
CA ASP B 175 -6.58 18.60 22.17
C ASP B 175 -7.03 19.25 20.85
N TRP B 176 -7.01 20.57 20.78
CA TRP B 176 -7.17 21.29 19.52
C TRP B 176 -6.01 22.28 19.35
N SER B 177 -5.83 22.78 18.13
CA SER B 177 -4.90 23.88 17.89
C SER B 177 -5.65 25.19 17.87
N LEU B 178 -5.91 25.74 19.05
CA LEU B 178 -6.70 26.95 19.19
C LEU B 178 -5.81 28.16 19.47
N LEU B 179 -4.87 28.00 20.39
CA LEU B 179 -4.06 29.13 20.84
C LEU B 179 -2.61 29.00 20.41
N LEU B 180 -1.84 30.07 20.61
CA LEU B 180 -0.40 30.05 20.34
C LEU B 180 0.32 29.11 21.30
N PRO B 181 1.58 28.80 21.02
CA PRO B 181 2.36 27.97 21.94
C PRO B 181 2.71 28.75 23.21
N ARG B 182 2.64 28.08 24.36
CA ARG B 182 2.95 28.72 25.64
C ARG B 182 4.44 28.93 25.82
N GLU B 183 5.22 28.02 25.25
CA GLU B 183 6.68 28.13 25.26
C GLU B 183 7.17 28.60 23.90
N ILE B 184 8.27 29.35 23.88
CA ILE B 184 8.81 29.83 22.62
C ILE B 184 9.43 28.67 21.87
N VAL B 185 10.05 27.76 22.63
CA VAL B 185 10.50 26.49 22.10
C VAL B 185 10.10 25.42 23.11
N ASP B 186 9.49 24.33 22.65
CA ASP B 186 8.98 23.32 23.56
C ASP B 186 10.10 22.65 24.34
N GLY B 187 9.90 22.52 25.65
CA GLY B 187 10.88 21.88 26.51
C GLY B 187 12.01 22.79 26.93
N SER B 188 12.00 24.04 26.45
CA SER B 188 13.04 25.00 26.79
C SER B 188 12.81 25.68 28.14
N GLY B 189 11.54 25.80 28.54
CA GLY B 189 11.19 26.49 29.77
C GLY B 189 11.07 27.99 29.61
N ILE B 190 11.42 28.49 28.43
CA ILE B 190 11.24 29.90 28.11
C ILE B 190 9.82 30.18 27.63
N PRO B 191 9.10 31.07 28.34
CA PRO B 191 7.72 31.43 27.99
C PRO B 191 7.63 32.23 26.70
N ASN B 192 6.53 32.05 25.96
CA ASN B 192 6.27 32.84 24.77
C ASN B 192 5.40 34.05 25.10
N PRO B 193 6.01 35.24 25.15
CA PRO B 193 5.32 36.46 25.57
C PRO B 193 4.16 36.84 24.65
N ASP B 194 4.17 36.33 23.42
CA ASP B 194 3.07 36.59 22.49
C ASP B 194 1.85 35.76 22.82
N PHE B 195 2.02 34.74 23.67
CA PHE B 195 0.91 33.87 24.02
C PHE B 195 -0.24 34.67 24.61
N VAL B 196 -1.45 34.38 24.14
CA VAL B 196 -2.65 35.04 24.63
C VAL B 196 -3.60 34.03 25.24
N GLU B 197 -4.07 34.33 26.44
CA GLU B 197 -4.95 33.43 27.16
C GLU B 197 -6.38 33.63 26.70
N ASP B 198 -7.13 32.54 26.55
CA ASP B 198 -8.56 32.64 26.25
C ASP B 198 -9.37 31.75 27.18
N SER B 199 -10.12 32.36 28.07
CA SER B 199 -10.97 31.63 29.02
C SER B 199 -12.31 31.29 28.40
N GLU B 200 -12.53 31.74 27.16
CA GLU B 200 -13.81 31.51 26.50
C GLU B 200 -13.70 30.68 25.24
N LEU B 201 -12.74 29.73 25.23
CA LEU B 201 -12.65 28.77 24.14
C LEU B 201 -13.97 28.05 23.96
N HIS B 202 -14.55 27.62 25.07
CA HIS B 202 -15.81 26.88 25.06
C HIS B 202 -17.01 27.67 24.54
N LYS B 203 -16.97 28.99 24.69
CA LYS B 203 -18.16 29.81 24.47
C LYS B 203 -18.42 30.01 23.00
N VAL B 204 -19.67 29.89 22.60
CA VAL B 204 -20.06 30.15 21.22
C VAL B 204 -19.83 31.63 20.92
N PRO B 205 -19.15 31.91 19.81
CA PRO B 205 -18.83 33.29 19.41
C PRO B 205 -20.09 34.08 19.11
N GLU B 206 -20.97 33.47 18.31
CA GLU B 206 -22.29 34.05 18.05
C GLU B 206 -23.29 33.06 18.65
N PRO B 207 -24.51 33.51 18.98
CA PRO B 207 -25.50 32.54 19.46
C PRO B 207 -25.86 31.48 18.42
N LEU B 208 -26.17 30.26 18.87
CA LEU B 208 -26.48 29.16 17.97
C LEU B 208 -27.95 29.17 17.62
N THR B 209 -28.26 28.98 16.34
CA THR B 209 -29.60 29.26 15.86
C THR B 209 -30.24 28.10 15.08
N HIS B 210 -29.40 27.26 14.48
CA HIS B 210 -29.91 26.11 13.73
C HIS B 210 -29.15 24.83 14.02
N VAL B 211 -29.81 23.70 13.80
CA VAL B 211 -29.12 22.43 13.66
C VAL B 211 -29.26 22.01 12.21
N GLY B 212 -28.20 21.48 11.63
CA GLY B 212 -28.24 21.03 10.25
C GLY B 212 -27.59 19.69 10.02
N ILE B 213 -28.12 18.95 9.05
CA ILE B 213 -27.50 17.72 8.59
C ILE B 213 -26.97 17.91 7.18
N ASP B 214 -25.66 17.94 7.05
CA ASP B 214 -25.00 18.18 5.79
C ASP B 214 -24.00 17.05 5.55
N VAL B 215 -24.43 16.02 4.83
CA VAL B 215 -23.59 14.86 4.63
C VAL B 215 -23.63 14.33 3.20
N TRP B 216 -22.57 13.62 2.83
CA TRP B 216 -22.53 12.88 1.59
C TRP B 216 -22.58 11.38 1.90
N GLN B 217 -23.40 10.65 1.17
CA GLN B 217 -23.52 9.21 1.36
C GLN B 217 -23.50 8.42 0.07
N VAL B 218 -22.60 7.45 -0.02
CA VAL B 218 -22.59 6.52 -1.13
C VAL B 218 -23.67 5.47 -0.88
N GLU B 219 -23.49 4.69 0.18
CA GLU B 219 -24.52 3.75 0.62
C GLU B 219 -25.43 4.43 1.63
N SER B 220 -26.64 4.77 1.21
CA SER B 220 -27.59 5.49 2.06
C SER B 220 -28.37 4.52 2.95
N GLY B 221 -29.29 5.07 3.75
CA GLY B 221 -30.12 4.26 4.63
C GLY B 221 -29.95 4.63 6.09
N SER B 222 -29.12 5.64 6.35
CA SER B 222 -28.84 6.08 7.72
C SER B 222 -30.07 6.68 8.38
N ILE B 223 -30.18 6.49 9.69
CA ILE B 223 -31.31 7.03 10.45
C ILE B 223 -30.82 7.86 11.65
N PHE B 224 -31.21 9.13 11.66
CA PHE B 224 -30.85 10.04 12.74
C PHE B 224 -31.95 10.11 13.78
N LYS B 225 -31.58 10.14 15.05
CA LYS B 225 -32.57 10.29 16.11
C LYS B 225 -32.07 11.15 17.27
N ASP B 226 -33.02 11.72 18.00
CA ASP B 226 -32.79 12.32 19.30
C ASP B 226 -31.61 13.29 19.38
N ILE B 227 -31.71 14.37 18.62
CA ILE B 227 -30.78 15.47 18.72
C ILE B 227 -31.10 16.29 19.96
N VAL B 228 -30.28 16.10 21.00
CA VAL B 228 -30.51 16.78 22.27
C VAL B 228 -29.44 17.84 22.54
N ILE B 229 -29.88 19.00 23.04
CA ILE B 229 -28.98 20.07 23.45
C ILE B 229 -29.45 20.68 24.76
N GLY B 230 -28.53 20.86 25.70
CA GLY B 230 -28.86 21.38 27.01
C GLY B 230 -27.64 21.92 27.74
N ASP B 231 -27.80 22.22 29.02
CA ASP B 231 -26.70 22.77 29.80
C ASP B 231 -26.33 21.88 30.99
N ASP B 232 -26.93 20.70 31.07
CA ASP B 232 -26.63 19.76 32.13
C ASP B 232 -26.34 18.38 31.56
N LEU B 233 -25.21 17.80 31.95
CA LEU B 233 -24.73 16.55 31.35
C LEU B 233 -25.54 15.32 31.79
N LYS B 234 -25.75 15.18 33.10
CA LYS B 234 -26.50 14.04 33.61
C LYS B 234 -27.91 14.00 33.01
N GLU B 235 -28.53 15.17 32.91
CA GLU B 235 -29.85 15.31 32.32
C GLU B 235 -29.91 14.70 30.91
N VAL B 236 -28.89 15.02 30.11
CA VAL B 236 -28.81 14.51 28.75
C VAL B 236 -28.53 13.01 28.74
N LEU B 237 -27.64 12.56 29.63
CA LEU B 237 -27.29 11.14 29.70
C LEU B 237 -28.47 10.31 30.21
N ASP B 238 -29.26 10.91 31.09
CA ASP B 238 -30.51 10.28 31.54
C ASP B 238 -31.48 10.14 30.38
N LEU B 239 -31.50 11.16 29.53
CA LEU B 239 -32.39 11.17 28.37
C LEU B 239 -31.91 10.15 27.33
N VAL B 240 -30.61 9.87 27.33
CA VAL B 240 -30.04 8.89 26.41
C VAL B 240 -30.45 7.47 26.82
N GLU B 241 -30.52 7.23 28.12
CA GLU B 241 -30.98 5.96 28.67
C GLU B 241 -32.45 5.74 28.31
N LYS B 242 -33.26 6.79 28.43
CA LYS B 242 -34.68 6.72 28.11
C LYS B 242 -34.85 6.44 26.63
N THR B 243 -34.10 7.18 25.82
CA THR B 243 -34.17 7.03 24.38
C THR B 243 -33.43 5.84 23.76
N TYR B 244 -32.17 5.67 24.14
CA TYR B 244 -31.29 4.69 23.48
C TYR B 244 -31.04 3.46 24.35
N GLY B 245 -30.66 3.69 25.59
CA GLY B 245 -30.32 2.62 26.49
C GLY B 245 -31.44 1.60 26.67
N GLY B 246 -32.67 2.09 26.63
CA GLY B 246 -33.84 1.22 26.73
C GLY B 246 -34.01 0.31 25.54
N LEU B 247 -33.81 0.85 24.34
CA LEU B 247 -34.04 0.11 23.11
C LEU B 247 -32.91 -0.84 22.73
N LYS B 248 -31.81 -0.79 23.48
CA LYS B 248 -30.62 -1.58 23.16
C LYS B 248 -30.92 -3.07 22.98
N LYS B 249 -31.49 -3.67 24.01
CA LYS B 249 -31.72 -5.11 24.02
C LYS B 249 -32.68 -5.53 22.92
N ALA B 250 -33.71 -4.71 22.68
CA ALA B 250 -34.68 -5.01 21.64
C ALA B 250 -34.06 -4.96 20.25
N GLU B 251 -33.31 -3.90 19.98
CA GLU B 251 -32.67 -3.72 18.68
C GLU B 251 -31.70 -4.86 18.36
N ALA B 252 -30.86 -5.21 19.33
CA ALA B 252 -29.89 -6.29 19.16
C ALA B 252 -30.57 -7.61 18.86
N ASP B 253 -31.73 -7.83 19.50
CA ASP B 253 -32.52 -9.02 19.26
C ASP B 253 -33.20 -8.92 17.90
N ALA B 254 -33.57 -7.70 17.51
CA ALA B 254 -34.15 -7.48 16.19
C ALA B 254 -33.12 -7.75 15.09
N LEU B 255 -31.88 -7.32 15.33
CA LEU B 255 -30.80 -7.56 14.38
C LEU B 255 -30.50 -9.04 14.20
N LYS B 256 -30.52 -9.79 15.31
CA LYS B 256 -30.23 -11.22 15.26
C LYS B 256 -31.32 -11.98 14.51
N VAL B 257 -32.56 -11.52 14.68
CA VAL B 257 -33.69 -12.11 13.99
C VAL B 257 -33.55 -11.95 12.49
N MET B 258 -33.20 -10.74 12.07
CA MET B 258 -32.96 -10.47 10.67
C MET B 258 -31.71 -11.20 10.17
N GLU B 259 -30.78 -11.48 11.06
CA GLU B 259 -29.53 -12.11 10.62
C GLU B 259 -29.71 -13.63 10.56
N ASP B 260 -30.74 -14.13 11.22
CA ASP B 260 -31.03 -15.56 11.19
C ASP B 260 -31.79 -15.92 9.92
N MET B 261 -32.49 -14.96 9.35
CA MET B 261 -33.15 -15.14 8.06
C MET B 261 -32.08 -15.30 6.98
N GLU B 262 -30.87 -14.84 7.25
CA GLU B 262 -29.81 -14.82 6.24
C GLU B 262 -28.59 -15.72 6.50
N LYS B 263 -28.30 -15.96 7.77
CA LYS B 263 -27.22 -16.84 8.20
C LYS B 263 -27.47 -18.31 7.84
N THR C 1 48.42 -10.19 -0.56
CA THR C 1 47.38 -9.97 -1.56
C THR C 1 46.26 -9.07 -1.02
N VAL C 2 45.87 -8.10 -1.83
CA VAL C 2 44.80 -7.18 -1.48
C VAL C 2 43.57 -7.46 -2.32
N TYR C 3 42.54 -8.03 -1.71
CA TYR C 3 41.35 -8.43 -2.46
C TYR C 3 40.53 -7.23 -2.89
N PHE C 4 40.68 -6.12 -2.18
CA PHE C 4 39.73 -5.03 -2.29
C PHE C 4 40.24 -3.74 -1.65
N HIS C 5 39.99 -2.62 -2.31
CA HIS C 5 40.39 -1.32 -1.79
C HIS C 5 39.45 -0.22 -2.30
N GLU C 6 38.47 0.13 -1.48
CA GLU C 6 37.57 1.22 -1.82
C GLU C 6 38.21 2.56 -1.49
N GLU C 7 38.49 3.35 -2.53
CA GLU C 7 39.11 4.66 -2.35
C GLU C 7 38.04 5.74 -2.25
N PHE C 8 36.81 5.36 -2.60
CA PHE C 8 35.69 6.29 -2.66
C PHE C 8 36.05 7.49 -3.53
N LYS C 9 36.64 7.21 -4.69
CA LYS C 9 36.83 8.23 -5.71
C LYS C 9 35.48 8.45 -6.37
N SER C 10 34.66 7.41 -6.33
CA SER C 10 33.29 7.45 -6.82
C SER C 10 32.40 6.63 -5.88
N MET C 11 31.10 6.69 -6.12
CA MET C 11 30.15 5.92 -5.32
C MET C 11 29.07 5.24 -6.18
N GLU C 12 29.18 5.39 -7.50
CA GLU C 12 28.15 4.89 -8.41
C GLU C 12 27.97 3.39 -8.28
N HIS C 13 29.05 2.70 -7.94
CA HIS C 13 29.03 1.25 -7.80
C HIS C 13 28.50 0.82 -6.42
N TRP C 14 28.19 1.80 -5.57
CA TRP C 14 27.58 1.52 -4.28
C TRP C 14 26.06 1.65 -4.37
N THR C 15 25.36 0.64 -3.88
CA THR C 15 23.90 0.61 -3.96
C THR C 15 23.27 1.01 -2.63
N THR C 16 22.34 1.96 -2.69
CA THR C 16 21.64 2.43 -1.51
C THR C 16 20.37 1.62 -1.33
N SER C 17 20.14 1.14 -0.12
CA SER C 17 19.04 0.22 0.15
C SER C 17 17.67 0.86 -0.07
N LYS C 18 16.68 0.01 -0.30
CA LYS C 18 15.29 0.42 -0.41
C LYS C 18 14.45 -0.06 0.76
N HIS C 19 15.10 -0.43 1.87
CA HIS C 19 14.36 -0.96 3.01
C HIS C 19 13.49 0.15 3.62
N ARG C 20 13.92 1.39 3.43
CA ARG C 20 13.08 2.54 3.78
C ARG C 20 13.40 3.67 2.80
N ASP C 21 12.39 4.47 2.49
CA ASP C 21 12.52 5.53 1.50
C ASP C 21 13.16 6.82 2.02
N ASP C 22 13.67 6.80 3.25
CA ASP C 22 14.17 8.02 3.86
C ASP C 22 15.59 7.89 4.41
N PHE C 23 16.36 6.96 3.86
CA PHE C 23 17.78 6.86 4.20
C PHE C 23 18.47 8.19 3.85
N GLY C 24 19.51 8.53 4.59
CA GLY C 24 20.18 9.80 4.36
C GLY C 24 20.96 9.79 3.07
N LYS C 25 21.19 10.97 2.51
CA LYS C 25 21.97 11.07 1.28
C LYS C 25 23.45 11.13 1.60
N VAL C 26 24.27 10.53 0.74
CA VAL C 26 25.71 10.54 0.92
C VAL C 26 26.36 11.15 -0.31
N GLU C 27 27.60 11.62 -0.16
CA GLU C 27 28.30 12.22 -1.28
C GLU C 27 29.81 12.00 -1.18
N ILE C 28 30.48 12.09 -2.32
CA ILE C 28 31.93 12.09 -2.32
C ILE C 28 32.42 13.50 -2.02
N SER C 29 33.23 13.63 -0.98
CA SER C 29 33.66 14.95 -0.53
C SER C 29 34.84 14.85 0.45
N ALA C 30 35.66 15.89 0.50
CA ALA C 30 36.81 15.93 1.41
C ALA C 30 36.52 16.64 2.73
N GLY C 31 35.33 17.19 2.88
CA GLY C 31 34.93 17.87 4.11
C GLY C 31 35.32 19.33 4.21
N LYS C 32 34.95 19.96 5.32
CA LYS C 32 35.24 21.37 5.57
C LYS C 32 36.72 21.69 5.76
N PHE C 33 37.47 20.79 6.39
CA PHE C 33 38.92 20.93 6.41
C PHE C 33 39.57 19.60 6.02
N TYR C 34 40.75 19.68 5.39
CA TYR C 34 41.39 18.50 4.84
C TYR C 34 42.89 18.67 4.61
N ALA C 35 43.61 17.54 4.68
CA ALA C 35 45.03 17.50 4.38
C ALA C 35 45.30 17.76 2.89
N ASP C 36 44.41 17.25 2.05
CA ASP C 36 44.57 17.38 0.60
C ASP C 36 43.21 17.37 -0.09
N ALA C 37 42.97 18.35 -0.95
CA ALA C 37 41.64 18.55 -1.54
C ALA C 37 41.17 17.37 -2.40
N GLU C 38 42.11 16.54 -2.86
CA GLU C 38 41.77 15.38 -3.68
C GLU C 38 41.95 14.07 -2.94
N LYS C 39 43.08 13.89 -2.26
CA LYS C 39 43.36 12.63 -1.57
C LYS C 39 42.56 12.47 -0.28
N SER C 40 42.02 13.57 0.24
CA SER C 40 41.20 13.51 1.44
C SER C 40 39.73 13.20 1.12
N LYS C 41 39.40 13.10 -0.16
CA LYS C 41 38.04 12.79 -0.56
C LYS C 41 37.58 11.41 -0.08
N GLY C 42 36.30 11.29 0.25
CA GLY C 42 35.74 10.04 0.72
C GLY C 42 34.22 10.06 0.78
N LEU C 43 33.66 8.99 1.32
CA LEU C 43 32.20 8.87 1.43
C LEU C 43 31.72 9.67 2.62
N ARG C 44 30.91 10.69 2.36
CA ARG C 44 30.49 11.61 3.41
C ARG C 44 28.99 11.54 3.71
N LEU C 45 28.65 11.34 4.98
CA LEU C 45 27.25 11.33 5.40
C LEU C 45 26.80 12.77 5.63
N THR C 46 25.67 13.13 5.01
CA THR C 46 25.30 14.54 4.86
C THR C 46 24.19 15.04 5.79
N GLU C 47 23.27 14.15 6.17
CA GLU C 47 22.04 14.59 6.82
C GLU C 47 21.95 14.17 8.29
N ASP C 48 21.66 15.14 9.15
CA ASP C 48 21.51 14.89 10.58
C ASP C 48 20.29 14.01 10.88
N ALA C 49 20.40 13.21 11.94
CA ALA C 49 19.27 12.42 12.43
C ALA C 49 18.69 11.51 11.35
N ARG C 50 19.57 10.73 10.71
CA ARG C 50 19.13 9.82 9.67
C ARG C 50 19.80 8.46 9.78
N PHE C 51 19.12 7.41 9.30
CA PHE C 51 19.76 6.12 9.12
C PHE C 51 20.46 6.08 7.77
N TYR C 52 21.55 5.34 7.68
CA TYR C 52 22.24 5.13 6.41
C TYR C 52 22.37 3.65 6.11
N ALA C 53 22.29 3.30 4.84
CA ALA C 53 22.38 1.91 4.42
C ALA C 53 22.77 1.82 2.95
N LEU C 54 24.05 1.60 2.69
CA LEU C 54 24.54 1.40 1.33
C LEU C 54 25.61 0.33 1.32
N SER C 55 25.76 -0.33 0.17
CA SER C 55 26.63 -1.49 0.08
C SER C 55 27.24 -1.59 -1.31
N THR C 56 28.32 -2.37 -1.41
CA THR C 56 28.93 -2.66 -2.70
C THR C 56 29.40 -4.11 -2.70
N ALA C 57 29.45 -4.71 -3.88
CA ALA C 57 29.86 -6.10 -4.01
C ALA C 57 31.35 -6.21 -4.30
N PHE C 58 32.01 -7.16 -3.64
CA PHE C 58 33.40 -7.49 -3.96
C PHE C 58 33.48 -8.01 -5.38
N PRO C 59 34.51 -7.61 -6.12
CA PRO C 59 34.66 -8.11 -7.49
C PRO C 59 34.76 -9.63 -7.48
N THR C 60 35.47 -10.16 -6.48
CA THR C 60 35.50 -11.59 -6.22
C THR C 60 35.22 -11.85 -4.75
N PRO C 61 34.38 -12.85 -4.45
CA PRO C 61 34.05 -13.18 -3.06
C PRO C 61 35.31 -13.52 -2.28
N ILE C 62 35.30 -13.24 -0.99
CA ILE C 62 36.51 -13.34 -0.18
C ILE C 62 36.42 -14.47 0.84
N ASN C 63 37.41 -15.35 0.82
CA ASN C 63 37.50 -16.43 1.81
C ASN C 63 38.81 -16.35 2.59
N ASN C 64 38.92 -17.13 3.67
CA ASN C 64 40.14 -17.13 4.48
C ASN C 64 40.50 -18.49 5.07
N GLU C 65 40.40 -19.54 4.25
CA GLU C 65 40.76 -20.89 4.70
C GLU C 65 42.26 -21.03 4.93
N LYS C 66 42.64 -21.35 6.15
CA LYS C 66 44.03 -21.52 6.56
C LYS C 66 44.89 -20.31 6.22
N LYS C 67 44.27 -19.14 6.21
CA LYS C 67 44.95 -17.92 5.80
C LYS C 67 44.38 -16.73 6.54
N SER C 68 45.17 -15.66 6.64
CA SER C 68 44.76 -14.46 7.35
C SER C 68 43.72 -13.66 6.59
N LEU C 69 42.99 -12.83 7.33
CA LEU C 69 42.08 -11.86 6.75
C LEU C 69 42.25 -10.54 7.48
N VAL C 70 42.56 -9.49 6.73
CA VAL C 70 42.79 -8.17 7.29
C VAL C 70 41.79 -7.15 6.76
N VAL C 71 41.15 -6.44 7.68
CA VAL C 71 40.19 -5.39 7.35
C VAL C 71 40.64 -4.05 7.87
N SER C 72 40.61 -3.04 7.03
CA SER C 72 41.00 -1.69 7.44
C SER C 72 40.13 -0.64 6.79
N PHE C 73 39.85 0.42 7.53
CA PHE C 73 39.15 1.58 6.98
C PHE C 73 39.29 2.76 7.93
N SER C 74 39.01 3.96 7.43
CA SER C 74 39.10 5.15 8.27
C SER C 74 37.77 5.89 8.31
N VAL C 75 37.49 6.51 9.46
CA VAL C 75 36.35 7.41 9.61
C VAL C 75 36.82 8.74 10.19
N LYS C 76 36.29 9.84 9.67
CA LYS C 76 36.59 11.15 10.21
C LYS C 76 35.32 11.81 10.72
N HIS C 77 35.23 12.01 12.02
CA HIS C 77 34.09 12.69 12.62
C HIS C 77 34.44 14.14 12.86
N GLU C 78 34.47 14.94 11.80
CA GLU C 78 34.90 16.34 11.88
C GLU C 78 33.80 17.26 12.41
N GLN C 79 32.60 16.73 12.56
CA GLN C 79 31.41 17.52 12.88
C GLN C 79 31.13 17.79 14.36
N ASP C 80 31.96 17.22 15.26
CA ASP C 80 31.62 17.19 16.68
C ASP C 80 30.52 16.17 16.93
N LEU C 81 30.88 14.90 16.81
CA LEU C 81 29.92 13.82 16.97
C LEU C 81 29.61 13.62 18.44
N LYS C 82 28.32 13.54 18.76
CA LYS C 82 27.89 13.20 20.12
C LYS C 82 27.21 11.83 20.12
N CYS C 83 26.38 11.59 19.11
N CYS C 83 26.42 11.56 19.10
CA CYS C 83 25.76 10.28 18.91
CA CYS C 83 25.83 10.25 18.91
C CYS C 83 25.77 9.90 17.43
C CYS C 83 25.79 9.90 17.44
N GLY C 84 26.49 8.83 17.08
CA GLY C 84 26.48 8.32 15.73
C GLY C 84 27.46 7.20 15.53
N GLY C 85 27.18 6.36 14.53
CA GLY C 85 28.02 5.22 14.22
C GLY C 85 29.02 5.51 13.11
N GLY C 86 30.10 4.75 13.08
CA GLY C 86 31.10 4.87 12.04
C GLY C 86 31.73 3.52 11.73
N TYR C 87 30.92 2.47 11.80
CA TYR C 87 31.42 1.11 11.59
C TYR C 87 30.92 0.56 10.27
N ILE C 88 31.67 -0.40 9.73
CA ILE C 88 31.29 -1.06 8.48
C ILE C 88 30.92 -2.51 8.76
N LYS C 89 30.31 -3.15 7.78
CA LYS C 89 29.95 -4.57 7.91
C LYS C 89 30.46 -5.38 6.73
N LEU C 90 30.85 -6.62 7.00
CA LEU C 90 31.22 -7.55 5.94
C LEU C 90 30.18 -8.67 5.91
N LEU C 91 29.55 -8.86 4.75
CA LEU C 91 28.39 -9.74 4.66
C LEU C 91 28.52 -10.81 3.59
N PRO C 92 27.97 -12.00 3.87
CA PRO C 92 27.78 -13.05 2.85
C PRO C 92 26.64 -12.67 1.93
N SER C 93 26.34 -13.51 0.93
CA SER C 93 25.35 -13.20 -0.10
C SER C 93 24.10 -12.51 0.42
N MET C 94 23.82 -11.33 -0.12
CA MET C 94 22.65 -10.54 0.27
C MET C 94 22.09 -9.72 -0.89
N ASP C 95 20.88 -9.21 -0.71
CA ASP C 95 20.29 -8.27 -1.67
C ASP C 95 20.52 -6.85 -1.17
N PRO C 96 21.40 -6.10 -1.85
CA PRO C 96 21.78 -4.73 -1.44
C PRO C 96 20.57 -3.81 -1.25
N GLU C 97 19.52 -4.08 -2.01
CA GLU C 97 18.29 -3.29 -1.94
C GLU C 97 17.45 -3.66 -0.74
N LYS C 98 17.74 -4.81 -0.14
CA LYS C 98 17.00 -5.23 1.04
C LYS C 98 17.92 -5.14 2.26
N PHE C 99 19.01 -4.39 2.10
CA PHE C 99 20.03 -4.24 3.16
C PHE C 99 19.58 -3.36 4.32
N HIS C 100 19.63 -3.89 5.52
CA HIS C 100 19.28 -3.10 6.71
C HIS C 100 19.93 -3.69 7.97
N GLY C 101 19.64 -3.09 9.12
CA GLY C 101 20.22 -3.50 10.38
C GLY C 101 20.13 -4.99 10.68
N GLU C 102 19.12 -5.65 10.11
CA GLU C 102 18.85 -7.05 10.41
C GLU C 102 19.53 -8.01 9.44
N THR C 103 20.01 -7.48 8.31
CA THR C 103 20.75 -8.27 7.33
C THR C 103 21.90 -9.00 8.01
N LYS C 104 22.02 -10.31 7.73
CA LYS C 104 23.06 -11.12 8.34
C LYS C 104 24.45 -10.73 7.87
N TYR C 105 25.31 -10.36 8.81
CA TYR C 105 26.71 -10.05 8.52
C TYR C 105 27.61 -11.07 9.19
N TRP C 106 28.87 -11.11 8.76
CA TRP C 106 29.88 -11.90 9.45
C TRP C 106 30.65 -11.02 10.42
N LEU C 107 30.95 -9.80 9.98
CA LEU C 107 31.71 -8.87 10.81
C LEU C 107 31.09 -7.46 10.88
N MET C 108 31.04 -6.94 12.10
CA MET C 108 30.68 -5.55 12.33
CA MET C 108 30.68 -5.55 12.33
C MET C 108 31.84 -4.86 13.04
N PHE C 109 32.45 -3.89 12.38
CA PHE C 109 33.72 -3.35 12.82
C PHE C 109 33.80 -1.83 12.67
N GLY C 110 34.10 -1.15 13.78
CA GLY C 110 34.36 0.27 13.74
C GLY C 110 33.88 1.03 14.98
N PRO C 111 34.20 2.33 15.03
CA PRO C 111 33.85 3.18 16.18
C PRO C 111 32.35 3.46 16.25
N ASP C 112 31.83 3.58 17.46
CA ASP C 112 30.43 3.90 17.67
C ASP C 112 30.29 4.70 18.97
N ARG C 113 29.57 5.81 18.93
N ARG C 113 29.55 5.79 18.89
CA ARG C 113 29.45 6.60 20.16
CA ARG C 113 29.45 6.75 20.00
C ARG C 113 28.09 7.27 20.25
C ARG C 113 28.04 7.27 20.17
N CYS C 114 27.60 7.36 21.48
N CYS C 114 27.60 7.37 21.42
CA CYS C 114 26.34 8.03 21.75
CA CYS C 114 26.34 8.02 21.74
C CYS C 114 26.34 8.46 23.20
C CYS C 114 26.33 8.46 23.20
N GLY C 115 26.44 9.77 23.43
CA GLY C 115 26.54 10.30 24.76
C GLY C 115 27.88 9.92 25.35
N SER C 116 27.88 9.47 26.61
CA SER C 116 29.11 9.08 27.29
C SER C 116 29.50 7.67 26.89
N GLN C 117 28.73 7.09 26.00
CA GLN C 117 28.98 5.74 25.50
C GLN C 117 29.89 5.77 24.26
N ASN C 118 30.97 4.99 24.30
CA ASN C 118 32.00 5.01 23.26
C ASN C 118 32.76 3.70 23.25
N ARG C 119 32.79 3.04 22.10
CA ARG C 119 33.58 1.83 21.94
C ARG C 119 33.85 1.53 20.48
N VAL C 120 34.85 0.69 20.25
CA VAL C 120 35.09 0.15 18.92
C VAL C 120 34.43 -1.22 18.85
N HIS C 121 33.49 -1.37 17.93
CA HIS C 121 32.80 -2.64 17.76
C HIS C 121 33.67 -3.62 17.00
N ILE C 122 33.79 -4.84 17.53
CA ILE C 122 34.28 -5.97 16.76
C ILE C 122 33.34 -7.15 17.01
N ILE C 123 32.28 -7.23 16.19
CA ILE C 123 31.24 -8.21 16.41
C ILE C 123 31.31 -9.29 15.36
N LEU C 124 31.49 -10.52 15.82
CA LEU C 124 31.62 -11.66 14.92
C LEU C 124 30.37 -12.53 15.00
N HIS C 125 29.80 -12.84 13.84
CA HIS C 125 28.68 -13.78 13.80
C HIS C 125 29.22 -15.20 13.80
N TYR C 126 28.90 -15.93 14.87
CA TYR C 126 29.35 -17.30 15.01
C TYR C 126 28.27 -18.17 15.61
N ASN C 127 27.94 -19.26 14.92
CA ASN C 127 27.01 -20.24 15.46
C ASN C 127 25.62 -19.65 15.65
N GLY C 128 25.16 -18.89 14.65
CA GLY C 128 23.80 -18.35 14.66
C GLY C 128 23.56 -17.14 15.54
N GLU C 129 24.62 -16.59 16.12
CA GLU C 129 24.48 -15.44 16.99
C GLU C 129 25.58 -14.41 16.75
N ASN C 130 25.24 -13.13 16.91
CA ASN C 130 26.24 -12.08 16.85
C ASN C 130 26.97 -11.98 18.17
N ARG C 131 28.29 -12.12 18.14
CA ARG C 131 29.08 -12.14 19.37
C ARG C 131 29.83 -10.84 19.57
N GLU C 132 29.45 -10.08 20.59
CA GLU C 132 30.14 -8.83 20.86
C GLU C 132 31.50 -9.08 21.52
N TRP C 133 32.49 -8.33 21.05
CA TRP C 133 33.85 -8.34 21.60
C TRP C 133 33.83 -8.02 23.11
N SER C 134 34.46 -8.87 23.92
CA SER C 134 34.45 -8.70 25.37
C SER C 134 35.23 -7.48 25.82
N LYS C 135 36.22 -7.05 25.03
CA LYS C 135 37.02 -5.88 25.38
C LYS C 135 36.37 -4.60 24.85
N ARG C 136 36.49 -3.53 25.65
CA ARG C 136 35.89 -2.25 25.29
C ARG C 136 36.97 -1.19 25.16
N ILE C 137 37.42 -0.94 23.93
CA ILE C 137 38.38 0.12 23.64
C ILE C 137 37.64 1.35 23.13
N ARG C 138 37.83 2.48 23.80
CA ARG C 138 37.26 3.72 23.33
C ARG C 138 38.09 4.30 22.19
N PHE C 139 37.42 4.89 21.21
CA PHE C 139 38.11 5.53 20.10
C PHE C 139 38.27 7.03 20.37
N PRO C 140 39.28 7.67 19.76
CA PRO C 140 39.58 9.08 20.03
C PRO C 140 38.45 10.01 19.64
N GLU C 141 38.09 10.92 20.55
CA GLU C 141 36.98 11.82 20.33
C GLU C 141 37.48 13.20 19.89
N ASP C 142 37.82 13.29 18.61
CA ASP C 142 38.28 14.53 18.01
C ASP C 142 37.83 14.59 16.55
N LYS C 143 38.22 15.65 15.85
CA LYS C 143 37.76 15.85 14.49
C LYS C 143 38.70 15.24 13.44
N LEU C 144 39.75 14.56 13.90
CA LEU C 144 40.75 14.01 13.00
C LEU C 144 40.33 12.66 12.41
N THR C 145 41.00 12.29 11.32
CA THR C 145 40.79 11.00 10.68
C THR C 145 41.45 9.90 11.51
N HIS C 146 40.71 8.83 11.76
CA HIS C 146 41.28 7.69 12.46
C HIS C 146 41.06 6.41 11.68
N VAL C 147 42.02 5.50 11.78
CA VAL C 147 42.01 4.26 10.99
C VAL C 147 41.78 3.04 11.87
N TYR C 148 40.93 2.13 11.42
CA TYR C 148 40.63 0.92 12.18
C TYR C 148 41.00 -0.33 11.36
N THR C 149 41.95 -1.11 11.88
CA THR C 149 42.47 -2.27 11.17
C THR C 149 42.38 -3.53 12.02
N LEU C 150 41.91 -4.61 11.42
CA LEU C 150 41.73 -5.86 12.13
C LEU C 150 42.44 -7.01 11.43
N HIS C 151 43.26 -7.72 12.17
CA HIS C 151 43.89 -8.92 11.66
C HIS C 151 43.29 -10.16 12.32
N ILE C 152 42.60 -10.96 11.52
CA ILE C 152 42.13 -12.28 11.98
C ILE C 152 43.06 -13.34 11.42
N ALA C 153 43.85 -13.96 12.30
CA ALA C 153 44.86 -14.91 11.87
C ALA C 153 44.30 -16.34 11.86
N ALA C 154 44.95 -17.22 11.10
CA ALA C 154 44.44 -18.59 10.90
C ALA C 154 44.70 -19.47 12.11
N ASP C 155 45.45 -18.96 13.08
CA ASP C 155 45.66 -19.68 14.33
C ASP C 155 44.65 -19.24 15.39
N ASN C 156 43.57 -18.62 14.93
CA ASN C 156 42.53 -18.10 15.81
C ASN C 156 42.96 -16.97 16.76
N SER C 157 44.12 -16.36 16.48
CA SER C 157 44.49 -15.12 17.16
C SER C 157 43.99 -13.93 16.35
N TYR C 158 44.07 -12.75 16.96
CA TYR C 158 43.65 -11.52 16.29
C TYR C 158 44.47 -10.35 16.81
N GLU C 159 44.44 -9.25 16.06
CA GLU C 159 45.08 -8.03 16.52
C GLU C 159 44.32 -6.83 15.95
N PHE C 160 44.05 -5.85 16.80
CA PHE C 160 43.34 -4.64 16.41
C PHE C 160 44.27 -3.43 16.45
N PHE C 161 44.30 -2.68 15.36
CA PHE C 161 45.16 -1.51 15.26
C PHE C 161 44.35 -0.24 15.15
N LEU C 162 44.77 0.78 15.89
CA LEU C 162 44.19 2.10 15.77
C LEU C 162 45.24 3.10 15.29
N ASP C 163 44.95 3.76 14.17
CA ASP C 163 45.88 4.67 13.54
C ASP C 163 47.23 4.03 13.28
N GLY C 164 47.21 2.75 12.92
CA GLY C 164 48.42 2.04 12.55
C GLY C 164 49.15 1.42 13.72
N GLU C 165 48.73 1.76 14.95
CA GLU C 165 49.40 1.27 16.15
C GLU C 165 48.55 0.22 16.85
N SER C 166 49.20 -0.82 17.37
CA SER C 166 48.48 -1.93 18.01
C SER C 166 47.77 -1.50 19.29
N LYS C 167 46.47 -1.76 19.37
CA LYS C 167 45.68 -1.42 20.54
C LYS C 167 45.17 -2.64 21.30
N ALA C 168 44.89 -3.72 20.59
CA ALA C 168 44.43 -4.95 21.24
C ALA C 168 44.93 -6.20 20.54
N LYS C 169 45.18 -7.23 21.32
CA LYS C 169 45.82 -8.45 20.85
C LYS C 169 45.45 -9.64 21.73
N GLY C 170 45.08 -10.76 21.11
CA GLY C 170 44.72 -11.94 21.87
C GLY C 170 44.16 -13.09 21.08
N GLN C 171 43.35 -13.91 21.75
CA GLN C 171 42.78 -15.10 21.15
C GLN C 171 41.28 -14.92 21.00
N LEU C 172 40.74 -15.31 19.84
CA LEU C 172 39.30 -15.22 19.60
C LEU C 172 38.49 -15.98 20.64
N GLU C 173 38.97 -17.17 20.99
CA GLU C 173 38.30 -18.04 21.94
C GLU C 173 38.23 -17.42 23.34
N GLU C 174 39.24 -16.61 23.68
CA GLU C 174 39.31 -16.01 25.00
C GLU C 174 38.62 -14.64 25.10
N ASP C 175 38.67 -13.86 24.02
CA ASP C 175 38.13 -12.50 24.07
C ASP C 175 36.71 -12.37 23.51
N TRP C 176 36.13 -13.49 23.07
CA TRP C 176 34.71 -13.54 22.75
C TRP C 176 34.07 -14.73 23.47
N SER C 177 32.74 -14.73 23.54
CA SER C 177 32.03 -15.92 24.01
C SER C 177 31.56 -16.74 22.81
N LEU C 178 32.47 -17.53 22.28
CA LEU C 178 32.19 -18.32 21.09
C LEU C 178 31.91 -19.77 21.43
N LEU C 179 32.72 -20.34 22.32
CA LEU C 179 32.64 -21.76 22.62
C LEU C 179 32.11 -22.02 24.04
N LEU C 180 31.79 -23.28 24.32
CA LEU C 180 31.38 -23.70 25.66
C LEU C 180 32.55 -23.56 26.64
N PRO C 181 32.25 -23.65 27.94
CA PRO C 181 33.31 -23.64 28.96
C PRO C 181 34.13 -24.92 28.92
N ARG C 182 35.43 -24.80 29.09
CA ARG C 182 36.31 -25.97 29.06
C ARG C 182 36.17 -26.78 30.35
N GLU C 183 35.90 -26.09 31.44
CA GLU C 183 35.68 -26.73 32.74
C GLU C 183 34.19 -26.76 33.04
N ILE C 184 33.74 -27.80 33.77
CA ILE C 184 32.34 -27.91 34.15
C ILE C 184 32.03 -26.88 35.22
N VAL C 185 33.00 -26.66 36.10
CA VAL C 185 32.98 -25.58 37.07
C VAL C 185 34.37 -24.97 37.09
N ASP C 186 34.45 -23.65 37.05
CA ASP C 186 35.74 -22.95 36.96
C ASP C 186 36.63 -23.17 38.19
N GLY C 187 37.90 -23.49 37.94
CA GLY C 187 38.87 -23.70 39.00
C GLY C 187 38.77 -25.08 39.60
N SER C 188 37.82 -25.88 39.12
CA SER C 188 37.61 -27.22 39.65
C SER C 188 38.65 -28.17 39.09
N GLY C 189 39.07 -27.88 37.87
CA GLY C 189 40.03 -28.72 37.17
C GLY C 189 39.31 -29.87 36.49
N ILE C 190 38.01 -29.97 36.70
CA ILE C 190 37.20 -30.99 36.03
C ILE C 190 36.79 -30.52 34.64
N PRO C 191 37.17 -31.29 33.61
CA PRO C 191 36.86 -30.94 32.23
C PRO C 191 35.36 -31.05 31.91
N ASN C 192 34.89 -30.18 31.02
CA ASN C 192 33.53 -30.25 30.52
C ASN C 192 33.49 -31.05 29.23
N PRO C 193 33.00 -32.30 29.32
CA PRO C 193 33.03 -33.23 28.19
C PRO C 193 32.17 -32.76 27.01
N ASP C 194 31.22 -31.88 27.28
CA ASP C 194 30.38 -31.32 26.22
C ASP C 194 31.13 -30.26 25.43
N PHE C 195 32.27 -29.81 25.94
CA PHE C 195 33.05 -28.81 25.23
C PHE C 195 33.43 -29.29 23.83
N VAL C 196 33.25 -28.41 22.86
CA VAL C 196 33.63 -28.74 21.50
C VAL C 196 34.70 -27.78 20.99
N GLU C 197 35.75 -28.34 20.41
CA GLU C 197 36.86 -27.57 19.91
C GLU C 197 36.53 -27.04 18.52
N ASP C 198 36.90 -25.79 18.25
CA ASP C 198 36.75 -25.25 16.90
C ASP C 198 38.02 -24.55 16.43
N SER C 199 38.71 -25.16 15.47
CA SER C 199 39.94 -24.60 14.94
C SER C 199 39.63 -23.60 13.83
N GLU C 200 38.36 -23.44 13.51
CA GLU C 200 37.94 -22.55 12.43
C GLU C 200 37.07 -21.41 12.93
N LEU C 201 37.31 -20.95 14.15
CA LEU C 201 36.65 -19.76 14.66
C LEU C 201 36.90 -18.58 13.72
N HIS C 202 38.14 -18.44 13.29
CA HIS C 202 38.54 -17.37 12.39
C HIS C 202 37.88 -17.42 11.01
N LYS C 203 37.50 -18.62 10.56
CA LYS C 203 37.08 -18.80 9.18
C LYS C 203 35.67 -18.28 8.96
N VAL C 204 35.47 -17.58 7.85
CA VAL C 204 34.13 -17.15 7.47
C VAL C 204 33.29 -18.38 7.15
N PRO C 205 32.09 -18.46 7.73
CA PRO C 205 31.20 -19.62 7.55
C PRO C 205 30.79 -19.75 6.10
N GLU C 206 30.34 -18.64 5.52
CA GLU C 206 30.08 -18.56 4.08
C GLU C 206 31.06 -17.54 3.50
N PRO C 207 31.33 -17.62 2.19
CA PRO C 207 32.20 -16.60 1.59
C PRO C 207 31.61 -15.20 1.69
N LEU C 208 32.48 -14.19 1.82
CA LEU C 208 32.06 -12.80 1.97
C LEU C 208 31.88 -12.13 0.61
N THR C 209 30.80 -11.37 0.45
CA THR C 209 30.40 -10.89 -0.87
C THR C 209 30.15 -9.38 -0.95
N HIS C 210 29.81 -8.77 0.18
CA HIS C 210 29.54 -7.33 0.19
C HIS C 210 30.19 -6.60 1.37
N VAL C 211 30.43 -5.30 1.16
CA VAL C 211 30.68 -4.37 2.25
C VAL C 211 29.47 -3.46 2.36
N GLY C 212 29.07 -3.16 3.57
CA GLY C 212 27.95 -2.26 3.78
C GLY C 212 28.25 -1.27 4.89
N ILE C 213 27.67 -0.08 4.76
CA ILE C 213 27.71 0.92 5.82
C ILE C 213 26.29 1.09 6.36
N ASP C 214 26.07 0.63 7.58
CA ASP C 214 24.76 0.68 8.18
C ASP C 214 24.85 1.39 9.52
N VAL C 215 24.63 2.69 9.52
CA VAL C 215 24.78 3.48 10.73
C VAL C 215 23.66 4.48 10.94
N TRP C 216 23.47 4.86 12.20
CA TRP C 216 22.59 5.96 12.57
C TRP C 216 23.45 7.12 13.02
N GLN C 217 23.11 8.32 12.55
CA GLN C 217 23.84 9.52 12.94
C GLN C 217 22.94 10.69 13.30
N VAL C 218 23.13 11.23 14.49
CA VAL C 218 22.46 12.46 14.87
C VAL C 218 23.21 13.66 14.29
N GLU C 219 24.45 13.84 14.70
CA GLU C 219 25.29 14.86 14.07
C GLU C 219 26.05 14.23 12.91
N SER C 220 25.65 14.56 11.68
CA SER C 220 26.22 13.96 10.47
C SER C 220 27.51 14.66 10.05
N GLY C 221 28.11 14.19 8.96
CA GLY C 221 29.30 14.81 8.43
C GLY C 221 30.51 13.89 8.38
N SER C 222 30.32 12.65 8.80
CA SER C 222 31.42 11.68 8.84
C SER C 222 31.89 11.33 7.44
N ILE C 223 33.19 11.03 7.33
CA ILE C 223 33.78 10.67 6.04
C ILE C 223 34.52 9.34 6.13
N PHE C 224 34.09 8.38 5.30
CA PHE C 224 34.71 7.06 5.26
C PHE C 224 35.76 7.00 4.16
N LYS C 225 36.88 6.34 4.43
CA LYS C 225 37.91 6.17 3.42
C LYS C 225 38.63 4.83 3.50
N ASP C 226 39.21 4.43 2.37
CA ASP C 226 40.16 3.31 2.29
C ASP C 226 39.73 2.04 2.99
N ILE C 227 38.61 1.47 2.53
CA ILE C 227 38.21 0.15 2.98
C ILE C 227 39.06 -0.91 2.29
N VAL C 228 40.05 -1.45 3.02
CA VAL C 228 40.96 -2.43 2.47
C VAL C 228 40.76 -3.82 3.09
N ILE C 229 40.80 -4.85 2.24
CA ILE C 229 40.70 -6.24 2.70
C ILE C 229 41.71 -7.11 1.96
N GLY C 230 42.45 -7.92 2.72
CA GLY C 230 43.50 -8.75 2.15
C GLY C 230 43.89 -9.90 3.07
N ASP C 231 44.99 -10.57 2.74
CA ASP C 231 45.45 -11.72 3.52
C ASP C 231 46.84 -11.53 4.11
N ASP C 232 47.39 -10.33 3.97
CA ASP C 232 48.71 -10.03 4.51
C ASP C 232 48.67 -8.73 5.33
N LEU C 233 49.16 -8.79 6.56
CA LEU C 233 49.03 -7.67 7.48
C LEU C 233 49.96 -6.52 7.11
N LYS C 234 51.23 -6.83 6.84
CA LYS C 234 52.19 -5.80 6.46
C LYS C 234 51.74 -5.05 5.21
N GLU C 235 51.21 -5.79 4.25
CA GLU C 235 50.71 -5.21 3.02
C GLU C 235 49.67 -4.13 3.27
N VAL C 236 48.73 -4.43 4.17
CA VAL C 236 47.68 -3.49 4.52
C VAL C 236 48.20 -2.30 5.31
N LEU C 237 49.12 -2.55 6.26
CA LEU C 237 49.69 -1.47 7.06
C LEU C 237 50.56 -0.54 6.23
N ASP C 238 51.24 -1.10 5.23
CA ASP C 238 51.98 -0.28 4.29
C ASP C 238 51.02 0.63 3.54
N LEU C 239 49.86 0.09 3.19
CA LEU C 239 48.85 0.83 2.46
C LEU C 239 48.22 1.90 3.36
N VAL C 240 48.20 1.64 4.66
CA VAL C 240 47.68 2.61 5.62
C VAL C 240 48.64 3.78 5.76
N GLU C 241 49.94 3.48 5.69
CA GLU C 241 50.94 4.54 5.71
C GLU C 241 50.82 5.47 4.51
N LYS C 242 50.65 4.89 3.34
CA LYS C 242 50.55 5.67 2.12
C LYS C 242 49.29 6.53 2.10
N THR C 243 48.15 5.93 2.44
CA THR C 243 46.87 6.64 2.43
C THR C 243 46.66 7.55 3.65
N TYR C 244 46.92 7.05 4.85
CA TYR C 244 46.60 7.80 6.06
C TYR C 244 47.83 8.41 6.72
N GLY C 245 48.86 7.60 6.91
CA GLY C 245 50.07 8.05 7.57
C GLY C 245 50.72 9.26 6.91
N GLY C 246 50.61 9.34 5.58
CA GLY C 246 51.14 10.47 4.84
C GLY C 246 50.39 11.75 5.10
N LEU C 247 49.06 11.66 5.13
CA LEU C 247 48.20 12.83 5.25
C LEU C 247 48.09 13.37 6.68
N LYS C 248 48.67 12.65 7.64
CA LYS C 248 48.52 12.98 9.05
C LYS C 248 48.91 14.43 9.38
N LYS C 249 50.16 14.80 9.10
CA LYS C 249 50.66 16.11 9.49
C LYS C 249 49.92 17.22 8.78
N ALA C 250 49.58 16.99 7.51
CA ALA C 250 48.84 17.99 6.73
C ALA C 250 47.46 18.23 7.33
N GLU C 251 46.75 17.15 7.64
CA GLU C 251 45.41 17.25 8.22
C GLU C 251 45.43 18.00 9.55
N ALA C 252 46.37 17.63 10.42
CA ALA C 252 46.52 18.28 11.71
C ALA C 252 46.79 19.78 11.55
N ASP C 253 47.57 20.14 10.55
CA ASP C 253 47.85 21.54 10.27
C ASP C 253 46.62 22.22 9.67
N ALA C 254 45.86 21.48 8.86
CA ALA C 254 44.60 21.98 8.33
C ALA C 254 43.64 22.15 9.49
N LEU C 255 43.68 21.19 10.41
CA LEU C 255 42.90 21.26 11.63
C LEU C 255 43.34 22.44 12.48
N LYS C 256 44.63 22.75 12.45
CA LYS C 256 45.14 23.89 13.22
C LYS C 256 44.72 25.25 12.64
N VAL C 257 44.71 25.35 11.31
CA VAL C 257 44.32 26.58 10.61
C VAL C 257 42.86 26.94 10.85
N MET C 258 41.96 25.98 10.68
CA MET C 258 40.62 26.14 11.21
C MET C 258 40.83 25.97 12.70
N GLU C 259 40.12 26.74 13.53
CA GLU C 259 40.25 26.74 15.00
C GLU C 259 41.15 27.89 15.45
N ASP C 260 41.96 28.44 14.54
CA ASP C 260 42.64 29.69 14.85
C ASP C 260 41.64 30.78 14.49
N MET C 261 40.86 30.47 13.47
CA MET C 261 39.80 31.32 12.99
C MET C 261 38.72 31.40 14.06
N GLU C 262 38.77 30.46 14.98
CA GLU C 262 37.79 30.32 16.05
C GLU C 262 38.37 30.69 17.41
N THR D 1 23.70 4.28 -23.24
CA THR D 1 22.48 4.62 -23.97
C THR D 1 22.37 3.77 -25.25
N VAL D 2 21.28 3.00 -25.31
CA VAL D 2 20.95 2.05 -26.37
C VAL D 2 21.51 0.71 -25.91
N TYR D 3 20.69 -0.01 -25.16
CA TYR D 3 21.11 -1.23 -24.51
C TYR D 3 21.24 -2.41 -25.46
N PHE D 4 20.52 -2.32 -26.58
CA PHE D 4 20.27 -3.51 -27.37
C PHE D 4 19.73 -3.16 -28.76
N HIS D 5 20.21 -3.88 -29.76
CA HIS D 5 19.77 -3.70 -31.12
C HIS D 5 19.91 -4.99 -31.90
N GLU D 6 18.81 -5.73 -32.01
CA GLU D 6 18.79 -6.95 -32.80
C GLU D 6 18.56 -6.62 -34.26
N GLU D 7 19.56 -6.87 -35.09
CA GLU D 7 19.46 -6.60 -36.52
C GLU D 7 18.96 -7.84 -37.26
N PHE D 8 18.98 -8.96 -36.57
CA PHE D 8 18.63 -10.25 -37.16
C PHE D 8 19.46 -10.52 -38.41
N LYS D 9 20.76 -10.27 -38.32
CA LYS D 9 21.69 -10.69 -39.35
C LYS D 9 21.90 -12.18 -39.15
N SER D 10 21.70 -12.62 -37.92
CA SER D 10 21.77 -14.02 -37.54
C SER D 10 20.67 -14.35 -36.54
N MET D 11 20.55 -15.63 -36.21
CA MET D 11 19.55 -16.10 -35.26
C MET D 11 20.18 -17.12 -34.31
N GLU D 12 21.49 -17.30 -34.45
CA GLU D 12 22.25 -18.30 -33.72
C GLU D 12 22.07 -18.13 -32.22
N HIS D 13 21.99 -16.88 -31.79
CA HIS D 13 21.85 -16.53 -30.38
C HIS D 13 20.41 -16.54 -29.86
N TRP D 14 19.46 -16.81 -30.74
CA TRP D 14 18.06 -16.90 -30.31
C TRP D 14 17.64 -18.33 -30.01
N THR D 15 17.07 -18.53 -28.83
CA THR D 15 16.67 -19.88 -28.43
C THR D 15 15.17 -20.07 -28.62
N THR D 16 14.80 -21.10 -29.38
CA THR D 16 13.40 -21.40 -29.66
C THR D 16 12.91 -22.43 -28.62
N SER D 17 11.74 -22.18 -28.04
CA SER D 17 11.21 -22.92 -26.89
C SER D 17 10.98 -24.41 -27.08
N LYS D 18 10.96 -25.13 -25.96
CA LYS D 18 10.61 -26.55 -25.94
C LYS D 18 9.28 -26.83 -25.29
N HIS D 19 8.45 -25.81 -25.15
CA HIS D 19 7.14 -25.97 -24.56
C HIS D 19 6.25 -26.81 -25.49
N ARG D 20 6.59 -26.80 -26.77
CA ARG D 20 5.94 -27.66 -27.76
C ARG D 20 6.98 -28.08 -28.82
N ASP D 21 6.93 -29.32 -29.28
CA ASP D 21 7.87 -29.78 -30.30
C ASP D 21 7.44 -29.47 -31.73
N ASP D 22 6.40 -28.67 -31.88
CA ASP D 22 5.87 -28.41 -33.21
C ASP D 22 5.77 -26.91 -33.48
N PHE D 23 6.57 -26.12 -32.79
CA PHE D 23 6.68 -24.68 -33.07
C PHE D 23 7.11 -24.47 -34.52
N GLY D 24 6.70 -23.33 -35.08
CA GLY D 24 6.94 -23.05 -36.49
C GLY D 24 8.41 -22.79 -36.77
N LYS D 25 8.80 -23.01 -38.01
CA LYS D 25 10.19 -22.81 -38.40
C LYS D 25 10.42 -21.35 -38.78
N VAL D 26 11.58 -20.82 -38.41
CA VAL D 26 11.94 -19.43 -38.73
C VAL D 26 13.26 -19.40 -39.47
N GLU D 27 13.51 -18.33 -40.22
CA GLU D 27 14.74 -18.21 -40.96
C GLU D 27 15.15 -16.75 -41.13
N ILE D 28 16.44 -16.51 -41.36
CA ILE D 28 16.91 -15.19 -41.72
C ILE D 28 16.68 -15.01 -43.21
N SER D 29 15.97 -13.94 -43.56
CA SER D 29 15.57 -13.75 -44.95
C SER D 29 15.03 -12.35 -45.23
N ALA D 30 15.13 -11.94 -46.49
CA ALA D 30 14.54 -10.69 -46.92
C ALA D 30 13.17 -11.08 -47.43
N GLY D 31 12.39 -10.15 -47.98
CA GLY D 31 11.07 -10.51 -48.45
C GLY D 31 11.04 -11.15 -49.83
N LYS D 32 9.85 -11.51 -50.30
CA LYS D 32 9.69 -11.97 -51.66
C LYS D 32 10.05 -10.78 -52.53
N PHE D 33 9.76 -9.60 -52.00
CA PHE D 33 10.18 -8.33 -52.57
C PHE D 33 10.83 -7.55 -51.44
N TYR D 34 11.81 -6.69 -51.77
CA TYR D 34 12.59 -6.02 -50.73
C TYR D 34 13.27 -4.76 -51.24
N ALA D 35 13.49 -3.80 -50.34
CA ALA D 35 14.22 -2.59 -50.66
C ALA D 35 15.69 -2.89 -50.95
N ASP D 36 16.26 -3.83 -50.21
CA ASP D 36 17.67 -4.20 -50.37
C ASP D 36 17.88 -5.65 -49.96
N ALA D 37 18.53 -6.42 -50.82
CA ALA D 37 18.65 -7.86 -50.65
C ALA D 37 19.39 -8.25 -49.37
N GLU D 38 20.18 -7.34 -48.82
CA GLU D 38 20.93 -7.63 -47.59
C GLU D 38 20.39 -6.89 -46.37
N LYS D 39 20.11 -5.60 -46.53
CA LYS D 39 19.68 -4.77 -45.41
C LYS D 39 18.23 -5.03 -45.03
N SER D 40 17.46 -5.61 -45.95
CA SER D 40 16.06 -5.92 -45.70
C SER D 40 15.92 -7.27 -45.01
N LYS D 41 17.05 -7.95 -44.82
CA LYS D 41 17.04 -9.26 -44.16
C LYS D 41 16.56 -9.13 -42.70
N GLY D 42 15.87 -10.17 -42.24
CA GLY D 42 15.34 -10.19 -40.89
C GLY D 42 14.82 -11.56 -40.49
N LEU D 43 14.19 -11.62 -39.31
CA LEU D 43 13.65 -12.86 -38.79
C LEU D 43 12.29 -13.13 -39.44
N ARG D 44 12.23 -14.22 -40.21
CA ARG D 44 11.03 -14.52 -40.99
C ARG D 44 10.35 -15.80 -40.51
N LEU D 45 9.07 -15.68 -40.20
CA LEU D 45 8.26 -16.83 -39.81
C LEU D 45 7.75 -17.49 -41.09
N THR D 46 7.97 -18.79 -41.19
CA THR D 46 7.83 -19.54 -42.45
C THR D 46 6.58 -20.39 -42.61
N GLU D 47 6.03 -20.88 -41.50
CA GLU D 47 5.01 -21.93 -41.60
C GLU D 47 3.61 -21.45 -41.21
N ASP D 48 2.65 -21.72 -42.09
CA ASP D 48 1.27 -21.32 -41.86
C ASP D 48 0.67 -22.08 -40.69
N ALA D 49 -0.24 -21.42 -39.98
CA ALA D 49 -1.01 -22.06 -38.93
C ALA D 49 -0.10 -22.67 -37.86
N ARG D 50 0.85 -21.88 -37.36
CA ARG D 50 1.76 -22.36 -36.33
C ARG D 50 1.96 -21.34 -35.20
N PHE D 51 2.24 -21.86 -34.02
CA PHE D 51 2.69 -21.00 -32.93
C PHE D 51 4.18 -20.78 -33.07
N TYR D 52 4.65 -19.62 -32.64
CA TYR D 52 6.07 -19.34 -32.61
C TYR D 52 6.48 -18.92 -31.21
N ALA D 53 7.68 -19.31 -30.80
CA ALA D 53 8.19 -18.99 -29.47
C ALA D 53 9.71 -19.08 -29.47
N LEU D 54 10.36 -17.94 -29.61
CA LEU D 54 11.82 -17.87 -29.52
C LEU D 54 12.24 -16.61 -28.79
N SER D 55 13.39 -16.66 -28.15
CA SER D 55 13.83 -15.58 -27.26
C SER D 55 15.34 -15.45 -27.27
N THR D 56 15.82 -14.29 -26.82
CA THR D 56 17.24 -14.07 -26.65
C THR D 56 17.47 -13.25 -25.39
N ALA D 57 18.65 -13.42 -24.78
CA ALA D 57 18.95 -12.72 -23.54
C ALA D 57 19.70 -11.42 -23.80
N PHE D 58 19.32 -10.37 -23.08
CA PHE D 58 20.07 -9.12 -23.13
C PHE D 58 21.48 -9.39 -22.60
N PRO D 59 22.49 -8.80 -23.24
CA PRO D 59 23.85 -8.98 -22.74
C PRO D 59 23.95 -8.46 -21.31
N THR D 60 23.26 -7.35 -21.04
CA THR D 60 23.12 -6.83 -19.69
C THR D 60 21.65 -6.55 -19.39
N PRO D 61 21.19 -6.92 -18.19
CA PRO D 61 19.78 -6.69 -17.82
C PRO D 61 19.43 -5.21 -17.90
N ILE D 62 18.19 -4.91 -18.22
CA ILE D 62 17.77 -3.53 -18.51
C ILE D 62 16.82 -2.99 -17.45
N ASN D 63 17.18 -1.84 -16.88
CA ASN D 63 16.32 -1.17 -15.92
C ASN D 63 15.97 0.23 -16.44
N ASN D 64 15.02 0.89 -15.81
CA ASN D 64 14.63 2.23 -16.21
C ASN D 64 14.29 3.06 -14.98
N GLU D 65 15.09 2.91 -13.95
CA GLU D 65 14.89 3.64 -12.70
C GLU D 65 15.19 5.13 -12.87
N LYS D 66 14.17 5.95 -12.60
CA LYS D 66 14.26 7.41 -12.71
C LYS D 66 14.72 7.81 -14.11
N LYS D 67 14.37 6.97 -15.08
CA LYS D 67 14.90 7.10 -16.43
C LYS D 67 13.92 6.61 -17.52
N SER D 68 14.10 7.09 -18.75
CA SER D 68 13.27 6.67 -19.87
C SER D 68 13.60 5.26 -20.34
N LEU D 69 12.63 4.64 -21.01
CA LEU D 69 12.82 3.37 -21.69
C LEU D 69 12.11 3.41 -23.02
N VAL D 70 12.85 3.16 -24.10
CA VAL D 70 12.28 3.20 -25.44
C VAL D 70 12.42 1.86 -26.15
N VAL D 71 11.31 1.36 -26.68
CA VAL D 71 11.28 0.10 -27.41
C VAL D 71 10.81 0.33 -28.84
N SER D 72 11.55 -0.24 -29.78
CA SER D 72 11.19 -0.11 -31.19
C SER D 72 11.51 -1.40 -31.96
N PHE D 73 10.66 -1.73 -32.93
CA PHE D 73 10.91 -2.85 -33.81
C PHE D 73 9.98 -2.75 -35.02
N SER D 74 10.32 -3.49 -36.07
CA SER D 74 9.48 -3.47 -37.25
C SER D 74 8.98 -4.87 -37.60
N VAL D 75 7.77 -4.94 -38.15
CA VAL D 75 7.25 -6.17 -38.72
C VAL D 75 6.75 -5.90 -40.12
N LYS D 76 7.02 -6.83 -41.03
CA LYS D 76 6.52 -6.73 -42.39
C LYS D 76 5.61 -7.91 -42.70
N HIS D 77 4.33 -7.64 -42.91
CA HIS D 77 3.37 -8.66 -43.26
C HIS D 77 3.12 -8.67 -44.77
N GLU D 78 4.09 -9.18 -45.52
CA GLU D 78 4.03 -9.15 -46.99
C GLU D 78 3.14 -10.25 -47.57
N GLN D 79 2.69 -11.16 -46.71
CA GLN D 79 1.98 -12.35 -47.14
C GLN D 79 0.47 -12.20 -47.38
N ASP D 80 -0.08 -11.03 -47.07
CA ASP D 80 -1.54 -10.85 -47.01
C ASP D 80 -2.07 -11.51 -45.76
N LEU D 81 -1.77 -10.90 -44.63
CA LEU D 81 -2.16 -11.43 -43.34
C LEU D 81 -3.65 -11.19 -43.11
N LYS D 82 -4.36 -12.23 -42.69
CA LYS D 82 -5.75 -12.12 -42.28
C LYS D 82 -5.87 -12.37 -40.77
N CYS D 83 -5.17 -13.39 -40.29
CA CYS D 83 -5.09 -13.66 -38.85
C CYS D 83 -3.67 -14.03 -38.45
N GLY D 84 -3.05 -13.18 -37.64
CA GLY D 84 -1.72 -13.46 -37.10
C GLY D 84 -1.12 -12.31 -36.32
N GLY D 85 -0.22 -12.63 -35.40
CA GLY D 85 0.39 -11.64 -34.54
C GLY D 85 1.74 -11.15 -35.03
N GLY D 86 2.11 -9.94 -34.60
CA GLY D 86 3.39 -9.36 -34.95
C GLY D 86 3.93 -8.52 -33.81
N TYR D 87 3.68 -8.98 -32.59
CA TYR D 87 4.11 -8.26 -31.40
C TYR D 87 5.25 -9.01 -30.69
N ILE D 88 6.07 -8.26 -29.96
CA ILE D 88 7.16 -8.82 -29.19
C ILE D 88 6.90 -8.66 -27.70
N LYS D 89 7.68 -9.36 -26.87
CA LYS D 89 7.55 -9.28 -25.43
C LYS D 89 8.87 -8.98 -24.74
N LEU D 90 8.81 -8.20 -23.67
CA LEU D 90 9.97 -7.96 -22.83
C LEU D 90 9.75 -8.61 -21.48
N LEU D 91 10.66 -9.50 -21.07
CA LEU D 91 10.42 -10.35 -19.91
C LEU D 91 11.53 -10.29 -18.88
N PRO D 92 11.15 -10.38 -17.59
CA PRO D 92 12.11 -10.61 -16.50
C PRO D 92 12.62 -12.05 -16.54
N SER D 93 13.52 -12.41 -15.63
CA SER D 93 14.19 -13.72 -15.65
C SER D 93 13.26 -14.88 -15.99
N MET D 94 13.61 -15.61 -17.05
CA MET D 94 12.84 -16.78 -17.46
C MET D 94 13.73 -17.84 -18.08
N ASP D 95 13.19 -19.04 -18.23
CA ASP D 95 13.87 -20.11 -18.96
C ASP D 95 13.33 -20.16 -20.38
N PRO D 96 14.18 -19.83 -21.36
CA PRO D 96 13.80 -19.84 -22.79
C PRO D 96 13.20 -21.18 -23.20
N GLU D 97 13.53 -22.22 -22.45
CA GLU D 97 13.10 -23.58 -22.75
C GLU D 97 11.63 -23.78 -22.42
N LYS D 98 11.13 -22.96 -21.50
CA LYS D 98 9.75 -23.10 -21.08
C LYS D 98 8.95 -21.87 -21.50
N PHE D 99 9.50 -21.11 -22.44
CA PHE D 99 8.86 -19.88 -22.88
C PHE D 99 7.61 -20.18 -23.69
N HIS D 100 6.49 -19.62 -23.24
CA HIS D 100 5.23 -19.77 -23.95
C HIS D 100 4.27 -18.63 -23.58
N GLY D 101 3.05 -18.70 -24.10
CA GLY D 101 2.06 -17.65 -23.89
C GLY D 101 1.83 -17.26 -22.44
N GLU D 102 2.11 -18.18 -21.52
CA GLU D 102 1.83 -17.97 -20.10
C GLU D 102 3.02 -17.42 -19.33
N THR D 103 4.21 -17.48 -19.94
CA THR D 103 5.41 -16.91 -19.35
C THR D 103 5.20 -15.44 -18.97
N LYS D 104 5.58 -15.09 -17.75
CA LYS D 104 5.38 -13.74 -17.25
C LYS D 104 6.24 -12.73 -18.00
N TYR D 105 5.57 -11.74 -18.61
CA TYR D 105 6.26 -10.64 -19.27
C TYR D 105 5.96 -9.33 -18.55
N TRP D 106 6.75 -8.30 -18.85
CA TRP D 106 6.43 -6.96 -18.38
C TRP D 106 5.70 -6.21 -19.48
N LEU D 107 6.17 -6.37 -20.70
CA LEU D 107 5.56 -5.67 -21.83
C LEU D 107 5.24 -6.59 -23.01
N MET D 108 4.03 -6.43 -23.53
CA MET D 108 3.65 -7.04 -24.80
CA MET D 108 3.65 -7.05 -24.81
C MET D 108 3.32 -5.91 -25.76
N PHE D 109 4.06 -5.82 -26.86
CA PHE D 109 4.00 -4.65 -27.71
C PHE D 109 4.09 -5.01 -29.20
N GLY D 110 3.09 -4.58 -29.96
CA GLY D 110 3.12 -4.74 -31.40
C GLY D 110 1.77 -4.96 -32.03
N PRO D 111 1.72 -5.05 -33.37
CA PRO D 111 0.48 -5.23 -34.11
C PRO D 111 -0.09 -6.64 -33.96
N ASP D 112 -1.41 -6.75 -33.97
CA ASP D 112 -2.08 -8.04 -33.90
C ASP D 112 -3.40 -7.96 -34.65
N ARG D 113 -3.68 -8.94 -35.49
CA ARG D 113 -4.93 -8.92 -36.24
C ARG D 113 -5.47 -10.32 -36.52
N CYS D 114 -6.79 -10.42 -36.52
CA CYS D 114 -7.47 -11.66 -36.85
C CYS D 114 -8.87 -11.31 -37.32
N GLY D 115 -9.10 -11.45 -38.63
CA GLY D 115 -10.35 -11.06 -39.24
C GLY D 115 -10.50 -9.55 -39.25
N SER D 116 -11.69 -9.07 -38.89
CA SER D 116 -11.95 -7.65 -38.86
C SER D 116 -11.40 -7.04 -37.58
N GLN D 117 -10.74 -7.86 -36.78
CA GLN D 117 -10.11 -7.42 -35.54
C GLN D 117 -8.67 -6.98 -35.79
N ASN D 118 -8.34 -5.77 -35.32
CA ASN D 118 -7.05 -5.16 -35.59
C ASN D 118 -6.72 -4.12 -34.53
N ARG D 119 -5.57 -4.27 -33.89
CA ARG D 119 -5.10 -3.28 -32.92
C ARG D 119 -3.61 -3.39 -32.69
N VAL D 120 -3.03 -2.35 -32.10
CA VAL D 120 -1.66 -2.40 -31.60
C VAL D 120 -1.68 -2.70 -30.11
N HIS D 121 -1.02 -3.79 -29.71
CA HIS D 121 -0.96 -4.15 -28.30
C HIS D 121 0.07 -3.31 -27.55
N ILE D 122 -0.36 -2.73 -26.45
CA ILE D 122 0.56 -2.20 -25.47
C ILE D 122 0.09 -2.70 -24.13
N ILE D 123 0.56 -3.87 -23.74
CA ILE D 123 0.08 -4.52 -22.52
C ILE D 123 1.14 -4.49 -21.45
N LEU D 124 0.83 -3.88 -20.32
CA LEU D 124 1.78 -3.75 -19.23
C LEU D 124 1.40 -4.63 -18.06
N HIS D 125 2.34 -5.41 -17.57
CA HIS D 125 2.11 -6.20 -16.37
C HIS D 125 2.36 -5.31 -15.17
N TYR D 126 1.30 -5.05 -14.39
CA TYR D 126 1.38 -4.20 -13.23
C TYR D 126 0.54 -4.76 -12.10
N ASN D 127 1.15 -4.93 -10.94
CA ASN D 127 0.45 -5.34 -9.74
C ASN D 127 -0.20 -6.72 -9.89
N GLY D 128 0.55 -7.65 -10.48
CA GLY D 128 0.11 -9.02 -10.63
C GLY D 128 -0.89 -9.32 -11.75
N GLU D 129 -1.18 -8.33 -12.59
CA GLU D 129 -2.10 -8.57 -13.70
C GLU D 129 -1.63 -7.89 -14.98
N ASN D 130 -1.92 -8.50 -16.12
CA ASN D 130 -1.64 -7.88 -17.41
C ASN D 130 -2.70 -6.86 -17.75
N ARG D 131 -2.27 -5.63 -17.98
CA ARG D 131 -3.18 -4.50 -18.21
C ARG D 131 -3.21 -4.12 -19.68
N GLU D 132 -4.36 -4.32 -20.32
CA GLU D 132 -4.50 -3.95 -21.72
C GLU D 132 -4.69 -2.44 -21.89
N TRP D 133 -3.94 -1.88 -22.83
CA TRP D 133 -4.05 -0.47 -23.22
C TRP D 133 -5.49 -0.13 -23.58
N SER D 134 -6.02 0.92 -22.97
CA SER D 134 -7.41 1.32 -23.17
C SER D 134 -7.70 1.85 -24.58
N LYS D 135 -6.68 2.39 -25.25
CA LYS D 135 -6.85 2.93 -26.58
C LYS D 135 -6.65 1.89 -27.68
N ARG D 136 -7.44 2.00 -28.75
CA ARG D 136 -7.36 1.05 -29.84
C ARG D 136 -6.93 1.70 -31.14
N ILE D 137 -5.64 1.61 -31.46
CA ILE D 137 -5.14 2.07 -32.74
C ILE D 137 -4.95 0.89 -33.69
N ARG D 138 -5.62 0.95 -34.84
CA ARG D 138 -5.43 -0.08 -35.86
C ARG D 138 -4.13 0.17 -36.62
N PHE D 139 -3.42 -0.90 -36.93
CA PHE D 139 -2.18 -0.77 -37.70
C PHE D 139 -2.50 -0.96 -39.18
N PRO D 140 -1.65 -0.40 -40.05
CA PRO D 140 -1.90 -0.41 -41.50
C PRO D 140 -1.93 -1.84 -42.05
N GLU D 141 -2.96 -2.13 -42.85
CA GLU D 141 -3.14 -3.47 -43.38
C GLU D 141 -2.61 -3.53 -44.80
N ASP D 142 -1.30 -3.64 -44.93
CA ASP D 142 -0.65 -3.73 -46.23
C ASP D 142 0.59 -4.60 -46.12
N LYS D 143 1.33 -4.74 -47.23
CA LYS D 143 2.50 -5.60 -47.27
C LYS D 143 3.81 -4.89 -46.93
N LEU D 144 3.73 -3.60 -46.59
CA LEU D 144 4.94 -2.82 -46.34
C LEU D 144 5.48 -3.00 -44.92
N THR D 145 6.74 -2.63 -44.73
CA THR D 145 7.32 -2.68 -43.40
C THR D 145 6.82 -1.52 -42.56
N HIS D 146 6.38 -1.81 -41.34
CA HIS D 146 5.97 -0.78 -40.42
C HIS D 146 6.74 -0.92 -39.12
N VAL D 147 7.05 0.20 -38.49
N VAL D 147 7.06 0.21 -38.51
CA VAL D 147 7.85 0.20 -37.28
CA VAL D 147 7.86 0.24 -37.28
C VAL D 147 7.02 0.68 -36.09
C VAL D 147 7.02 0.68 -36.09
N TYR D 148 7.17 -0.01 -34.97
CA TYR D 148 6.43 0.31 -33.76
C TYR D 148 7.39 0.72 -32.64
N THR D 149 7.23 1.95 -32.15
CA THR D 149 8.15 2.48 -31.14
C THR D 149 7.38 2.96 -29.93
N LEU D 150 7.86 2.58 -28.75
CA LEU D 150 7.19 2.95 -27.51
C LEU D 150 8.13 3.68 -26.57
N HIS D 151 7.72 4.86 -26.11
CA HIS D 151 8.48 5.60 -25.12
C HIS D 151 7.75 5.59 -23.79
N ILE D 152 8.34 4.95 -22.79
CA ILE D 152 7.86 5.04 -21.41
C ILE D 152 8.74 6.00 -20.62
N ALA D 153 8.21 7.16 -20.26
CA ALA D 153 9.00 8.20 -19.59
C ALA D 153 8.92 8.12 -18.06
N ALA D 154 9.89 8.72 -17.38
CA ALA D 154 9.99 8.59 -15.92
C ALA D 154 8.97 9.45 -15.18
N ASP D 155 8.25 10.29 -15.92
CA ASP D 155 7.16 11.06 -15.34
C ASP D 155 5.83 10.34 -15.52
N ASN D 156 5.90 9.04 -15.81
CA ASN D 156 4.74 8.21 -16.05
C ASN D 156 3.90 8.60 -17.27
N SER D 157 4.48 9.42 -18.15
CA SER D 157 3.87 9.66 -19.46
C SER D 157 4.41 8.63 -20.45
N TYR D 158 3.79 8.56 -21.62
CA TYR D 158 4.21 7.64 -22.67
C TYR D 158 3.89 8.20 -24.04
N GLU D 159 4.52 7.65 -25.08
CA GLU D 159 4.22 8.04 -26.44
C GLU D 159 4.44 6.87 -27.39
N PHE D 160 3.48 6.65 -28.28
CA PHE D 160 3.56 5.55 -29.22
C PHE D 160 3.75 6.07 -30.63
N PHE D 161 4.77 5.54 -31.33
CA PHE D 161 5.05 5.96 -32.69
C PHE D 161 4.85 4.82 -33.69
N LEU D 162 4.18 5.12 -34.79
CA LEU D 162 4.06 4.17 -35.89
C LEU D 162 4.73 4.77 -37.13
N ASP D 163 5.70 4.05 -37.70
CA ASP D 163 6.47 4.54 -38.83
C ASP D 163 7.13 5.90 -38.54
N GLY D 164 7.61 6.09 -37.32
CA GLY D 164 8.35 7.29 -36.99
C GLY D 164 7.47 8.45 -36.58
N GLU D 165 6.17 8.27 -36.74
CA GLU D 165 5.19 9.30 -36.47
C GLU D 165 4.39 9.05 -35.20
N SER D 166 4.16 10.12 -34.44
CA SER D 166 3.43 10.03 -33.19
C SER D 166 1.98 9.66 -33.46
N LYS D 167 1.51 8.58 -32.83
CA LYS D 167 0.14 8.16 -33.01
C LYS D 167 -0.66 8.26 -31.71
N ALA D 168 0.01 8.08 -30.58
CA ALA D 168 -0.66 8.18 -29.29
C ALA D 168 0.25 8.77 -28.23
N LYS D 169 -0.35 9.53 -27.31
CA LYS D 169 0.40 10.28 -26.32
C LYS D 169 -0.47 10.54 -25.11
N GLY D 170 0.06 10.30 -23.92
CA GLY D 170 -0.67 10.56 -22.70
C GLY D 170 0.00 10.06 -21.43
N GLN D 171 -0.82 9.81 -20.42
N GLN D 171 -0.82 9.79 -20.42
CA GLN D 171 -0.32 9.34 -19.13
CA GLN D 171 -0.33 9.35 -19.13
C GLN D 171 -0.74 7.90 -18.86
C GLN D 171 -0.75 7.91 -18.84
N LEU D 172 0.18 7.11 -18.33
CA LEU D 172 -0.07 5.71 -18.01
C LEU D 172 -1.26 5.50 -17.10
N GLU D 173 -1.38 6.37 -16.10
CA GLU D 173 -2.44 6.29 -15.10
C GLU D 173 -3.83 6.49 -15.72
N GLU D 174 -3.90 7.28 -16.78
CA GLU D 174 -5.18 7.61 -17.40
C GLU D 174 -5.58 6.64 -18.53
N ASP D 175 -4.61 6.15 -19.29
CA ASP D 175 -4.89 5.31 -20.47
C ASP D 175 -4.78 3.80 -20.21
N TRP D 176 -4.45 3.43 -18.98
CA TRP D 176 -4.55 2.04 -18.52
C TRP D 176 -5.35 2.01 -17.23
N SER D 177 -5.82 0.83 -16.85
CA SER D 177 -6.41 0.65 -15.53
C SER D 177 -5.37 0.09 -14.56
N LEU D 178 -4.55 0.98 -14.02
CA LEU D 178 -3.46 0.59 -13.12
C LEU D 178 -3.79 0.85 -11.66
N LEU D 179 -4.36 2.02 -11.38
CA LEU D 179 -4.61 2.43 -10.00
C LEU D 179 -6.08 2.47 -9.66
N LEU D 180 -6.38 2.63 -8.37
CA LEU D 180 -7.75 2.80 -7.90
C LEU D 180 -8.31 4.14 -8.38
N PRO D 181 -9.62 4.34 -8.24
CA PRO D 181 -10.24 5.62 -8.58
C PRO D 181 -9.86 6.70 -7.57
N ARG D 182 -9.61 7.92 -8.05
CA ARG D 182 -9.23 9.01 -7.15
C ARG D 182 -10.44 9.53 -6.38
N GLU D 183 -11.60 9.43 -7.02
CA GLU D 183 -12.87 9.81 -6.41
C GLU D 183 -13.63 8.56 -5.97
N ILE D 184 -14.39 8.67 -4.89
CA ILE D 184 -15.17 7.53 -4.42
C ILE D 184 -16.33 7.28 -5.38
N VAL D 185 -16.88 8.37 -5.91
CA VAL D 185 -17.83 8.33 -7.01
C VAL D 185 -17.44 9.43 -7.98
N ASP D 186 -17.38 9.10 -9.28
CA ASP D 186 -16.91 10.06 -10.27
C ASP D 186 -17.84 11.26 -10.38
N GLY D 187 -17.25 12.46 -10.40
CA GLY D 187 -18.02 13.68 -10.53
C GLY D 187 -18.59 14.19 -9.22
N SER D 188 -18.37 13.43 -8.14
CA SER D 188 -18.85 13.83 -6.83
C SER D 188 -17.92 14.84 -6.17
N GLY D 189 -16.63 14.78 -6.48
CA GLY D 189 -15.65 15.65 -5.87
C GLY D 189 -15.15 15.13 -4.54
N ILE D 190 -15.77 14.05 -4.06
CA ILE D 190 -15.33 13.40 -2.84
C ILE D 190 -14.17 12.45 -3.12
N PRO D 191 -13.02 12.68 -2.47
CA PRO D 191 -11.82 11.87 -2.66
C PRO D 191 -11.94 10.45 -2.12
N ASN D 192 -11.27 9.52 -2.79
CA ASN D 192 -11.20 8.14 -2.32
C ASN D 192 -9.95 7.94 -1.47
N PRO D 193 -10.13 7.87 -0.14
CA PRO D 193 -9.00 7.78 0.78
C PRO D 193 -8.22 6.48 0.60
N ASP D 194 -8.83 5.48 -0.01
CA ASP D 194 -8.14 4.23 -0.30
C ASP D 194 -7.20 4.36 -1.50
N PHE D 195 -7.33 5.45 -2.25
CA PHE D 195 -6.48 5.66 -3.41
C PHE D 195 -5.00 5.68 -3.03
N VAL D 196 -4.19 4.96 -3.80
CA VAL D 196 -2.76 4.92 -3.56
C VAL D 196 -2.01 5.46 -4.76
N GLU D 197 -1.10 6.38 -4.50
CA GLU D 197 -0.33 7.03 -5.55
C GLU D 197 0.84 6.14 -5.94
N ASP D 198 1.14 6.04 -7.22
CA ASP D 198 2.35 5.34 -7.63
C ASP D 198 3.14 6.16 -8.64
N SER D 199 4.29 6.65 -8.20
CA SER D 199 5.14 7.45 -9.07
C SER D 199 6.05 6.56 -9.91
N GLU D 200 5.95 5.25 -9.71
CA GLU D 200 6.78 4.29 -10.43
C GLU D 200 5.97 3.32 -11.31
N LEU D 201 4.85 3.80 -11.85
CA LEU D 201 4.09 3.01 -12.83
C LEU D 201 4.98 2.62 -13.99
N HIS D 202 5.77 3.58 -14.46
CA HIS D 202 6.65 3.41 -15.60
C HIS D 202 7.72 2.34 -15.34
N LYS D 203 8.02 2.12 -14.06
CA LYS D 203 9.15 1.29 -13.65
C LYS D 203 8.94 -0.20 -13.80
N VAL D 204 9.95 -0.88 -14.34
CA VAL D 204 9.94 -2.33 -14.38
C VAL D 204 10.06 -2.87 -12.96
N PRO D 205 9.19 -3.80 -12.57
CA PRO D 205 9.21 -4.35 -11.21
C PRO D 205 10.51 -5.10 -10.94
N GLU D 206 10.87 -5.99 -11.86
CA GLU D 206 12.16 -6.67 -11.86
C GLU D 206 12.94 -6.23 -13.09
N PRO D 207 14.27 -6.38 -13.06
CA PRO D 207 15.06 -6.05 -14.25
C PRO D 207 14.64 -6.90 -15.45
N LEU D 208 14.73 -6.33 -16.64
CA LEU D 208 14.32 -7.03 -17.86
C LEU D 208 15.49 -7.84 -18.40
N THR D 209 15.23 -9.08 -18.82
CA THR D 209 16.32 -10.02 -19.09
C THR D 209 16.25 -10.66 -20.47
N HIS D 210 15.04 -10.75 -21.04
CA HIS D 210 14.87 -11.36 -22.37
C HIS D 210 13.95 -10.58 -23.30
N VAL D 211 14.15 -10.78 -24.60
CA VAL D 211 13.16 -10.45 -25.59
C VAL D 211 12.61 -11.75 -26.14
N GLY D 212 11.30 -11.81 -26.35
CA GLY D 212 10.70 -13.00 -26.90
C GLY D 212 9.69 -12.66 -27.97
N ILE D 213 9.58 -13.54 -28.96
CA ILE D 213 8.54 -13.46 -29.96
C ILE D 213 7.61 -14.64 -29.77
N ASP D 214 6.40 -14.35 -29.30
CA ASP D 214 5.42 -15.37 -29.01
C ASP D 214 4.13 -15.03 -29.74
N VAL D 215 3.96 -15.59 -30.93
CA VAL D 215 2.81 -15.24 -31.77
C VAL D 215 2.17 -16.44 -32.44
N TRP D 216 0.89 -16.29 -32.78
CA TRP D 216 0.20 -17.26 -33.61
C TRP D 216 -0.03 -16.68 -34.99
N GLN D 217 0.23 -17.46 -36.03
CA GLN D 217 0.02 -17.01 -37.40
C GLN D 217 -0.70 -18.02 -38.27
N VAL D 218 -1.81 -17.59 -38.86
CA VAL D 218 -2.51 -18.41 -39.84
C VAL D 218 -1.77 -18.33 -41.16
N GLU D 219 -1.73 -17.13 -41.72
CA GLU D 219 -0.95 -16.83 -42.92
C GLU D 219 0.43 -16.33 -42.48
N SER D 220 1.45 -17.17 -42.64
N SER D 220 1.45 -17.17 -42.62
CA SER D 220 2.80 -16.83 -42.21
CA SER D 220 2.79 -16.79 -42.19
C SER D 220 3.55 -16.02 -43.26
C SER D 220 3.53 -16.00 -43.24
N GLY D 221 4.79 -15.67 -42.97
CA GLY D 221 5.60 -14.92 -43.89
C GLY D 221 6.08 -13.59 -43.31
N SER D 222 5.73 -13.33 -42.06
CA SER D 222 6.11 -12.06 -41.41
C SER D 222 7.60 -11.96 -41.19
N ILE D 223 8.13 -10.74 -41.26
CA ILE D 223 9.56 -10.52 -41.05
C ILE D 223 9.81 -9.45 -39.97
N PHE D 224 10.52 -9.84 -38.92
CA PHE D 224 10.85 -8.92 -37.84
C PHE D 224 12.24 -8.32 -38.05
N LYS D 225 12.37 -7.03 -37.75
CA LYS D 225 13.66 -6.36 -37.84
C LYS D 225 13.87 -5.32 -36.75
N ASP D 226 15.14 -5.02 -36.50
CA ASP D 226 15.56 -3.88 -35.70
C ASP D 226 14.83 -3.74 -34.36
N ILE D 227 14.99 -4.72 -33.49
CA ILE D 227 14.51 -4.61 -32.12
C ILE D 227 15.47 -3.72 -31.32
N VAL D 228 15.08 -2.47 -31.09
CA VAL D 228 15.92 -1.52 -30.38
C VAL D 228 15.35 -1.19 -28.99
N ILE D 229 16.24 -1.12 -28.00
CA ILE D 229 15.86 -0.72 -26.65
C ILE D 229 16.91 0.21 -26.05
N GLY D 230 16.46 1.31 -25.47
CA GLY D 230 17.36 2.32 -24.92
C GLY D 230 16.70 3.27 -23.93
N ASP D 231 17.40 4.34 -23.57
CA ASP D 231 16.88 5.30 -22.62
C ASP D 231 16.74 6.70 -23.19
N ASP D 232 16.96 6.83 -24.50
CA ASP D 232 16.82 8.12 -25.17
C ASP D 232 15.98 7.98 -26.43
N LEU D 233 14.95 8.82 -26.54
CA LEU D 233 13.97 8.69 -27.62
C LEU D 233 14.50 9.14 -28.98
N LYS D 234 15.10 10.33 -29.01
CA LYS D 234 15.65 10.87 -30.25
C LYS D 234 16.70 9.94 -30.84
N GLU D 235 17.53 9.37 -29.96
CA GLU D 235 18.54 8.40 -30.36
C GLU D 235 17.92 7.20 -31.10
N VAL D 236 16.82 6.68 -30.56
CA VAL D 236 16.14 5.55 -31.17
C VAL D 236 15.44 5.94 -32.48
N LEU D 237 14.84 7.12 -32.51
CA LEU D 237 14.17 7.60 -33.71
C LEU D 237 15.18 7.89 -34.81
N ASP D 238 16.37 8.33 -34.42
CA ASP D 238 17.46 8.50 -35.38
C ASP D 238 17.83 7.16 -35.98
N LEU D 239 17.83 6.13 -35.14
CA LEU D 239 18.18 4.78 -35.56
C LEU D 239 17.09 4.19 -36.46
N VAL D 240 15.87 4.64 -36.24
CA VAL D 240 14.73 4.20 -37.06
C VAL D 240 14.84 4.82 -38.45
N GLU D 241 15.34 6.05 -38.51
CA GLU D 241 15.58 6.70 -39.79
C GLU D 241 16.64 5.95 -40.57
N LYS D 242 17.71 5.56 -39.88
CA LYS D 242 18.83 4.86 -40.49
C LYS D 242 18.43 3.51 -41.02
N THR D 243 17.70 2.77 -40.18
CA THR D 243 17.24 1.43 -40.50
C THR D 243 16.01 1.35 -41.42
N TYR D 244 14.97 2.12 -41.09
CA TYR D 244 13.69 2.02 -41.77
C TYR D 244 13.43 3.19 -42.72
N GLY D 245 13.63 4.41 -42.23
CA GLY D 245 13.37 5.61 -43.00
C GLY D 245 14.12 5.65 -44.33
N GLY D 246 15.32 5.08 -44.34
CA GLY D 246 16.10 5.00 -45.55
C GLY D 246 15.50 4.08 -46.59
N LEU D 247 15.04 2.91 -46.11
CA LEU D 247 14.53 1.86 -47.00
C LEU D 247 13.11 2.07 -47.51
N LYS D 248 12.44 3.11 -47.00
CA LYS D 248 11.03 3.33 -47.32
C LYS D 248 10.72 3.39 -48.82
N LYS D 249 11.33 4.33 -49.54
CA LYS D 249 11.00 4.52 -50.94
C LYS D 249 11.38 3.32 -51.80
N ALA D 250 12.52 2.71 -51.50
CA ALA D 250 12.99 1.55 -52.25
C ALA D 250 12.02 0.39 -52.08
N GLU D 251 11.60 0.15 -50.84
CA GLU D 251 10.65 -0.91 -50.56
C GLU D 251 9.34 -0.69 -51.32
N ALA D 252 8.82 0.53 -51.25
CA ALA D 252 7.59 0.89 -51.92
C ALA D 252 7.71 0.72 -53.44
N ASP D 253 8.89 1.05 -53.97
CA ASP D 253 9.14 0.88 -55.39
C ASP D 253 9.30 -0.60 -55.74
N ALA D 254 9.87 -1.36 -54.82
CA ALA D 254 9.98 -2.80 -54.98
C ALA D 254 8.58 -3.42 -54.94
N LEU D 255 7.74 -2.89 -54.06
CA LEU D 255 6.36 -3.35 -53.95
C LEU D 255 5.56 -3.09 -55.22
N LYS D 256 5.74 -1.92 -55.83
CA LYS D 256 5.00 -1.61 -57.05
C LYS D 256 5.46 -2.50 -58.20
N VAL D 257 6.74 -2.82 -58.22
CA VAL D 257 7.30 -3.67 -59.25
C VAL D 257 6.67 -5.06 -59.19
N MET D 258 6.62 -5.64 -57.99
CA MET D 258 5.96 -6.93 -57.81
C MET D 258 4.43 -6.87 -57.95
N GLU D 259 3.89 -5.68 -58.21
CA GLU D 259 2.44 -5.55 -58.34
C GLU D 259 2.04 -5.16 -59.77
N ASP D 260 3.03 -4.70 -60.53
CA ASP D 260 2.87 -4.41 -61.96
C ASP D 260 3.07 -5.69 -62.75
N MET D 261 3.87 -6.59 -62.18
CA MET D 261 4.14 -7.92 -62.73
C MET D 261 2.83 -8.67 -62.78
N GLU D 262 2.16 -8.73 -61.63
CA GLU D 262 0.81 -9.25 -61.62
C GLU D 262 0.03 -8.06 -62.21
N LYS D 263 -1.14 -8.29 -62.79
CA LYS D 263 -1.97 -7.20 -63.32
C LYS D 263 -1.52 -6.70 -64.72
N GLY D 264 -0.25 -6.90 -65.07
CA GLY D 264 0.27 -6.35 -66.32
C GLY D 264 0.46 -4.85 -66.28
N THR E 1 1.40 41.05 -28.35
CA THR E 1 1.39 42.01 -27.25
C THR E 1 1.67 41.30 -25.92
N VAL E 2 2.68 41.80 -25.21
CA VAL E 2 3.05 41.28 -23.90
C VAL E 2 2.68 42.27 -22.81
N TYR E 3 1.66 41.94 -22.02
CA TYR E 3 1.17 42.86 -21.00
C TYR E 3 2.14 42.98 -19.83
N PHE E 4 2.98 41.97 -19.65
CA PHE E 4 3.71 41.83 -18.40
C PHE E 4 4.84 40.81 -18.52
N HIS E 5 5.99 41.14 -17.94
CA HIS E 5 7.13 40.25 -17.94
C HIS E 5 8.00 40.49 -16.72
N GLU E 6 7.80 39.69 -15.69
CA GLU E 6 8.62 39.76 -14.49
C GLU E 6 9.92 38.98 -14.68
N GLU E 7 11.03 39.69 -14.67
CA GLU E 7 12.34 39.07 -14.85
C GLU E 7 12.95 38.72 -13.49
N PHE E 8 12.36 39.27 -12.43
CA PHE E 8 12.88 39.12 -11.09
C PHE E 8 14.34 39.52 -11.01
N LYS E 9 14.68 40.63 -11.64
CA LYS E 9 15.98 41.25 -11.45
C LYS E 9 15.98 41.99 -10.12
N SER E 10 14.78 42.38 -9.69
CA SER E 10 14.58 43.01 -8.40
C SER E 10 13.31 42.45 -7.75
N MET E 11 13.06 42.85 -6.51
CA MET E 11 11.89 42.38 -5.80
C MET E 11 11.19 43.50 -5.04
N GLU E 12 11.71 44.72 -5.15
CA GLU E 12 11.17 45.85 -4.39
C GLU E 12 9.69 46.11 -4.67
N HIS E 13 9.25 45.84 -5.90
CA HIS E 13 7.87 46.07 -6.28
C HIS E 13 6.93 44.93 -5.87
N TRP E 14 7.49 43.87 -5.29
CA TRP E 14 6.69 42.77 -4.78
C TRP E 14 6.41 42.93 -3.30
N THR E 15 5.13 42.83 -2.92
CA THR E 15 4.72 43.02 -1.53
C THR E 15 4.46 41.69 -0.85
N THR E 16 5.08 41.49 0.32
CA THR E 16 4.91 40.25 1.06
C THR E 16 3.74 40.41 2.03
N SER E 17 2.86 39.42 2.07
CA SER E 17 1.63 39.50 2.86
C SER E 17 1.91 39.62 4.36
N LYS E 18 0.95 40.19 5.08
CA LYS E 18 1.01 40.28 6.54
C LYS E 18 -0.02 39.37 7.20
N HIS E 19 -0.52 38.40 6.44
CA HIS E 19 -1.53 37.48 6.95
C HIS E 19 -0.94 36.55 8.02
N ARG E 20 0.38 36.40 8.02
CA ARG E 20 1.05 35.61 9.05
C ARG E 20 2.39 36.26 9.38
N ASP E 21 2.82 36.14 10.63
CA ASP E 21 4.06 36.77 11.06
C ASP E 21 5.31 35.96 10.71
N ASP E 22 5.12 34.84 10.01
CA ASP E 22 6.22 33.93 9.74
C ASP E 22 6.34 33.44 8.29
N PHE E 23 5.84 34.22 7.32
CA PHE E 23 6.05 33.86 5.92
C PHE E 23 7.55 33.78 5.65
N GLY E 24 7.96 32.91 4.73
CA GLY E 24 9.37 32.71 4.48
C GLY E 24 9.97 33.91 3.77
N LYS E 25 11.28 34.12 3.93
CA LYS E 25 11.95 35.23 3.27
C LYS E 25 12.37 34.80 1.88
N VAL E 26 12.36 35.74 0.94
CA VAL E 26 12.78 35.46 -0.43
C VAL E 26 13.91 36.40 -0.82
N GLU E 27 14.67 36.03 -1.84
CA GLU E 27 15.78 36.84 -2.30
C GLU E 27 16.01 36.69 -3.80
N ILE E 28 16.69 37.67 -4.40
CA ILE E 28 17.16 37.54 -5.77
C ILE E 28 18.47 36.77 -5.78
N SER E 29 18.52 35.69 -6.56
CA SER E 29 19.68 34.81 -6.57
C SER E 29 19.65 33.87 -7.77
N ALA E 30 20.84 33.43 -8.20
CA ALA E 30 20.96 32.52 -9.33
C ALA E 30 21.04 31.06 -8.91
N GLY E 31 21.01 30.82 -7.61
CA GLY E 31 21.04 29.45 -7.12
C GLY E 31 22.40 28.86 -6.83
N LYS E 32 22.39 27.59 -6.39
CA LYS E 32 23.59 26.83 -6.10
C LYS E 32 24.46 26.63 -7.33
N PHE E 33 23.82 26.35 -8.46
CA PHE E 33 24.47 26.26 -9.78
C PHE E 33 23.63 26.98 -10.83
N TYR E 34 24.26 27.46 -11.90
CA TYR E 34 23.54 28.29 -12.86
C TYR E 34 24.20 28.32 -14.24
N ALA E 35 23.37 28.49 -15.27
CA ALA E 35 23.87 28.65 -16.65
C ALA E 35 24.61 29.98 -16.82
N ASP E 36 24.13 31.02 -16.14
CA ASP E 36 24.73 32.34 -16.24
C ASP E 36 24.50 33.10 -14.93
N ALA E 37 25.58 33.66 -14.38
CA ALA E 37 25.54 34.25 -13.04
C ALA E 37 24.57 35.43 -12.93
N GLU E 38 24.25 36.06 -14.04
CA GLU E 38 23.34 37.20 -14.05
C GLU E 38 22.00 36.85 -14.69
N LYS E 39 22.06 36.12 -15.81
CA LYS E 39 20.89 35.79 -16.59
C LYS E 39 20.04 34.71 -15.91
N SER E 40 20.65 33.95 -15.00
CA SER E 40 19.96 32.91 -14.25
C SER E 40 19.30 33.41 -12.96
N LYS E 41 19.51 34.68 -12.64
CA LYS E 41 18.94 35.25 -11.42
C LYS E 41 17.42 35.24 -11.43
N GLY E 42 16.84 35.04 -10.25
CA GLY E 42 15.40 35.00 -10.10
C GLY E 42 14.94 35.02 -8.65
N LEU E 43 13.65 34.84 -8.44
CA LEU E 43 13.07 34.87 -7.10
C LEU E 43 13.29 33.53 -6.41
N ARG E 44 14.04 33.56 -5.32
CA ARG E 44 14.44 32.32 -4.63
C ARG E 44 13.80 32.21 -3.25
N LEU E 45 13.15 31.08 -2.98
CA LEU E 45 12.57 30.85 -1.66
C LEU E 45 13.67 30.33 -0.74
N THR E 46 13.77 30.94 0.45
CA THR E 46 14.95 30.81 1.29
C THR E 46 14.85 29.82 2.45
N GLU E 47 13.66 29.68 3.02
CA GLU E 47 13.51 28.98 4.30
C GLU E 47 12.72 27.68 4.23
N ASP E 48 13.30 26.61 4.77
CA ASP E 48 12.63 25.31 4.82
C ASP E 48 11.39 25.36 5.70
N ALA E 49 10.39 24.57 5.34
CA ALA E 49 9.17 24.40 6.16
C ALA E 49 8.44 25.71 6.45
N ARG E 50 8.22 26.51 5.42
CA ARG E 50 7.49 27.76 5.56
C ARG E 50 6.48 27.98 4.44
N PHE E 51 5.44 28.74 4.74
CA PHE E 51 4.52 29.23 3.72
C PHE E 51 5.11 30.49 3.11
N TYR E 52 4.79 30.72 1.83
CA TYR E 52 5.19 31.94 1.15
C TYR E 52 3.97 32.64 0.59
N ALA E 53 3.99 33.97 0.59
CA ALA E 53 2.89 34.77 0.09
C ALA E 53 3.38 36.17 -0.27
N LEU E 54 3.63 36.39 -1.55
CA LEU E 54 4.02 37.71 -2.04
C LEU E 54 3.35 37.96 -3.38
N SER E 55 3.13 39.23 -3.70
N SER E 55 3.12 39.23 -3.69
CA SER E 55 2.35 39.60 -4.88
CA SER E 55 2.39 39.58 -4.89
C SER E 55 2.84 40.92 -5.49
C SER E 55 2.87 40.90 -5.49
N THR E 56 2.48 41.14 -6.73
CA THR E 56 2.77 42.41 -7.40
C THR E 56 1.59 42.76 -8.29
N ALA E 57 1.40 44.05 -8.53
CA ALA E 57 0.29 44.53 -9.34
C ALA E 57 0.72 44.73 -10.78
N PHE E 58 -0.13 44.30 -11.71
CA PHE E 58 0.09 44.60 -13.13
C PHE E 58 0.03 46.10 -13.32
N PRO E 59 0.91 46.66 -14.15
CA PRO E 59 0.88 48.11 -14.38
C PRO E 59 -0.47 48.54 -14.93
N THR E 60 -1.05 47.70 -15.79
CA THR E 60 -2.41 47.86 -16.26
C THR E 60 -3.16 46.54 -16.08
N PRO E 61 -4.41 46.60 -15.61
CA PRO E 61 -5.20 45.37 -15.41
C PRO E 61 -5.38 44.61 -16.72
N ILE E 62 -5.50 43.29 -16.64
CA ILE E 62 -5.48 42.44 -17.82
C ILE E 62 -6.82 41.77 -18.10
N ASN E 63 -7.31 41.94 -19.33
CA ASN E 63 -8.53 41.31 -19.78
C ASN E 63 -8.26 40.43 -21.01
N ASN E 64 -9.25 39.62 -21.39
CA ASN E 64 -9.10 38.77 -22.56
C ASN E 64 -10.41 38.57 -23.32
N GLU E 65 -11.17 39.66 -23.49
CA GLU E 65 -12.44 39.58 -24.22
C GLU E 65 -12.21 39.32 -25.71
N LYS E 66 -12.76 38.21 -26.18
CA LYS E 66 -12.67 37.84 -27.58
C LYS E 66 -11.21 37.79 -28.01
N LYS E 67 -10.36 37.45 -27.06
CA LYS E 67 -8.92 37.54 -27.23
C LYS E 67 -8.21 36.43 -26.45
N SER E 68 -7.02 36.06 -26.92
CA SER E 68 -6.24 35.04 -26.23
C SER E 68 -5.58 35.56 -24.97
N LEU E 69 -5.26 34.65 -24.07
CA LEU E 69 -4.46 34.95 -22.89
C LEU E 69 -3.44 33.84 -22.68
N VAL E 70 -2.17 34.21 -22.64
CA VAL E 70 -1.09 33.24 -22.46
C VAL E 70 -0.30 33.54 -21.19
N VAL E 71 -0.11 32.51 -20.37
CA VAL E 71 0.66 32.65 -19.13
C VAL E 71 1.88 31.75 -19.15
N SER E 72 3.03 32.31 -18.80
CA SER E 72 4.26 31.54 -18.76
C SER E 72 5.14 31.94 -17.59
N PHE E 73 5.80 30.94 -17.01
CA PHE E 73 6.79 31.17 -15.96
C PHE E 73 7.61 29.92 -15.78
N SER E 74 8.76 30.05 -15.14
CA SER E 74 9.62 28.90 -14.89
C SER E 74 9.88 28.75 -13.40
N VAL E 75 10.03 27.50 -12.96
CA VAL E 75 10.47 27.22 -11.60
C VAL E 75 11.63 26.25 -11.65
N LYS E 76 12.63 26.49 -10.81
CA LYS E 76 13.75 25.58 -10.70
C LYS E 76 13.83 25.03 -9.28
N HIS E 77 13.59 23.74 -9.15
CA HIS E 77 13.71 23.07 -7.86
C HIS E 77 15.06 22.39 -7.79
N GLU E 78 16.10 23.19 -7.57
CA GLU E 78 17.46 22.66 -7.58
C GLU E 78 17.79 21.95 -6.26
N GLN E 79 16.90 22.05 -5.27
CA GLN E 79 17.17 21.61 -3.89
C GLN E 79 16.99 20.15 -3.46
N ASP E 80 16.55 19.27 -4.35
CA ASP E 80 16.09 17.92 -3.94
C ASP E 80 14.75 18.07 -3.25
N LEU E 81 13.74 18.48 -4.02
CA LEU E 81 12.40 18.70 -3.51
C LEU E 81 11.63 17.41 -3.28
N LYS E 82 11.04 17.28 -2.11
CA LYS E 82 10.18 16.14 -1.82
C LYS E 82 8.75 16.59 -1.65
N CYS E 83 8.56 17.70 -0.93
N CYS E 83 8.56 17.70 -0.96
CA CYS E 83 7.25 18.33 -0.77
CA CYS E 83 7.23 18.30 -0.87
C CYS E 83 7.34 19.85 -0.88
C CYS E 83 7.33 19.82 -0.89
N GLY E 84 6.71 20.42 -1.89
CA GLY E 84 6.64 21.87 -2.03
C GLY E 84 5.96 22.26 -3.33
N GLY E 85 5.40 23.47 -3.32
CA GLY E 85 4.69 24.00 -4.46
C GLY E 85 5.58 24.89 -5.31
N GLY E 86 5.21 25.06 -6.57
CA GLY E 86 5.93 25.94 -7.47
C GLY E 86 4.99 26.58 -8.45
N TYR E 87 3.77 26.87 -7.99
CA TYR E 87 2.75 27.43 -8.86
C TYR E 87 2.46 28.90 -8.56
N ILE E 88 1.98 29.62 -9.56
CA ILE E 88 1.63 31.02 -9.40
C ILE E 88 0.12 31.21 -9.52
N LYS E 89 -0.36 32.38 -9.12
CA LYS E 89 -1.79 32.70 -9.20
C LYS E 89 -2.02 34.03 -9.92
N LEU E 90 -3.13 34.10 -10.65
CA LEU E 90 -3.57 35.34 -11.26
C LEU E 90 -4.88 35.77 -10.59
N LEU E 91 -4.91 36.99 -10.04
CA LEU E 91 -6.02 37.39 -9.18
C LEU E 91 -6.67 38.70 -9.59
N PRO E 92 -8.00 38.80 -9.40
CA PRO E 92 -8.70 40.07 -9.50
C PRO E 92 -8.38 40.95 -8.30
N SER E 93 -8.91 42.17 -8.26
CA SER E 93 -8.59 43.15 -7.21
C SER E 93 -8.50 42.57 -5.81
N MET E 94 -7.34 42.75 -5.18
CA MET E 94 -7.11 42.29 -3.82
C MET E 94 -6.15 43.21 -3.07
N ASP E 95 -6.07 43.03 -1.77
CA ASP E 95 -5.06 43.71 -0.96
C ASP E 95 -3.88 42.77 -0.73
N PRO E 96 -2.72 43.07 -1.35
CA PRO E 96 -1.52 42.22 -1.27
C PRO E 96 -1.12 41.88 0.16
N GLU E 97 -1.43 42.78 1.08
CA GLU E 97 -1.11 42.59 2.49
C GLU E 97 -2.10 41.64 3.15
N LYS E 98 -3.22 41.41 2.47
CA LYS E 98 -4.23 40.48 2.97
C LYS E 98 -4.19 39.21 2.13
N PHE E 99 -3.13 39.05 1.34
CA PHE E 99 -3.00 37.92 0.43
C PHE E 99 -2.66 36.60 1.14
N HIS E 100 -3.49 35.58 0.93
CA HIS E 100 -3.22 34.26 1.49
C HIS E 100 -3.96 33.19 0.69
N GLY E 101 -3.84 31.94 1.15
CA GLY E 101 -4.43 30.80 0.47
C GLY E 101 -5.89 30.92 0.09
N GLU E 102 -6.63 31.74 0.84
CA GLU E 102 -8.08 31.85 0.66
C GLU E 102 -8.46 33.00 -0.28
N THR E 103 -7.51 33.89 -0.55
CA THR E 103 -7.71 34.98 -1.50
C THR E 103 -8.24 34.47 -2.84
N LYS E 104 -9.30 35.10 -3.34
CA LYS E 104 -9.92 34.69 -4.59
C LYS E 104 -9.01 34.90 -5.78
N TYR E 105 -8.69 33.83 -6.49
CA TYR E 105 -7.92 33.91 -7.72
C TYR E 105 -8.76 33.50 -8.91
N TRP E 106 -8.30 33.82 -10.11
CA TRP E 106 -8.94 33.29 -11.31
C TRP E 106 -8.21 32.05 -11.77
N LEU E 107 -6.87 32.10 -11.70
CA LEU E 107 -6.06 30.98 -12.13
C LEU E 107 -4.99 30.60 -11.10
N MET E 108 -4.87 29.30 -10.88
CA MET E 108 -3.78 28.73 -10.11
CA MET E 108 -3.78 28.73 -10.11
C MET E 108 -3.02 27.78 -11.03
N PHE E 109 -1.76 28.11 -11.29
CA PHE E 109 -1.03 27.44 -12.37
C PHE E 109 0.42 27.14 -12.02
N GLY E 110 0.79 25.87 -12.13
CA GLY E 110 2.17 25.47 -11.93
C GLY E 110 2.34 24.11 -11.28
N PRO E 111 3.59 23.66 -11.15
CA PRO E 111 3.88 22.34 -10.56
C PRO E 111 3.65 22.27 -9.06
N ASP E 112 3.23 21.10 -8.59
CA ASP E 112 3.05 20.88 -7.17
C ASP E 112 3.31 19.42 -6.82
N ARG E 113 4.13 19.18 -5.81
N ARG E 113 4.17 19.19 -5.84
CA ARG E 113 4.44 17.82 -5.41
CA ARG E 113 4.54 17.85 -5.41
C ARG E 113 4.65 17.67 -3.92
C ARG E 113 4.61 17.72 -3.89
N CYS E 114 4.25 16.51 -3.41
N CYS E 114 4.22 16.54 -3.39
CA CYS E 114 4.45 16.17 -2.02
CA CYS E 114 4.45 16.15 -2.01
C CYS E 114 4.43 14.64 -1.92
C CYS E 114 4.43 14.63 -1.91
N GLY E 115 5.59 14.05 -1.66
CA GLY E 115 5.73 12.61 -1.63
C GLY E 115 5.59 12.04 -3.02
N SER E 116 4.83 10.96 -3.15
CA SER E 116 4.65 10.31 -4.44
C SER E 116 3.60 11.04 -5.28
N GLN E 117 3.08 12.13 -4.73
CA GLN E 117 2.08 12.96 -5.40
C GLN E 117 2.75 14.04 -6.25
N ASN E 118 2.32 14.16 -7.50
CA ASN E 118 2.96 15.06 -8.46
C ASN E 118 1.99 15.44 -9.56
N ARG E 119 1.77 16.73 -9.74
CA ARG E 119 0.93 17.19 -10.83
C ARG E 119 1.17 18.65 -11.15
N VAL E 120 0.73 19.05 -12.33
CA VAL E 120 0.67 20.45 -12.70
C VAL E 120 -0.74 20.96 -12.46
N HIS E 121 -0.86 21.99 -11.62
CA HIS E 121 -2.16 22.59 -11.33
C HIS E 121 -2.59 23.50 -12.46
N ILE E 122 -3.82 23.32 -12.93
CA ILE E 122 -4.45 24.34 -13.75
C ILE E 122 -5.86 24.54 -13.22
N ILE E 123 -5.99 25.44 -12.25
CA ILE E 123 -7.25 25.60 -11.56
C ILE E 123 -7.92 26.90 -11.96
N LEU E 124 -9.12 26.79 -12.50
CA LEU E 124 -9.85 27.96 -12.95
C LEU E 124 -11.05 28.20 -12.05
N HIS E 125 -11.16 29.43 -11.56
CA HIS E 125 -12.33 29.79 -10.79
C HIS E 125 -13.44 30.18 -11.75
N TYR E 126 -14.51 29.40 -11.75
CA TYR E 126 -15.64 29.64 -12.63
C TYR E 126 -16.94 29.37 -11.89
N ASN E 127 -17.83 30.36 -11.91
CA ASN E 127 -19.16 30.20 -11.35
C ASN E 127 -19.12 29.94 -9.84
N GLY E 128 -18.27 30.70 -9.16
CA GLY E 128 -18.18 30.65 -7.71
C GLY E 128 -17.40 29.49 -7.09
N GLU E 129 -16.75 28.68 -7.91
CA GLU E 129 -15.97 27.56 -7.37
C GLU E 129 -14.66 27.37 -8.10
N ASN E 130 -13.63 26.91 -7.39
CA ASN E 130 -12.35 26.59 -8.02
C ASN E 130 -12.45 25.22 -8.69
N ARG E 131 -12.19 25.17 -9.98
CA ARG E 131 -12.36 23.95 -10.76
C ARG E 131 -11.02 23.35 -11.10
N GLU E 132 -10.74 22.17 -10.54
CA GLU E 132 -9.49 21.49 -10.83
C GLU E 132 -9.48 20.81 -12.21
N TRP E 133 -8.37 21.00 -12.91
CA TRP E 133 -8.10 20.37 -14.20
C TRP E 133 -8.23 18.86 -14.12
N SER E 134 -9.04 18.27 -15.00
CA SER E 134 -9.30 16.84 -14.96
C SER E 134 -8.07 16.01 -15.31
N LYS E 135 -7.17 16.57 -16.10
CA LYS E 135 -5.97 15.84 -16.52
C LYS E 135 -4.84 15.98 -15.52
N ARG E 136 -4.10 14.90 -15.31
CA ARG E 136 -3.03 14.93 -14.33
C ARG E 136 -1.70 14.67 -15.03
N ILE E 137 -1.00 15.76 -15.33
CA ILE E 137 0.35 15.68 -15.89
C ILE E 137 1.39 15.89 -14.82
N ARG E 138 2.28 14.92 -14.66
CA ARG E 138 3.39 15.03 -13.72
C ARG E 138 4.49 15.90 -14.32
N PHE E 139 5.11 16.73 -13.49
CA PHE E 139 6.23 17.55 -13.95
C PHE E 139 7.54 16.84 -13.64
N PRO E 140 8.61 17.18 -14.39
CA PRO E 140 9.89 16.49 -14.27
C PRO E 140 10.54 16.67 -12.89
N GLU E 141 11.00 15.58 -12.30
CA GLU E 141 11.56 15.62 -10.96
C GLU E 141 13.09 15.64 -11.00
N ASP E 142 13.63 16.82 -11.28
CA ASP E 142 15.08 17.02 -11.33
C ASP E 142 15.43 18.44 -10.86
N LYS E 143 16.71 18.78 -10.91
CA LYS E 143 17.15 20.07 -10.40
C LYS E 143 17.17 21.16 -11.47
N LEU E 144 16.73 20.82 -12.68
CA LEU E 144 16.78 21.76 -13.80
C LEU E 144 15.60 22.72 -13.81
N THR E 145 15.77 23.81 -14.55
CA THR E 145 14.72 24.80 -14.74
C THR E 145 13.68 24.26 -15.70
N HIS E 146 12.40 24.37 -15.33
CA HIS E 146 11.33 23.97 -16.22
C HIS E 146 10.34 25.11 -16.41
N VAL E 147 9.76 25.20 -17.61
CA VAL E 147 8.86 26.30 -17.94
C VAL E 147 7.44 25.80 -18.12
N TYR E 148 6.48 26.54 -17.56
CA TYR E 148 5.07 26.17 -17.66
C TYR E 148 4.27 27.27 -18.36
N THR E 149 3.68 26.92 -19.50
CA THR E 149 3.00 27.90 -20.34
C THR E 149 1.56 27.47 -20.63
N LEU E 150 0.64 28.42 -20.50
CA LEU E 150 -0.77 28.14 -20.72
C LEU E 150 -1.39 29.08 -21.74
N HIS E 151 -2.06 28.52 -22.73
CA HIS E 151 -2.81 29.31 -23.70
C HIS E 151 -4.30 29.12 -23.49
N ILE E 152 -4.98 30.19 -23.08
CA ILE E 152 -6.43 30.19 -23.04
C ILE E 152 -6.96 30.95 -24.24
N ALA E 153 -7.55 30.24 -25.20
CA ALA E 153 -8.01 30.83 -26.45
C ALA E 153 -9.46 31.30 -26.38
N ALA E 154 -9.83 32.21 -27.28
CA ALA E 154 -11.15 32.81 -27.26
C ALA E 154 -12.21 31.86 -27.81
N ASP E 155 -11.78 30.74 -28.36
CA ASP E 155 -12.71 29.71 -28.81
C ASP E 155 -12.94 28.65 -27.72
N ASN E 156 -12.60 29.00 -26.49
CA ASN E 156 -12.72 28.10 -25.34
C ASN E 156 -11.86 26.84 -25.44
N SER E 157 -10.86 26.87 -26.32
CA SER E 157 -9.82 25.87 -26.32
C SER E 157 -8.66 26.33 -25.45
N TYR E 158 -7.73 25.43 -25.18
CA TYR E 158 -6.53 25.76 -24.40
C TYR E 158 -5.37 24.89 -24.83
N GLU E 159 -4.16 25.30 -24.47
CA GLU E 159 -3.00 24.47 -24.72
C GLU E 159 -1.95 24.69 -23.63
N PHE E 160 -1.41 23.60 -23.11
CA PHE E 160 -0.40 23.66 -22.05
C PHE E 160 0.95 23.20 -22.56
N PHE E 161 1.97 24.02 -22.33
CA PHE E 161 3.33 23.70 -22.75
C PHE E 161 4.25 23.52 -21.55
N LEU E 162 5.06 22.47 -21.58
CA LEU E 162 6.11 22.29 -20.58
C LEU E 162 7.46 22.32 -21.29
N ASP E 163 8.32 23.23 -20.86
CA ASP E 163 9.60 23.45 -21.51
C ASP E 163 9.45 23.72 -23.00
N GLY E 164 8.43 24.50 -23.34
CA GLY E 164 8.19 24.97 -24.71
C GLY E 164 7.58 23.90 -25.62
N GLU E 165 7.38 22.71 -25.09
CA GLU E 165 6.78 21.62 -25.86
C GLU E 165 5.34 21.38 -25.41
N SER E 166 4.45 21.17 -26.37
CA SER E 166 3.04 20.94 -26.06
C SER E 166 2.84 19.64 -25.28
N LYS E 167 2.18 19.73 -24.14
CA LYS E 167 1.92 18.55 -23.30
C LYS E 167 0.44 18.21 -23.23
N ALA E 168 -0.42 19.23 -23.29
CA ALA E 168 -1.86 19.01 -23.25
C ALA E 168 -2.60 20.03 -24.10
N LYS E 169 -3.71 19.59 -24.69
CA LYS E 169 -4.47 20.36 -25.66
C LYS E 169 -5.92 19.90 -25.68
N GLY E 170 -6.86 20.83 -25.64
CA GLY E 170 -8.27 20.46 -25.67
C GLY E 170 -9.26 21.58 -25.46
N GLN E 171 -10.44 21.21 -24.95
CA GLN E 171 -11.52 22.14 -24.76
C GLN E 171 -11.76 22.35 -23.28
N LEU E 172 -11.93 23.61 -22.87
CA LEU E 172 -12.18 23.94 -21.46
C LEU E 172 -13.42 23.21 -20.95
N GLU E 173 -14.45 23.17 -21.77
CA GLU E 173 -15.72 22.54 -21.39
C GLU E 173 -15.58 21.05 -21.14
N GLU E 174 -14.64 20.42 -21.86
CA GLU E 174 -14.45 18.96 -21.79
C GLU E 174 -13.44 18.50 -20.73
N ASP E 175 -12.37 19.27 -20.51
CA ASP E 175 -11.32 18.86 -19.58
C ASP E 175 -11.46 19.47 -18.18
N TRP E 176 -12.51 20.26 -17.98
CA TRP E 176 -12.91 20.71 -16.64
C TRP E 176 -14.38 20.40 -16.42
N SER E 177 -14.83 20.46 -15.17
CA SER E 177 -16.26 20.38 -14.87
C SER E 177 -16.81 21.79 -14.69
N LEU E 178 -17.12 22.44 -15.80
CA LEU E 178 -17.58 23.82 -15.79
C LEU E 178 -19.09 23.91 -15.96
N LEU E 179 -19.62 23.17 -16.91
CA LEU E 179 -21.03 23.29 -17.28
C LEU E 179 -21.84 22.04 -16.90
N LEU E 180 -23.15 22.15 -17.02
CA LEU E 180 -24.04 21.01 -16.81
C LEU E 180 -23.84 19.97 -17.90
N PRO E 181 -24.38 18.76 -17.69
CA PRO E 181 -24.29 17.72 -18.72
C PRO E 181 -25.16 18.05 -19.93
N ARG E 182 -24.67 17.79 -21.13
CA ARG E 182 -25.41 18.09 -22.35
C ARG E 182 -26.53 17.08 -22.55
N GLU E 183 -26.29 15.85 -22.10
CA GLU E 183 -27.30 14.80 -22.17
C GLU E 183 -27.90 14.59 -20.80
N ILE E 184 -29.17 14.21 -20.76
CA ILE E 184 -29.83 13.98 -19.49
C ILE E 184 -29.29 12.68 -18.89
N VAL E 185 -29.02 11.73 -19.78
CA VAL E 185 -28.29 10.52 -19.43
C VAL E 185 -27.27 10.28 -20.52
N ASP E 186 -26.02 10.01 -20.13
CA ASP E 186 -24.94 9.88 -21.10
C ASP E 186 -25.13 8.68 -22.03
N GLY E 187 -24.95 8.95 -23.31
CA GLY E 187 -25.03 7.93 -24.35
C GLY E 187 -26.47 7.66 -24.75
N SER E 188 -27.39 8.33 -24.09
CA SER E 188 -28.80 8.13 -24.36
C SER E 188 -29.22 8.86 -25.62
N GLY E 189 -28.54 9.97 -25.88
CA GLY E 189 -28.86 10.81 -27.03
C GLY E 189 -29.96 11.81 -26.71
N ILE E 190 -30.55 11.69 -25.52
CA ILE E 190 -31.55 12.67 -25.10
C ILE E 190 -30.91 13.93 -24.50
N PRO E 191 -31.20 15.10 -25.08
CA PRO E 191 -30.62 16.36 -24.62
C PRO E 191 -31.12 16.79 -23.25
N ASN E 192 -30.25 17.46 -22.48
CA ASN E 192 -30.64 18.04 -21.20
C ASN E 192 -31.06 19.50 -21.39
N PRO E 193 -32.37 19.76 -21.36
CA PRO E 193 -32.90 21.09 -21.64
C PRO E 193 -32.44 22.13 -20.64
N ASP E 194 -31.98 21.69 -19.48
CA ASP E 194 -31.44 22.61 -18.47
C ASP E 194 -30.03 23.07 -18.83
N PHE E 195 -29.39 22.40 -19.79
CA PHE E 195 -28.04 22.75 -20.18
C PHE E 195 -27.98 24.20 -20.64
N VAL E 196 -26.98 24.91 -20.13
CA VAL E 196 -26.77 26.29 -20.53
C VAL E 196 -25.41 26.45 -21.17
N GLU E 197 -25.40 27.11 -22.32
CA GLU E 197 -24.18 27.30 -23.09
C GLU E 197 -23.40 28.49 -22.53
N ASP E 198 -22.08 28.36 -22.48
CA ASP E 198 -21.25 29.50 -22.12
C ASP E 198 -20.11 29.67 -23.11
N SER E 199 -20.18 30.72 -23.92
CA SER E 199 -19.14 31.00 -24.89
C SER E 199 -17.99 31.81 -24.29
N GLU E 200 -18.13 32.17 -23.01
CA GLU E 200 -17.11 32.99 -22.35
C GLU E 200 -16.46 32.26 -21.17
N LEU E 201 -16.34 30.94 -21.27
CA LEU E 201 -15.61 30.17 -20.28
C LEU E 201 -14.19 30.71 -20.13
N HIS E 202 -13.56 30.98 -21.27
CA HIS E 202 -12.19 31.48 -21.31
C HIS E 202 -12.00 32.86 -20.65
N LYS E 203 -13.05 33.68 -20.67
CA LYS E 203 -12.93 35.08 -20.26
C LYS E 203 -12.90 35.24 -18.75
N VAL E 204 -12.02 36.10 -18.27
CA VAL E 204 -11.93 36.44 -16.86
C VAL E 204 -13.19 37.17 -16.39
N PRO E 205 -13.75 36.74 -15.24
CA PRO E 205 -14.97 37.35 -14.69
C PRO E 205 -14.74 38.80 -14.34
N GLU E 206 -13.65 39.06 -13.62
CA GLU E 206 -13.17 40.42 -13.40
C GLU E 206 -11.82 40.58 -14.07
N PRO E 207 -11.42 41.82 -14.36
CA PRO E 207 -10.08 42.04 -14.90
C PRO E 207 -9.01 41.56 -13.92
N LEU E 208 -7.89 41.06 -14.44
CA LEU E 208 -6.84 40.53 -13.60
C LEU E 208 -5.92 41.66 -13.17
N THR E 209 -5.54 41.67 -11.89
CA THR E 209 -4.90 42.85 -11.32
C THR E 209 -3.58 42.55 -10.63
N HIS E 210 -3.43 41.32 -10.15
CA HIS E 210 -2.19 40.93 -9.50
C HIS E 210 -1.72 39.55 -9.95
N VAL E 211 -0.42 39.32 -9.87
CA VAL E 211 0.13 37.97 -9.89
C VAL E 211 0.66 37.70 -8.49
N GLY E 212 0.43 36.48 -8.00
CA GLY E 212 0.88 36.13 -6.67
C GLY E 212 1.54 34.76 -6.60
N ILE E 213 2.48 34.62 -5.68
CA ILE E 213 3.08 33.34 -5.37
C ILE E 213 2.67 32.92 -3.97
N ASP E 214 1.85 31.89 -3.90
CA ASP E 214 1.31 31.39 -2.64
C ASP E 214 1.58 29.90 -2.53
N VAL E 215 2.69 29.54 -1.90
CA VAL E 215 3.09 28.14 -1.83
C VAL E 215 3.61 27.73 -0.47
N TRP E 216 3.53 26.43 -0.21
CA TRP E 216 4.14 25.81 0.95
C TRP E 216 5.34 24.97 0.50
N GLN E 217 6.44 25.10 1.22
CA GLN E 217 7.65 24.36 0.92
C GLN E 217 8.31 23.77 2.14
N VAL E 218 8.51 22.45 2.11
CA VAL E 218 9.31 21.79 3.12
C VAL E 218 10.80 21.93 2.80
N GLU E 219 11.22 21.41 1.66
CA GLU E 219 12.58 21.64 1.20
C GLU E 219 12.57 22.87 0.30
N SER E 220 13.08 23.99 0.80
CA SER E 220 13.05 25.25 0.05
C SER E 220 14.23 25.37 -0.91
N GLY E 221 14.30 26.48 -1.63
CA GLY E 221 15.38 26.73 -2.56
C GLY E 221 14.92 26.95 -4.00
N SER E 222 13.60 26.94 -4.21
CA SER E 222 13.05 27.12 -5.56
C SER E 222 13.31 28.51 -6.11
N ILE E 223 13.46 28.59 -7.43
CA ILE E 223 13.69 29.88 -8.09
C ILE E 223 12.67 30.12 -9.19
N PHE E 224 11.92 31.21 -9.08
CA PHE E 224 10.93 31.57 -10.08
C PHE E 224 11.51 32.58 -11.07
N LYS E 225 11.20 32.41 -12.35
CA LYS E 225 11.67 33.35 -13.37
C LYS E 225 10.65 33.60 -14.47
N ASP E 226 10.80 34.75 -15.12
CA ASP E 226 10.11 35.07 -16.36
C ASP E 226 8.61 34.80 -16.32
N ILE E 227 7.91 35.48 -15.43
CA ILE E 227 6.46 35.45 -15.44
C ILE E 227 5.96 36.34 -16.58
N VAL E 228 5.55 35.71 -17.68
CA VAL E 228 5.10 36.42 -18.86
C VAL E 228 3.61 36.25 -19.09
N ILE E 229 2.94 37.34 -19.46
CA ILE E 229 1.52 37.31 -19.81
C ILE E 229 1.27 38.17 -21.04
N GLY E 230 0.51 37.64 -22.00
CA GLY E 230 0.26 38.35 -23.25
C GLY E 230 -0.96 37.81 -23.97
N ASP E 231 -1.17 38.24 -25.20
CA ASP E 231 -2.34 37.80 -25.96
C ASP E 231 -1.95 37.07 -27.24
N ASP E 232 -0.66 36.82 -27.40
CA ASP E 232 -0.17 36.09 -28.56
C ASP E 232 0.76 34.97 -28.10
N LEU E 233 0.48 33.76 -28.57
CA LEU E 233 1.17 32.57 -28.08
C LEU E 233 2.61 32.45 -28.54
N LYS E 234 2.86 32.56 -29.85
CA LYS E 234 4.22 32.42 -30.35
C LYS E 234 5.12 33.51 -29.76
N GLU E 235 4.58 34.70 -29.61
CA GLU E 235 5.31 35.83 -29.00
C GLU E 235 5.86 35.41 -27.64
N VAL E 236 5.02 34.73 -26.86
CA VAL E 236 5.44 34.23 -25.56
C VAL E 236 6.44 33.08 -25.73
N LEU E 237 6.17 32.20 -26.69
CA LEU E 237 7.06 31.06 -26.93
C LEU E 237 8.41 31.52 -27.47
N ASP E 238 8.41 32.59 -28.26
CA ASP E 238 9.65 33.21 -28.71
C ASP E 238 10.43 33.73 -27.52
N LEU E 239 9.71 34.30 -26.57
CA LEU E 239 10.31 34.87 -25.37
C LEU E 239 10.85 33.75 -24.48
N VAL E 240 10.23 32.58 -24.57
CA VAL E 240 10.68 31.43 -23.80
C VAL E 240 12.00 30.86 -24.33
N GLU E 241 12.16 30.85 -25.66
CA GLU E 241 13.41 30.44 -26.29
C GLU E 241 14.55 31.37 -25.89
N LYS E 242 14.27 32.67 -25.87
CA LYS E 242 15.29 33.66 -25.50
C LYS E 242 15.71 33.54 -24.05
N THR E 243 14.73 33.47 -23.17
CA THR E 243 14.98 33.40 -21.73
C THR E 243 15.41 32.02 -21.26
N TYR E 244 14.70 30.98 -21.69
CA TYR E 244 14.91 29.63 -21.17
C TYR E 244 15.66 28.75 -22.16
N GLY E 245 15.18 28.71 -23.41
CA GLY E 245 15.78 27.87 -24.43
C GLY E 245 17.25 28.12 -24.67
N GLY E 246 17.66 29.37 -24.50
CA GLY E 246 19.06 29.73 -24.65
C GLY E 246 19.93 29.16 -23.54
N LEU E 247 19.45 29.25 -22.31
CA LEU E 247 20.21 28.86 -21.13
C LEU E 247 20.25 27.36 -20.89
N LYS E 248 19.48 26.60 -21.67
CA LYS E 248 19.33 25.16 -21.46
C LYS E 248 20.67 24.42 -21.42
N LYS E 249 21.45 24.55 -22.49
CA LYS E 249 22.67 23.78 -22.63
C LYS E 249 23.68 24.15 -21.54
N ALA E 250 23.75 25.43 -21.21
CA ALA E 250 24.66 25.92 -20.17
C ALA E 250 24.30 25.38 -18.79
N GLU E 251 23.02 25.46 -18.46
CA GLU E 251 22.53 24.97 -17.17
C GLU E 251 22.83 23.49 -16.98
N ALA E 252 22.51 22.70 -18.01
CA ALA E 252 22.76 21.26 -17.97
C ALA E 252 24.23 20.94 -17.76
N ASP E 253 25.10 21.75 -18.38
CA ASP E 253 26.53 21.60 -18.22
C ASP E 253 26.99 22.04 -16.84
N ALA E 254 26.32 23.07 -16.30
CA ALA E 254 26.60 23.55 -14.96
C ALA E 254 26.25 22.51 -13.91
N LEU E 255 25.12 21.84 -14.10
CA LEU E 255 24.71 20.78 -13.19
C LEU E 255 25.66 19.59 -13.17
N LYS E 256 26.13 19.18 -14.35
CA LYS E 256 27.00 18.01 -14.41
C LYS E 256 28.34 18.34 -13.76
N VAL E 257 28.77 19.58 -13.87
CA VAL E 257 29.99 20.05 -13.23
C VAL E 257 29.83 19.88 -11.73
N MET E 258 28.67 20.31 -11.24
CA MET E 258 28.34 20.13 -9.83
C MET E 258 28.15 18.67 -9.42
N GLU E 259 27.75 17.80 -10.35
CA GLU E 259 27.50 16.40 -10.01
C GLU E 259 28.78 15.58 -10.12
N ASP E 260 29.80 16.16 -10.74
CA ASP E 260 31.09 15.53 -10.80
C ASP E 260 31.83 15.80 -9.50
N MET E 261 31.61 16.98 -8.91
CA MET E 261 32.18 17.28 -7.59
C MET E 261 31.48 16.51 -6.46
N GLU E 262 30.26 16.05 -6.67
CA GLU E 262 29.54 15.35 -5.59
C GLU E 262 29.33 13.85 -5.86
N LYS E 263 29.98 13.32 -6.88
CA LYS E 263 29.88 11.89 -7.20
C LYS E 263 31.24 11.31 -7.60
N THR F 1 -20.60 -43.19 -0.08
CA THR F 1 -21.21 -43.31 -1.39
C THR F 1 -21.69 -41.92 -1.83
N VAL F 2 -22.29 -41.17 -0.91
CA VAL F 2 -22.63 -39.79 -1.16
C VAL F 2 -21.68 -38.98 -0.29
N TYR F 3 -20.67 -38.38 -0.91
CA TYR F 3 -19.62 -37.70 -0.17
C TYR F 3 -20.06 -36.37 0.44
N PHE F 4 -21.08 -35.76 -0.15
CA PHE F 4 -21.36 -34.36 0.12
C PHE F 4 -22.72 -33.93 -0.42
N HIS F 5 -23.43 -33.13 0.37
CA HIS F 5 -24.72 -32.60 -0.04
C HIS F 5 -24.98 -31.26 0.63
N GLU F 6 -24.68 -30.18 -0.09
CA GLU F 6 -24.96 -28.84 0.40
C GLU F 6 -26.42 -28.47 0.13
N GLU F 7 -27.18 -28.30 1.20
CA GLU F 7 -28.58 -27.95 1.10
C GLU F 7 -28.75 -26.44 1.15
N PHE F 8 -27.68 -25.77 1.56
CA PHE F 8 -27.71 -24.33 1.78
C PHE F 8 -28.85 -23.92 2.69
N LYS F 9 -29.01 -24.65 3.79
CA LYS F 9 -29.91 -24.24 4.85
C LYS F 9 -29.22 -23.13 5.64
N SER F 10 -27.89 -23.15 5.61
CA SER F 10 -27.06 -22.12 6.22
C SER F 10 -25.86 -21.82 5.31
N MET F 11 -25.08 -20.81 5.67
CA MET F 11 -23.88 -20.48 4.89
C MET F 11 -22.66 -20.16 5.75
N GLU F 12 -22.81 -20.29 7.07
CA GLU F 12 -21.72 -19.93 7.99
C GLU F 12 -20.45 -20.73 7.70
N HIS F 13 -20.62 -21.96 7.22
CA HIS F 13 -19.48 -22.81 6.92
C HIS F 13 -18.87 -22.49 5.54
N TRP F 14 -19.49 -21.55 4.82
CA TRP F 14 -18.95 -21.11 3.54
C TRP F 14 -18.11 -19.85 3.75
N THR F 15 -16.90 -19.87 3.21
CA THR F 15 -15.98 -18.75 3.39
C THR F 15 -15.90 -17.86 2.15
N THR F 16 -16.14 -16.56 2.35
CA THR F 16 -16.09 -15.62 1.25
C THR F 16 -14.66 -15.09 1.10
N SER F 17 -14.18 -15.08 -0.14
CA SER F 17 -12.78 -14.77 -0.45
C SER F 17 -12.41 -13.34 -0.08
N LYS F 18 -11.11 -13.13 0.10
CA LYS F 18 -10.55 -11.82 0.42
C LYS F 18 -9.73 -11.24 -0.71
N HIS F 19 -9.87 -11.84 -1.89
CA HIS F 19 -9.09 -11.41 -3.05
C HIS F 19 -9.54 -10.03 -3.49
N ARG F 20 -10.77 -9.68 -3.13
CA ARG F 20 -11.33 -8.35 -3.34
C ARG F 20 -12.24 -7.96 -2.19
N ASP F 21 -12.23 -6.66 -1.84
CA ASP F 21 -13.02 -6.16 -0.72
C ASP F 21 -14.46 -5.85 -1.11
N ASP F 22 -14.83 -6.12 -2.35
CA ASP F 22 -16.14 -5.73 -2.85
C ASP F 22 -16.86 -6.89 -3.57
N PHE F 23 -16.52 -8.13 -3.22
CA PHE F 23 -17.29 -9.27 -3.71
C PHE F 23 -18.74 -9.07 -3.30
N GLY F 24 -19.68 -9.57 -4.08
CA GLY F 24 -21.07 -9.34 -3.77
C GLY F 24 -21.48 -10.14 -2.55
N LYS F 25 -22.50 -9.65 -1.84
CA LYS F 25 -22.98 -10.34 -0.66
C LYS F 25 -24.01 -11.38 -1.06
N VAL F 26 -24.03 -12.50 -0.34
CA VAL F 26 -24.96 -13.58 -0.62
C VAL F 26 -25.81 -13.86 0.61
N GLU F 27 -26.95 -14.50 0.40
CA GLU F 27 -27.84 -14.83 1.51
C GLU F 27 -28.60 -16.12 1.24
N ILE F 28 -29.04 -16.77 2.31
CA ILE F 28 -29.94 -17.90 2.20
C ILE F 28 -31.36 -17.38 2.09
N SER F 29 -32.04 -17.77 1.02
CA SER F 29 -33.38 -17.28 0.71
C SER F 29 -34.05 -18.13 -0.35
N ALA F 30 -35.38 -18.14 -0.35
CA ALA F 30 -36.15 -18.90 -1.33
C ALA F 30 -36.60 -18.05 -2.53
N GLY F 31 -36.07 -16.82 -2.62
CA GLY F 31 -36.43 -15.87 -3.67
C GLY F 31 -37.86 -15.36 -3.73
N LYS F 32 -38.13 -14.55 -4.77
CA LYS F 32 -39.42 -13.89 -4.97
C LYS F 32 -40.62 -14.82 -5.18
N PHE F 33 -40.42 -15.92 -5.89
CA PHE F 33 -41.48 -16.94 -5.94
C PHE F 33 -40.86 -18.32 -5.73
N TYR F 34 -41.64 -19.22 -5.15
CA TYR F 34 -41.14 -20.52 -4.73
C TYR F 34 -42.22 -21.60 -4.61
N ALA F 35 -41.80 -22.84 -4.87
CA ALA F 35 -42.64 -24.01 -4.68
C ALA F 35 -42.94 -24.23 -3.20
N ASP F 36 -41.93 -23.94 -2.35
CA ASP F 36 -42.08 -24.13 -0.92
C ASP F 36 -41.19 -23.15 -0.16
N ALA F 37 -41.76 -22.45 0.81
CA ALA F 37 -41.09 -21.35 1.49
C ALA F 37 -39.83 -21.78 2.24
N GLU F 38 -39.73 -23.06 2.57
CA GLU F 38 -38.55 -23.56 3.28
C GLU F 38 -37.66 -24.46 2.41
N LYS F 39 -38.26 -25.39 1.69
CA LYS F 39 -37.47 -26.33 0.90
C LYS F 39 -36.88 -25.68 -0.36
N SER F 40 -37.44 -24.54 -0.75
CA SER F 40 -36.93 -23.81 -1.91
C SER F 40 -35.78 -22.87 -1.53
N LYS F 41 -35.46 -22.80 -0.25
CA LYS F 41 -34.36 -21.95 0.21
C LYS F 41 -33.02 -22.40 -0.38
N GLY F 42 -32.14 -21.44 -0.62
CA GLY F 42 -30.83 -21.73 -1.18
C GLY F 42 -29.89 -20.54 -1.12
N LEU F 43 -28.72 -20.69 -1.73
CA LEU F 43 -27.73 -19.62 -1.74
C LEU F 43 -28.08 -18.60 -2.81
N ARG F 44 -28.36 -17.38 -2.38
CA ARG F 44 -28.85 -16.35 -3.30
C ARG F 44 -27.85 -15.20 -3.47
N LEU F 45 -27.51 -14.89 -4.71
CA LEU F 45 -26.65 -13.77 -5.03
C LEU F 45 -27.49 -12.50 -5.07
N THR F 46 -27.04 -11.47 -4.36
CA THR F 46 -27.89 -10.31 -4.04
C THR F 46 -27.64 -9.05 -4.87
N GLU F 47 -26.41 -8.84 -5.30
CA GLU F 47 -26.02 -7.54 -5.86
C GLU F 47 -25.69 -7.58 -7.35
N ASP F 48 -26.30 -6.66 -8.10
CA ASP F 48 -26.05 -6.53 -9.53
C ASP F 48 -24.63 -6.07 -9.81
N ALA F 49 -24.08 -6.51 -10.94
CA ALA F 49 -22.77 -6.05 -11.41
C ALA F 49 -21.67 -6.29 -10.37
N ARG F 50 -21.60 -7.52 -9.86
CA ARG F 50 -20.58 -7.90 -8.90
C ARG F 50 -19.97 -9.24 -9.23
N PHE F 51 -18.72 -9.43 -8.83
CA PHE F 51 -18.10 -10.76 -8.84
C PHE F 51 -18.49 -11.46 -7.56
N TYR F 52 -18.58 -12.79 -7.61
CA TYR F 52 -18.81 -13.57 -6.40
C TYR F 52 -17.70 -14.60 -6.25
N ALA F 53 -17.35 -14.87 -5.00
CA ALA F 53 -16.29 -15.82 -4.68
C ALA F 53 -16.42 -16.31 -3.26
N LEU F 54 -17.02 -17.50 -3.09
CA LEU F 54 -17.12 -18.12 -1.79
C LEU F 54 -16.92 -19.63 -1.95
N SER F 55 -16.45 -20.27 -0.87
CA SER F 55 -16.06 -21.68 -0.95
C SER F 55 -16.30 -22.38 0.38
N THR F 56 -16.35 -23.71 0.33
CA THR F 56 -16.46 -24.52 1.54
C THR F 56 -15.62 -25.78 1.36
N ALA F 57 -15.15 -26.34 2.48
CA ALA F 57 -14.33 -27.53 2.43
C ALA F 57 -15.15 -28.79 2.60
N PHE F 58 -14.85 -29.81 1.80
CA PHE F 58 -15.46 -31.12 1.99
C PHE F 58 -15.02 -31.66 3.35
N PRO F 59 -15.95 -32.31 4.08
CA PRO F 59 -15.59 -32.89 5.37
C PRO F 59 -14.46 -33.91 5.21
N THR F 60 -14.52 -34.67 4.13
CA THR F 60 -13.43 -35.56 3.74
C THR F 60 -13.08 -35.32 2.26
N PRO F 61 -11.77 -35.28 1.95
CA PRO F 61 -11.34 -35.06 0.57
C PRO F 61 -11.91 -36.14 -0.33
N ILE F 62 -12.15 -35.82 -1.59
CA ILE F 62 -12.87 -36.72 -2.48
C ILE F 62 -11.95 -37.23 -3.60
N ASN F 63 -11.89 -38.55 -3.73
CA ASN F 63 -11.14 -39.18 -4.81
C ASN F 63 -12.04 -40.06 -5.67
N ASN F 64 -11.55 -40.50 -6.81
CA ASN F 64 -12.33 -41.35 -7.69
C ASN F 64 -11.49 -42.39 -8.44
N GLU F 65 -10.57 -43.04 -7.73
CA GLU F 65 -9.72 -44.06 -8.34
C GLU F 65 -10.52 -45.31 -8.74
N LYS F 66 -10.50 -45.62 -10.03
CA LYS F 66 -11.20 -46.80 -10.54
C LYS F 66 -12.67 -46.78 -10.12
N LYS F 67 -13.20 -45.56 -9.99
CA LYS F 67 -14.51 -45.37 -9.39
C LYS F 67 -15.22 -44.18 -10.01
N SER F 68 -16.56 -44.18 -9.94
CA SER F 68 -17.36 -43.08 -10.49
C SER F 68 -17.31 -41.82 -9.62
N LEU F 69 -17.55 -40.69 -10.26
CA LEU F 69 -17.73 -39.42 -9.57
C LEU F 69 -18.90 -38.69 -10.21
N VAL F 70 -19.90 -38.35 -9.39
CA VAL F 70 -21.09 -37.67 -9.88
C VAL F 70 -21.26 -36.34 -9.19
N VAL F 71 -21.45 -35.28 -9.98
CA VAL F 71 -21.65 -33.94 -9.45
C VAL F 71 -23.01 -33.40 -9.88
N SER F 72 -23.76 -32.85 -8.93
CA SER F 72 -25.05 -32.29 -9.25
C SER F 72 -25.34 -31.03 -8.43
N PHE F 73 -26.03 -30.08 -9.05
CA PHE F 73 -26.49 -28.89 -8.35
C PHE F 73 -27.54 -28.18 -9.19
N SER F 74 -28.30 -27.29 -8.57
CA SER F 74 -29.32 -26.54 -9.31
C SER F 74 -29.07 -25.04 -9.21
N VAL F 75 -29.43 -24.33 -10.27
CA VAL F 75 -29.43 -22.87 -10.26
C VAL F 75 -30.77 -22.37 -10.74
N LYS F 76 -31.28 -21.33 -10.08
CA LYS F 76 -32.51 -20.70 -10.51
C LYS F 76 -32.26 -19.23 -10.87
N HIS F 77 -32.40 -18.90 -12.15
CA HIS F 77 -32.23 -17.52 -12.61
C HIS F 77 -33.60 -16.85 -12.74
N GLU F 78 -34.21 -16.49 -11.63
CA GLU F 78 -35.56 -15.92 -11.62
C GLU F 78 -35.61 -14.44 -11.98
N GLN F 79 -34.44 -13.82 -12.07
CA GLN F 79 -34.33 -12.37 -12.24
C GLN F 79 -34.43 -11.84 -13.68
N ASP F 80 -34.52 -12.74 -14.66
CA ASP F 80 -34.34 -12.36 -16.08
C ASP F 80 -32.87 -12.09 -16.35
N LEU F 81 -32.10 -13.16 -16.39
CA LEU F 81 -30.65 -13.06 -16.60
C LEU F 81 -30.34 -12.79 -18.08
N LYS F 82 -29.47 -11.82 -18.34
CA LYS F 82 -29.00 -11.57 -19.70
C LYS F 82 -27.53 -11.91 -19.76
N CYS F 83 -26.80 -11.49 -18.73
N CYS F 83 -26.78 -11.52 -18.72
CA CYS F 83 -25.40 -11.81 -18.57
CA CYS F 83 -25.37 -11.84 -18.63
C CYS F 83 -25.06 -12.21 -17.14
C CYS F 83 -24.98 -12.20 -17.18
N GLY F 84 -24.64 -13.46 -16.96
CA GLY F 84 -24.19 -13.92 -15.66
C GLY F 84 -23.89 -15.40 -15.62
N GLY F 85 -23.04 -15.79 -14.67
CA GLY F 85 -22.66 -17.18 -14.52
C GLY F 85 -23.49 -17.90 -13.47
N GLY F 86 -23.56 -19.22 -13.59
CA GLY F 86 -24.26 -20.05 -12.62
C GLY F 86 -23.58 -21.38 -12.47
N TYR F 87 -22.25 -21.39 -12.59
CA TYR F 87 -21.47 -22.61 -12.54
C TYR F 87 -20.67 -22.74 -11.25
N ILE F 88 -20.38 -23.98 -10.86
CA ILE F 88 -19.59 -24.23 -9.66
C ILE F 88 -18.24 -24.80 -10.03
N LYS F 89 -17.32 -24.82 -9.06
CA LYS F 89 -15.99 -25.38 -9.27
C LYS F 89 -15.63 -26.41 -8.19
N LEU F 90 -14.89 -27.44 -8.60
CA LEU F 90 -14.33 -28.40 -7.66
C LEU F 90 -12.81 -28.27 -7.67
N LEU F 91 -12.23 -28.04 -6.50
CA LEU F 91 -10.81 -27.67 -6.43
C LEU F 91 -10.00 -28.54 -5.48
N PRO F 92 -8.73 -28.79 -5.83
CA PRO F 92 -7.77 -29.39 -4.91
C PRO F 92 -7.36 -28.35 -3.86
N SER F 93 -6.51 -28.76 -2.92
CA SER F 93 -6.10 -27.91 -1.80
C SER F 93 -5.86 -26.45 -2.18
N MET F 94 -6.59 -25.55 -1.53
CA MET F 94 -6.45 -24.12 -1.78
C MET F 94 -6.71 -23.30 -0.52
N ASP F 95 -6.37 -22.02 -0.58
CA ASP F 95 -6.72 -21.09 0.48
C ASP F 95 -8.00 -20.38 0.05
N PRO F 96 -9.12 -20.69 0.72
CA PRO F 96 -10.45 -20.15 0.39
C PRO F 96 -10.46 -18.63 0.34
N GLU F 97 -9.54 -18.10 1.12
CA GLU F 97 -9.39 -16.68 1.37
C GLU F 97 -8.70 -15.94 0.23
N LYS F 98 -7.97 -16.69 -0.58
CA LYS F 98 -7.32 -16.15 -1.78
C LYS F 98 -7.99 -16.73 -3.01
N PHE F 99 -9.20 -17.25 -2.82
CA PHE F 99 -9.95 -17.89 -3.90
C PHE F 99 -10.43 -16.87 -4.93
N HIS F 100 -10.06 -17.10 -6.18
CA HIS F 100 -10.49 -16.22 -7.26
C HIS F 100 -10.43 -16.95 -8.59
N GLY F 101 -10.75 -16.24 -9.67
CA GLY F 101 -10.80 -16.82 -11.01
C GLY F 101 -9.58 -17.61 -11.43
N GLU F 102 -8.43 -17.30 -10.84
CA GLU F 102 -7.17 -17.90 -11.25
C GLU F 102 -6.80 -19.13 -10.42
N THR F 103 -7.49 -19.31 -9.28
CA THR F 103 -7.31 -20.50 -8.46
C THR F 103 -7.45 -21.78 -9.27
N LYS F 104 -6.51 -22.69 -9.09
CA LYS F 104 -6.51 -23.95 -9.83
C LYS F 104 -7.69 -24.83 -9.42
N TYR F 105 -8.54 -25.17 -10.39
CA TYR F 105 -9.63 -26.09 -10.16
C TYR F 105 -9.42 -27.37 -10.99
N TRP F 106 -10.17 -28.41 -10.66
CA TRP F 106 -10.20 -29.61 -11.50
C TRP F 106 -11.40 -29.56 -12.44
N LEU F 107 -12.53 -29.10 -11.90
CA LEU F 107 -13.75 -29.04 -12.68
C LEU F 107 -14.47 -27.70 -12.55
N MET F 108 -14.91 -27.17 -13.69
CA MET F 108 -15.79 -26.01 -13.73
CA MET F 108 -15.79 -26.01 -13.72
C MET F 108 -17.07 -26.43 -14.46
N PHE F 109 -18.19 -26.37 -13.74
CA PHE F 109 -19.41 -27.00 -14.23
C PHE F 109 -20.66 -26.17 -13.98
N GLY F 110 -21.39 -25.86 -15.04
CA GLY F 110 -22.66 -25.19 -14.90
C GLY F 110 -22.99 -24.22 -16.03
N PRO F 111 -24.20 -23.65 -16.00
CA PRO F 111 -24.67 -22.74 -17.05
C PRO F 111 -23.97 -21.40 -17.00
N ASP F 112 -23.76 -20.79 -18.16
CA ASP F 112 -23.17 -19.47 -18.24
C ASP F 112 -23.73 -18.75 -19.47
N ARG F 113 -24.17 -17.52 -19.30
N ARG F 113 -24.19 -17.53 -19.27
CA ARG F 113 -24.73 -16.78 -20.42
CA ARG F 113 -24.79 -16.75 -20.34
C ARG F 113 -24.42 -15.29 -20.35
C ARG F 113 -24.34 -15.30 -20.32
N CYS F 114 -24.21 -14.69 -21.51
N CYS F 114 -24.30 -14.69 -21.50
CA CYS F 114 -23.97 -13.26 -21.62
CA CYS F 114 -23.99 -13.28 -21.63
C CYS F 114 -24.34 -12.82 -23.03
C CYS F 114 -24.35 -12.83 -23.04
N GLY F 115 -25.43 -12.08 -23.16
CA GLY F 115 -25.93 -11.67 -24.47
C GLY F 115 -26.48 -12.87 -25.21
N SER F 116 -26.12 -12.98 -26.49
N SER F 116 -26.10 -12.99 -26.48
CA SER F 116 -26.60 -14.10 -27.29
CA SER F 116 -26.57 -14.10 -27.31
C SER F 116 -25.77 -15.35 -27.02
C SER F 116 -25.77 -15.35 -27.01
N GLN F 117 -24.80 -15.22 -26.11
CA GLN F 117 -23.93 -16.32 -25.75
C GLN F 117 -24.51 -17.13 -24.58
N ASN F 118 -24.58 -18.44 -24.76
CA ASN F 118 -25.21 -19.34 -23.79
C ASN F 118 -24.65 -20.73 -23.94
N ARG F 119 -24.12 -21.29 -22.86
CA ARG F 119 -23.65 -22.66 -22.88
C ARG F 119 -23.56 -23.24 -21.47
N VAL F 120 -23.51 -24.56 -21.39
CA VAL F 120 -23.20 -25.25 -20.14
C VAL F 120 -21.71 -25.59 -20.12
N HIS F 121 -20.99 -25.08 -19.12
CA HIS F 121 -19.57 -25.35 -18.97
C HIS F 121 -19.29 -26.73 -18.39
N ILE F 122 -18.43 -27.47 -19.08
CA ILE F 122 -17.80 -28.65 -18.50
C ILE F 122 -16.32 -28.57 -18.81
N ILE F 123 -15.56 -27.91 -17.93
CA ILE F 123 -14.16 -27.66 -18.17
C ILE F 123 -13.32 -28.51 -17.22
N LEU F 124 -12.46 -29.34 -17.79
CA LEU F 124 -11.62 -30.23 -17.01
C LEU F 124 -10.18 -29.77 -17.06
N HIS F 125 -9.55 -29.66 -15.88
CA HIS F 125 -8.14 -29.35 -15.85
C HIS F 125 -7.37 -30.65 -16.03
N TYR F 126 -6.64 -30.73 -17.14
CA TYR F 126 -5.87 -31.92 -17.46
C TYR F 126 -4.53 -31.55 -18.08
N ASN F 127 -3.47 -32.05 -17.48
CA ASN F 127 -2.13 -31.89 -18.04
C ASN F 127 -1.72 -30.41 -18.08
N GLY F 128 -2.00 -29.71 -16.97
CA GLY F 128 -1.60 -28.33 -16.81
C GLY F 128 -2.40 -27.28 -17.55
N GLU F 129 -3.50 -27.67 -18.18
CA GLU F 129 -4.33 -26.71 -18.90
C GLU F 129 -5.81 -26.98 -18.67
N ASN F 130 -6.61 -25.94 -18.68
CA ASN F 130 -8.06 -26.08 -18.60
C ASN F 130 -8.64 -26.45 -19.96
N ARG F 131 -9.34 -27.57 -20.04
CA ARG F 131 -9.84 -28.07 -21.32
C ARG F 131 -11.34 -27.84 -21.45
N GLU F 132 -11.73 -26.97 -22.37
CA GLU F 132 -13.14 -26.70 -22.60
C GLU F 132 -13.82 -27.85 -23.36
N TRP F 133 -15.01 -28.21 -22.88
CA TRP F 133 -15.86 -29.20 -23.52
C TRP F 133 -16.16 -28.84 -24.97
N SER F 134 -15.91 -29.77 -25.88
CA SER F 134 -16.07 -29.51 -27.31
C SER F 134 -17.54 -29.31 -27.70
N LYS F 135 -18.46 -29.90 -26.93
CA LYS F 135 -19.88 -29.80 -27.21
C LYS F 135 -20.50 -28.57 -26.57
N ARG F 136 -21.41 -27.91 -27.27
CA ARG F 136 -21.99 -26.68 -26.75
C ARG F 136 -23.49 -26.85 -26.55
N ILE F 137 -23.90 -27.17 -25.34
CA ILE F 137 -25.31 -27.26 -25.01
C ILE F 137 -25.81 -26.00 -24.31
N ARG F 138 -26.83 -25.38 -24.88
CA ARG F 138 -27.45 -24.21 -24.25
C ARG F 138 -28.37 -24.65 -23.13
N PHE F 139 -28.38 -23.87 -22.06
CA PHE F 139 -29.27 -24.14 -20.94
C PHE F 139 -30.54 -23.33 -21.09
N PRO F 140 -31.65 -23.80 -20.49
CA PRO F 140 -32.96 -23.17 -20.66
C PRO F 140 -32.99 -21.75 -20.12
N GLU F 141 -33.52 -20.82 -20.92
CA GLU F 141 -33.54 -19.41 -20.55
C GLU F 141 -34.92 -19.03 -20.02
N ASP F 142 -35.17 -19.38 -18.76
CA ASP F 142 -36.41 -19.03 -18.09
C ASP F 142 -36.16 -18.83 -16.60
N LYS F 143 -37.22 -18.55 -15.85
CA LYS F 143 -37.06 -18.24 -14.43
C LYS F 143 -37.18 -19.47 -13.52
N LEU F 144 -37.30 -20.66 -14.12
CA LEU F 144 -37.47 -21.87 -13.34
C LEU F 144 -36.14 -22.44 -12.84
N THR F 145 -36.21 -23.30 -11.85
CA THR F 145 -35.02 -23.99 -11.33
C THR F 145 -34.59 -25.09 -12.28
N HIS F 146 -33.30 -25.12 -12.61
CA HIS F 146 -32.77 -26.20 -13.44
C HIS F 146 -31.59 -26.88 -12.75
N VAL F 147 -31.47 -28.19 -12.96
CA VAL F 147 -30.45 -29.00 -12.28
C VAL F 147 -29.41 -29.51 -13.27
N TYR F 148 -28.15 -29.42 -12.88
CA TYR F 148 -27.06 -29.88 -13.74
C TYR F 148 -26.28 -31.00 -13.06
N THR F 149 -26.26 -32.18 -13.69
CA THR F 149 -25.63 -33.35 -13.10
C THR F 149 -24.60 -33.95 -14.06
N LEU F 150 -23.43 -34.30 -13.53
CA LEU F 150 -22.35 -34.83 -14.36
C LEU F 150 -21.87 -36.17 -13.84
N HIS F 151 -21.82 -37.16 -14.72
CA HIS F 151 -21.24 -38.45 -14.37
C HIS F 151 -19.91 -38.65 -15.08
N ILE F 152 -18.84 -38.72 -14.29
CA ILE F 152 -17.54 -39.09 -14.83
C ILE F 152 -17.26 -40.55 -14.46
N ALA F 153 -17.28 -41.43 -15.46
CA ALA F 153 -17.13 -42.87 -15.21
C ALA F 153 -15.67 -43.31 -15.29
N ALA F 154 -15.37 -44.45 -14.67
CA ALA F 154 -14.00 -44.93 -14.56
C ALA F 154 -13.50 -45.55 -15.86
N ASP F 155 -14.39 -45.71 -16.82
CA ASP F 155 -14.01 -46.18 -18.14
C ASP F 155 -13.78 -45.01 -19.08
N ASN F 156 -13.56 -43.83 -18.50
CA ASN F 156 -13.34 -42.59 -19.23
C ASN F 156 -14.52 -42.13 -20.10
N SER F 157 -15.71 -42.68 -19.84
CA SER F 157 -16.93 -42.13 -20.42
C SER F 157 -17.54 -41.09 -19.47
N TYR F 158 -18.52 -40.34 -19.95
CA TYR F 158 -19.19 -39.34 -19.14
C TYR F 158 -20.63 -39.18 -19.60
N GLU F 159 -21.45 -38.58 -18.76
CA GLU F 159 -22.82 -38.28 -19.14
C GLU F 159 -23.30 -37.03 -18.43
N PHE F 160 -23.92 -36.13 -19.18
CA PHE F 160 -24.42 -34.88 -18.62
C PHE F 160 -25.94 -34.86 -18.62
N PHE F 161 -26.52 -34.57 -17.46
CA PHE F 161 -27.96 -34.53 -17.31
C PHE F 161 -28.43 -33.12 -17.01
N LEU F 162 -29.49 -32.68 -17.68
CA LEU F 162 -30.13 -31.41 -17.36
C LEU F 162 -31.57 -31.68 -16.91
N ASP F 163 -31.90 -31.23 -15.70
CA ASP F 163 -33.21 -31.49 -15.12
C ASP F 163 -33.53 -32.98 -15.09
N GLY F 164 -32.51 -33.80 -14.83
CA GLY F 164 -32.70 -35.22 -14.65
C GLY F 164 -32.70 -36.05 -15.93
N GLU F 165 -32.72 -35.38 -17.08
CA GLU F 165 -32.79 -36.09 -18.36
C GLU F 165 -31.46 -35.99 -19.09
N SER F 166 -31.04 -37.08 -19.73
CA SER F 166 -29.75 -37.14 -20.40
C SER F 166 -29.68 -36.17 -21.59
N LYS F 167 -28.66 -35.30 -21.58
CA LYS F 167 -28.49 -34.32 -22.65
C LYS F 167 -27.25 -34.60 -23.50
N ALA F 168 -26.20 -35.13 -22.88
CA ALA F 168 -24.98 -35.44 -23.60
C ALA F 168 -24.30 -36.69 -23.02
N LYS F 169 -23.64 -37.45 -23.90
CA LYS F 169 -23.08 -38.75 -23.54
C LYS F 169 -21.92 -39.11 -24.47
N GLY F 170 -20.81 -39.58 -23.89
CA GLY F 170 -19.68 -39.99 -24.70
C GLY F 170 -18.42 -40.34 -23.94
N GLN F 171 -17.28 -40.17 -24.63
CA GLN F 171 -15.97 -40.48 -24.09
C GLN F 171 -15.17 -39.20 -23.90
N LEU F 172 -14.50 -39.09 -22.76
CA LEU F 172 -13.67 -37.94 -22.42
C LEU F 172 -12.62 -37.65 -23.49
N GLU F 173 -11.99 -38.70 -23.99
CA GLU F 173 -10.93 -38.61 -24.99
C GLU F 173 -11.42 -38.02 -26.31
N GLU F 174 -12.68 -38.28 -26.65
CA GLU F 174 -13.24 -37.83 -27.92
C GLU F 174 -13.90 -36.45 -27.86
N ASP F 175 -14.53 -36.11 -26.74
CA ASP F 175 -15.26 -34.85 -26.65
C ASP F 175 -14.48 -33.72 -25.99
N TRP F 176 -13.24 -33.99 -25.58
CA TRP F 176 -12.29 -32.95 -25.16
C TRP F 176 -10.97 -33.12 -25.93
N SER F 177 -10.13 -32.10 -25.92
CA SER F 177 -8.78 -32.22 -26.47
C SER F 177 -7.82 -32.50 -25.33
N LEU F 178 -7.75 -33.77 -24.93
CA LEU F 178 -6.94 -34.17 -23.80
C LEU F 178 -5.64 -34.80 -24.28
N LEU F 179 -5.74 -35.68 -25.26
CA LEU F 179 -4.58 -36.45 -25.70
C LEU F 179 -4.10 -36.06 -27.09
N LEU F 180 -2.96 -36.60 -27.48
CA LEU F 180 -2.45 -36.42 -28.84
C LEU F 180 -3.35 -37.15 -29.84
N PRO F 181 -3.17 -36.87 -31.13
CA PRO F 181 -3.93 -37.58 -32.17
C PRO F 181 -3.48 -39.03 -32.31
N ARG F 182 -4.41 -39.95 -32.50
CA ARG F 182 -4.06 -41.37 -32.63
C ARG F 182 -3.46 -41.66 -34.00
N GLU F 183 -3.87 -40.90 -35.01
CA GLU F 183 -3.32 -41.03 -36.34
C GLU F 183 -2.36 -39.87 -36.61
N ILE F 184 -1.33 -40.13 -37.40
CA ILE F 184 -0.36 -39.09 -37.73
C ILE F 184 -1.01 -38.10 -38.68
N VAL F 185 -1.87 -38.62 -39.55
CA VAL F 185 -2.74 -37.80 -40.39
C VAL F 185 -4.12 -38.43 -40.33
N ASP F 186 -5.15 -37.61 -40.11
CA ASP F 186 -6.48 -38.13 -39.89
C ASP F 186 -7.02 -38.84 -41.13
N GLY F 187 -7.58 -40.03 -40.94
CA GLY F 187 -8.15 -40.79 -42.04
C GLY F 187 -7.13 -41.56 -42.86
N SER F 188 -5.85 -41.44 -42.50
CA SER F 188 -4.78 -42.12 -43.21
C SER F 188 -4.64 -43.59 -42.80
N GLY F 189 -5.00 -43.91 -41.57
CA GLY F 189 -4.85 -45.25 -41.07
C GLY F 189 -3.45 -45.50 -40.51
N ILE F 190 -2.56 -44.54 -40.69
CA ILE F 190 -1.23 -44.61 -40.09
C ILE F 190 -1.24 -44.11 -38.65
N PRO F 191 -0.81 -44.96 -37.71
CA PRO F 191 -0.78 -44.63 -36.29
C PRO F 191 0.28 -43.58 -35.95
N ASN F 192 -0.03 -42.76 -34.94
CA ASN F 192 0.93 -41.80 -34.42
C ASN F 192 1.67 -42.40 -33.23
N PRO F 193 2.93 -42.80 -33.45
CA PRO F 193 3.72 -43.50 -32.43
C PRO F 193 3.99 -42.62 -31.19
N ASP F 194 3.87 -41.32 -31.34
CA ASP F 194 4.04 -40.40 -30.20
C ASP F 194 2.80 -40.39 -29.31
N PHE F 195 1.70 -40.95 -29.80
CA PHE F 195 0.46 -41.00 -29.02
C PHE F 195 0.69 -41.70 -27.69
N VAL F 196 0.17 -41.10 -26.63
CA VAL F 196 0.28 -41.71 -25.31
C VAL F 196 -1.11 -42.00 -24.76
N GLU F 197 -1.29 -43.21 -24.28
CA GLU F 197 -2.57 -43.65 -23.74
C GLU F 197 -2.71 -43.18 -22.29
N ASP F 198 -3.90 -42.71 -21.92
CA ASP F 198 -4.17 -42.40 -20.52
C ASP F 198 -5.49 -43.02 -20.08
N SER F 199 -5.39 -44.04 -19.25
CA SER F 199 -6.58 -44.73 -18.75
C SER F 199 -7.15 -44.01 -17.52
N GLU F 200 -6.47 -42.95 -17.09
CA GLU F 200 -6.89 -42.22 -15.90
C GLU F 200 -7.24 -40.77 -16.21
N LEU F 201 -7.76 -40.52 -17.40
CA LEU F 201 -8.28 -39.21 -17.77
C LEU F 201 -9.35 -38.81 -16.76
N HIS F 202 -10.21 -39.74 -16.42
CA HIS F 202 -11.29 -39.50 -15.49
C HIS F 202 -10.82 -39.17 -14.07
N LYS F 203 -9.63 -39.64 -13.69
CA LYS F 203 -9.17 -39.55 -12.30
C LYS F 203 -8.68 -38.15 -11.96
N VAL F 204 -9.08 -37.67 -10.79
CA VAL F 204 -8.59 -36.40 -10.28
C VAL F 204 -7.09 -36.51 -9.99
N PRO F 205 -6.30 -35.52 -10.46
CA PRO F 205 -4.86 -35.57 -10.27
C PRO F 205 -4.50 -35.55 -8.79
N GLU F 206 -5.05 -34.59 -8.06
CA GLU F 206 -4.96 -34.58 -6.60
C GLU F 206 -6.36 -34.71 -6.04
N PRO F 207 -6.48 -35.12 -4.77
CA PRO F 207 -7.80 -35.21 -4.13
C PRO F 207 -8.51 -33.87 -4.09
N LEU F 208 -9.84 -33.93 -4.20
CA LEU F 208 -10.66 -32.72 -4.23
C LEU F 208 -11.04 -32.32 -2.81
N THR F 209 -10.93 -31.03 -2.50
CA THR F 209 -11.01 -30.57 -1.12
C THR F 209 -12.03 -29.45 -0.91
N HIS F 210 -12.32 -28.70 -1.96
CA HIS F 210 -13.30 -27.62 -1.86
C HIS F 210 -14.28 -27.58 -3.02
N VAL F 211 -15.46 -27.05 -2.76
CA VAL F 211 -16.35 -26.58 -3.81
C VAL F 211 -16.39 -25.06 -3.72
N GLY F 212 -16.38 -24.38 -4.86
CA GLY F 212 -16.44 -22.93 -4.86
C GLY F 212 -17.40 -22.38 -5.88
N ILE F 213 -17.99 -21.24 -5.56
CA ILE F 213 -18.81 -20.50 -6.51
C ILE F 213 -18.09 -19.21 -6.87
N ASP F 214 -17.62 -19.15 -8.11
CA ASP F 214 -16.86 -18.02 -8.60
C ASP F 214 -17.51 -17.53 -9.89
N VAL F 215 -18.40 -16.57 -9.78
CA VAL F 215 -19.15 -16.10 -10.94
C VAL F 215 -19.26 -14.59 -11.01
N TRP F 216 -19.48 -14.09 -12.22
CA TRP F 216 -19.81 -12.69 -12.43
C TRP F 216 -21.28 -12.58 -12.83
N GLN F 217 -21.97 -11.63 -12.22
CA GLN F 217 -23.38 -11.41 -12.53
C GLN F 217 -23.72 -9.95 -12.74
N VAL F 218 -24.31 -9.65 -13.90
CA VAL F 218 -24.83 -8.32 -14.16
C VAL F 218 -26.19 -8.19 -13.49
N GLU F 219 -27.14 -9.00 -13.94
CA GLU F 219 -28.43 -9.09 -13.27
C GLU F 219 -28.40 -10.23 -12.25
N SER F 220 -28.31 -9.87 -10.97
CA SER F 220 -28.18 -10.87 -9.91
C SER F 220 -29.53 -11.43 -9.48
N GLY F 221 -29.53 -12.33 -8.49
CA GLY F 221 -30.75 -12.90 -8.00
C GLY F 221 -30.80 -14.42 -8.12
N SER F 222 -29.70 -14.99 -8.61
CA SER F 222 -29.61 -16.44 -8.81
C SER F 222 -29.62 -17.18 -7.49
N ILE F 223 -30.19 -18.39 -7.49
CA ILE F 223 -30.25 -19.21 -6.29
C ILE F 223 -29.66 -20.60 -6.55
N PHE F 224 -28.62 -20.94 -5.78
CA PHE F 224 -27.97 -22.24 -5.89
C PHE F 224 -28.55 -23.20 -4.86
N LYS F 225 -28.73 -24.46 -5.26
CA LYS F 225 -29.21 -25.48 -4.33
C LYS F 225 -28.61 -26.85 -4.58
N ASP F 226 -28.63 -27.68 -3.54
CA ASP F 226 -28.34 -29.11 -3.61
C ASP F 226 -27.09 -29.47 -4.41
N ILE F 227 -25.94 -29.02 -3.93
CA ILE F 227 -24.66 -29.45 -4.48
C ILE F 227 -24.34 -30.86 -3.97
N VAL F 228 -24.54 -31.85 -4.84
CA VAL F 228 -24.32 -33.24 -4.47
C VAL F 228 -23.11 -33.84 -5.18
N ILE F 229 -22.33 -34.62 -4.45
CA ILE F 229 -21.19 -35.34 -5.01
C ILE F 229 -21.10 -36.74 -4.43
N GLY F 230 -20.92 -37.74 -5.31
CA GLY F 230 -20.91 -39.12 -4.88
C GLY F 230 -20.26 -40.05 -5.89
N ASP F 231 -20.40 -41.35 -5.69
CA ASP F 231 -19.80 -42.33 -6.59
C ASP F 231 -20.84 -43.23 -7.24
N ASP F 232 -22.11 -42.93 -7.03
CA ASP F 232 -23.19 -43.72 -7.64
C ASP F 232 -24.20 -42.81 -8.32
N LEU F 233 -24.46 -43.08 -9.61
CA LEU F 233 -25.28 -42.21 -10.42
C LEU F 233 -26.75 -42.26 -10.05
N LYS F 234 -27.29 -43.47 -9.91
CA LYS F 234 -28.69 -43.65 -9.53
C LYS F 234 -28.98 -43.00 -8.20
N GLU F 235 -28.05 -43.14 -7.26
CA GLU F 235 -28.17 -42.53 -5.94
C GLU F 235 -28.38 -41.03 -6.03
N VAL F 236 -27.57 -40.38 -6.87
CA VAL F 236 -27.66 -38.93 -7.04
C VAL F 236 -28.95 -38.54 -7.76
N LEU F 237 -29.32 -39.31 -8.78
CA LEU F 237 -30.52 -39.03 -9.55
C LEU F 237 -31.78 -39.23 -8.71
N ASP F 238 -31.73 -40.20 -7.79
CA ASP F 238 -32.81 -40.39 -6.84
C ASP F 238 -32.93 -39.17 -5.94
N LEU F 239 -31.78 -38.61 -5.56
CA LEU F 239 -31.73 -37.45 -4.69
C LEU F 239 -32.22 -36.21 -5.43
N VAL F 240 -32.05 -36.20 -6.76
CA VAL F 240 -32.53 -35.10 -7.58
C VAL F 240 -34.05 -35.12 -7.66
N GLU F 241 -34.63 -36.32 -7.72
CA GLU F 241 -36.07 -36.46 -7.70
C GLU F 241 -36.66 -35.94 -6.39
N LYS F 242 -36.00 -36.28 -5.29
CA LYS F 242 -36.45 -35.89 -3.96
C LYS F 242 -36.40 -34.37 -3.77
N THR F 243 -35.26 -33.77 -4.12
CA THR F 243 -35.07 -32.33 -3.97
C THR F 243 -35.70 -31.48 -5.07
N TYR F 244 -35.51 -31.86 -6.32
CA TYR F 244 -35.95 -31.02 -7.45
C TYR F 244 -37.22 -31.55 -8.11
N GLY F 245 -37.21 -32.84 -8.43
CA GLY F 245 -38.33 -33.47 -9.11
C GLY F 245 -39.64 -33.30 -8.36
N GLY F 246 -39.57 -33.30 -7.03
CA GLY F 246 -40.75 -33.09 -6.21
C GLY F 246 -41.32 -31.69 -6.31
N LEU F 247 -40.43 -30.70 -6.29
CA LEU F 247 -40.83 -29.30 -6.25
C LEU F 247 -41.24 -28.72 -7.60
N LYS F 248 -41.06 -29.50 -8.68
CA LYS F 248 -41.27 -29.00 -10.03
C LYS F 248 -42.65 -28.38 -10.30
N LYS F 249 -43.69 -29.17 -10.09
CA LYS F 249 -45.04 -28.75 -10.46
C LYS F 249 -45.47 -27.55 -9.60
N ALA F 250 -45.06 -27.57 -8.33
CA ALA F 250 -45.38 -26.49 -7.41
C ALA F 250 -44.73 -25.17 -7.84
N GLU F 251 -43.45 -25.22 -8.18
CA GLU F 251 -42.72 -24.05 -8.62
C GLU F 251 -43.35 -23.44 -9.86
N ALA F 252 -43.66 -24.29 -10.84
CA ALA F 252 -44.29 -23.83 -12.07
C ALA F 252 -45.62 -23.15 -11.79
N ASP F 253 -46.36 -23.66 -10.80
CA ASP F 253 -47.62 -23.06 -10.40
C ASP F 253 -47.40 -21.75 -9.66
N ALA F 254 -46.30 -21.70 -8.89
CA ALA F 254 -45.92 -20.47 -8.21
C ALA F 254 -45.51 -19.41 -9.22
N LEU F 255 -44.79 -19.83 -10.26
CA LEU F 255 -44.40 -18.92 -11.33
C LEU F 255 -45.61 -18.39 -12.10
N LYS F 256 -46.58 -19.28 -12.34
CA LYS F 256 -47.79 -18.92 -13.08
C LYS F 256 -48.62 -17.91 -12.29
N VAL F 257 -48.62 -18.07 -10.98
CA VAL F 257 -49.31 -17.15 -10.09
C VAL F 257 -48.71 -15.74 -10.18
N MET F 258 -47.38 -15.67 -10.18
CA MET F 258 -46.67 -14.40 -10.31
C MET F 258 -46.85 -13.74 -11.68
N GLU F 259 -46.82 -14.55 -12.73
CA GLU F 259 -46.95 -14.05 -14.10
C GLU F 259 -48.35 -13.58 -14.44
N ASP F 260 -49.31 -13.93 -13.61
CA ASP F 260 -50.69 -13.47 -13.76
C ASP F 260 -50.85 -12.07 -13.19
N MET F 261 -49.99 -11.73 -12.23
CA MET F 261 -49.92 -10.38 -11.68
C MET F 261 -49.41 -9.40 -12.73
N GLU F 262 -48.75 -9.93 -13.76
CA GLU F 262 -48.12 -9.12 -14.81
C GLU F 262 -48.82 -9.27 -16.17
#